data_8D93
# 
_entry.id   8D93 
# 
_audit_conform.dict_name       mmcif_pdbx.dic 
_audit_conform.dict_version    5.380 
_audit_conform.dict_location   http://mmcif.pdb.org/dictionaries/ascii/mmcif_pdbx.dic 
# 
loop_
_database_2.database_id 
_database_2.database_code 
_database_2.pdbx_database_accession 
_database_2.pdbx_DOI 
PDB   8D93         pdb_00008d93 10.2210/pdb8d93/pdb 
WWPDB D_1000266242 ?            ?                   
# 
_pdbx_database_related.db_name        PDB 
_pdbx_database_related.details        'Original Solution at 4.0 A, with a duplex ASU' 
_pdbx_database_related.db_id          3GBI 
_pdbx_database_related.content_type   unspecified 
# 
_pdbx_database_status.status_code                     REL 
_pdbx_database_status.status_code_sf                  REL 
_pdbx_database_status.status_code_mr                  ? 
_pdbx_database_status.entry_id                        8D93 
_pdbx_database_status.recvd_initial_deposition_date   2022-06-09 
_pdbx_database_status.SG_entry                        N 
_pdbx_database_status.deposit_site                    RCSB 
_pdbx_database_status.process_site                    RCSB 
_pdbx_database_status.status_code_cs                  ? 
_pdbx_database_status.status_code_nmr_data            ? 
_pdbx_database_status.methods_development_category    ? 
_pdbx_database_status.pdb_format_compatible           Y 
# 
loop_
_audit_author.name 
_audit_author.pdbx_ordinal 
_audit_author.identifier_ORCID 
'Vecchioni, S.' 1 0000-0001-8243-650X 
'Woloszyn, K.'  2 0000-0003-1200-583X 
'Lu, B.'        3 0000-0001-6424-2197 
'Sha, R.'       4 0000-0002-0807-734X 
'Ohayon, Y.P.'  5 0000-0001-7500-4282 
'Seeman, N.C.'  6 0000-0002-9680-4649 
# 
loop_
_citation.abstract 
_citation.abstract_id_CAS 
_citation.book_id_ISBN 
_citation.book_publisher 
_citation.book_publisher_city 
_citation.book_title 
_citation.coordinate_linkage 
_citation.country 
_citation.database_id_Medline 
_citation.details 
_citation.id 
_citation.journal_abbrev 
_citation.journal_id_ASTM 
_citation.journal_id_CSD 
_citation.journal_id_ISSN 
_citation.journal_full 
_citation.journal_issue 
_citation.journal_volume 
_citation.language 
_citation.page_first 
_citation.page_last 
_citation.title 
_citation.year 
_citation.database_id_CSD 
_citation.pdbx_database_id_DOI 
_citation.pdbx_database_id_PubMed 
_citation.pdbx_database_id_patent 
_citation.unpublished_flag 
? ? ? ? ? ? ? DE ? ? primary Small             ? ?    1613-6829 ? ? 19 ? e2206511 e2206511 
'The Rule of Thirds: Controlling Junction Chirality and Polarity in 3D DNA Tiles.'  2023 ? 10.1002/smll.202206511 36585389 ? ? 
? ? ? ? ? ? ? ?  ? ? 1       'To Be Published' ? 0353 ?         ? ? ?  ? ?        ?        
'Mirror Nanomaterials: Self-Assembly of Left-Handed, Anti-Tensegrity DNA Triangles' ?    ? ?                      ?        ? ? 
# 
loop_
_citation_author.citation_id 
_citation_author.name 
_citation_author.ordinal 
_citation_author.identifier_ORCID 
primary 'Vecchioni, S.' 1  ?                   
primary 'Lu, B.'        2  ?                   
primary 'Janowski, J.'  3  ?                   
primary 'Woloszyn, K.'  4  ?                   
primary 'Jonoska, N.'   5  ?                   
primary 'Seeman, N.C.'  6  ?                   
primary 'Mao, C.'       7  ?                   
primary 'Ohayon, Y.P.'  8  ?                   
primary 'Sha, R.'       9  0000-0002-0807-734X 
1       'Vecchioni, S.' 10 0000-0001-8243-650X 
1       'Janowski, J.'  11 0000-0002-6990-5719 
1       'Lu, B.'        12 0000-0001-6424-2197 
1       'Ohayon, Y.P.'  13 0000-0002-0807-734X 
1       'Sha, R.'       14 0000-0002-0807-734X 
1       'Woloszyn, K.'  15 0000-0003-1200-583X 
1       'Mao, C.'       16 0000-0001-7516-8666 
1       'Seeman, N.C.'  17 0000-0002-9680-4649 
# 
_cell.angle_alpha                  90.000 
_cell.angle_alpha_esd              ? 
_cell.angle_beta                   90.000 
_cell.angle_beta_esd               ? 
_cell.angle_gamma                  120.000 
_cell.angle_gamma_esd              ? 
_cell.entry_id                     8D93 
_cell.details                      ? 
_cell.formula_units_Z              ? 
_cell.length_a                     105.547 
_cell.length_a_esd                 ? 
_cell.length_b                     105.547 
_cell.length_b_esd                 ? 
_cell.length_c                     96.268 
_cell.length_c_esd                 ? 
_cell.volume                       928761.851 
_cell.volume_esd                   ? 
_cell.Z_PDB                        9 
_cell.reciprocal_angle_alpha       ? 
_cell.reciprocal_angle_beta        ? 
_cell.reciprocal_angle_gamma       ? 
_cell.reciprocal_angle_alpha_esd   ? 
_cell.reciprocal_angle_beta_esd    ? 
_cell.reciprocal_angle_gamma_esd   ? 
_cell.reciprocal_length_a          ? 
_cell.reciprocal_length_b          ? 
_cell.reciprocal_length_c          ? 
_cell.reciprocal_length_a_esd      ? 
_cell.reciprocal_length_b_esd      ? 
_cell.reciprocal_length_c_esd      ? 
_cell.pdbx_unique_axis             ? 
_cell.pdbx_esd_method              ? 
# 
_symmetry.entry_id                         8D93 
_symmetry.cell_setting                     ? 
_symmetry.Int_Tables_number                146 
_symmetry.space_group_name_Hall            'R 3' 
_symmetry.space_group_name_H-M             'H 3' 
_symmetry.pdbx_full_space_group_name_H-M   ? 
# 
loop_
_entity.id 
_entity.type 
_entity.src_method 
_entity.pdbx_description 
_entity.formula_weight 
_entity.pdbx_number_of_molecules 
_entity.pdbx_ec 
_entity.pdbx_mutation 
_entity.pdbx_fragment 
_entity.details 
1 polymer syn 
;DNA (5'-D(*GP*AP*GP*CP*AP*GP*CP*CP*TP*GP*TP*A)-3')
;
3687.417 1 ? ? ? ? 
2 polymer syn 
;DNA (5'-D(P*AP*CP*AP*CP*CP*GP*T)-3')
;
2082.400 1 ? ? ? ? 
3 polymer syn 
;DNA (5'-D(*TP*CP*TP*GP*AP*TP*GP*TP*GP*GP*CP*TP*GP*C)-3')
;
4302.788 1 ? ? ? ? 
4 polymer syn 
;DNA (5'-D(P*CP*GP*GP*AP*CP*AP*TP*CP*A)-3')
;
2724.813 1 ? ? ? ? 
# 
loop_
_entity_poly.entity_id 
_entity_poly.type 
_entity_poly.nstd_linkage 
_entity_poly.nstd_monomer 
_entity_poly.pdbx_seq_one_letter_code 
_entity_poly.pdbx_seq_one_letter_code_can 
_entity_poly.pdbx_strand_id 
_entity_poly.pdbx_target_identifier 
1 polydeoxyribonucleotide no no '(DG)(DA)(DG)(DC)(DA)(DG)(DC)(DC)(DT)(DG)(DT)(DA)'         GAGCAGCCTGTA   A ? 
2 polydeoxyribonucleotide no no '(DA)(DC)(DA)(DC)(DC)(DG)(DT)'                             ACACCGT        B ? 
3 polydeoxyribonucleotide no no '(DT)(DC)(DT)(DG)(DA)(DT)(DG)(DT)(DG)(DG)(DC)(DT)(DG)(DC)' TCTGATGTGGCTGC C ? 
4 polydeoxyribonucleotide no no '(DC)(DG)(DG)(DA)(DC)(DA)(DT)(DC)(DA)'                     CGGACATCA      D ? 
# 
loop_
_entity_poly_seq.entity_id 
_entity_poly_seq.num 
_entity_poly_seq.mon_id 
_entity_poly_seq.hetero 
1 1  DG n 
1 2  DA n 
1 3  DG n 
1 4  DC n 
1 5  DA n 
1 6  DG n 
1 7  DC n 
1 8  DC n 
1 9  DT n 
1 10 DG n 
1 11 DT n 
1 12 DA n 
2 1  DA n 
2 2  DC n 
2 3  DA n 
2 4  DC n 
2 5  DC n 
2 6  DG n 
2 7  DT n 
3 1  DT n 
3 2  DC n 
3 3  DT n 
3 4  DG n 
3 5  DA n 
3 6  DT n 
3 7  DG n 
3 8  DT n 
3 9  DG n 
3 10 DG n 
3 11 DC n 
3 12 DT n 
3 13 DG n 
3 14 DC n 
4 1  DC n 
4 2  DG n 
4 3  DG n 
4 4  DA n 
4 5  DC n 
4 6  DA n 
4 7  DT n 
4 8  DC n 
4 9  DA n 
# 
loop_
_pdbx_entity_src_syn.entity_id 
_pdbx_entity_src_syn.pdbx_src_id 
_pdbx_entity_src_syn.pdbx_alt_source_flag 
_pdbx_entity_src_syn.pdbx_beg_seq_num 
_pdbx_entity_src_syn.pdbx_end_seq_num 
_pdbx_entity_src_syn.organism_scientific 
_pdbx_entity_src_syn.organism_common_name 
_pdbx_entity_src_syn.ncbi_taxonomy_id 
_pdbx_entity_src_syn.details 
1 1 sample 1 12 'synthetic construct' ? 32630 ? 
2 1 sample 1 7  'synthetic construct' ? 32630 ? 
3 1 sample 1 14 'synthetic construct' ? 32630 ? 
4 1 sample 1 9  'synthetic construct' ? 32630 ? 
# 
loop_
_struct_ref.id 
_struct_ref.db_name 
_struct_ref.db_code 
_struct_ref.pdbx_db_accession 
_struct_ref.pdbx_db_isoform 
_struct_ref.entity_id 
_struct_ref.pdbx_seq_one_letter_code 
_struct_ref.pdbx_align_begin 
1 PDB 8D93 8D93 ? 1 ? 1 
2 PDB 8D93 8D93 ? 2 ? 1 
3 PDB 8D93 8D93 ? 3 ? 1 
4 PDB 8D93 8D93 ? 4 ? 1 
# 
loop_
_struct_ref_seq.align_id 
_struct_ref_seq.ref_id 
_struct_ref_seq.pdbx_PDB_id_code 
_struct_ref_seq.pdbx_strand_id 
_struct_ref_seq.seq_align_beg 
_struct_ref_seq.pdbx_seq_align_beg_ins_code 
_struct_ref_seq.seq_align_end 
_struct_ref_seq.pdbx_seq_align_end_ins_code 
_struct_ref_seq.pdbx_db_accession 
_struct_ref_seq.db_align_beg 
_struct_ref_seq.pdbx_db_align_beg_ins_code 
_struct_ref_seq.db_align_end 
_struct_ref_seq.pdbx_db_align_end_ins_code 
_struct_ref_seq.pdbx_auth_seq_align_beg 
_struct_ref_seq.pdbx_auth_seq_align_end 
1 1 8D93 A 1 ? 12 ? 8D93 101 ? 112 ? 101 112 
2 2 8D93 B 1 ? 7  ? 8D93 105 ? 114 ? 105 114 
3 3 8D93 C 1 ? 14 ? 8D93 101 ? 114 ? 101 114 
4 4 8D93 D 1 ? 9  ? 8D93 113 ? 121 ? 113 121 
# 
loop_
_chem_comp.id 
_chem_comp.type 
_chem_comp.mon_nstd_flag 
_chem_comp.name 
_chem_comp.pdbx_synonyms 
_chem_comp.formula 
_chem_comp.formula_weight 
DA 'DNA linking' y "2'-DEOXYADENOSINE-5'-MONOPHOSPHATE" ? 'C10 H14 N5 O6 P' 331.222 
DC 'DNA linking' y "2'-DEOXYCYTIDINE-5'-MONOPHOSPHATE"  ? 'C9 H14 N3 O7 P'  307.197 
DG 'DNA linking' y "2'-DEOXYGUANOSINE-5'-MONOPHOSPHATE" ? 'C10 H14 N5 O7 P' 347.221 
DT 'DNA linking' y "THYMIDINE-5'-MONOPHOSPHATE"         ? 'C10 H15 N2 O8 P' 322.208 
# 
_exptl.absorpt_coefficient_mu     ? 
_exptl.absorpt_correction_T_max   ? 
_exptl.absorpt_correction_T_min   ? 
_exptl.absorpt_correction_type    ? 
_exptl.absorpt_process_details    ? 
_exptl.entry_id                   8D93 
_exptl.crystals_number            1 
_exptl.details                    ? 
_exptl.method                     'X-RAY DIFFRACTION' 
_exptl.method_details             ? 
# 
_exptl_crystal.colour                       ? 
_exptl_crystal.density_diffrn               ? 
_exptl_crystal.density_Matthews             7.53 
_exptl_crystal.density_method               ? 
_exptl_crystal.density_percent_sol          83.66 
_exptl_crystal.description                  ? 
_exptl_crystal.F_000                        ? 
_exptl_crystal.id                           1 
_exptl_crystal.preparation                  ? 
_exptl_crystal.size_max                     ? 
_exptl_crystal.size_mid                     ? 
_exptl_crystal.size_min                     ? 
_exptl_crystal.size_rad                     ? 
_exptl_crystal.colour_lustre                ? 
_exptl_crystal.colour_modifier              ? 
_exptl_crystal.colour_primary               ? 
_exptl_crystal.density_meas                 ? 
_exptl_crystal.density_meas_esd             ? 
_exptl_crystal.density_meas_gt              ? 
_exptl_crystal.density_meas_lt              ? 
_exptl_crystal.density_meas_temp            ? 
_exptl_crystal.density_meas_temp_esd        ? 
_exptl_crystal.density_meas_temp_gt         ? 
_exptl_crystal.density_meas_temp_lt         ? 
_exptl_crystal.pdbx_crystal_image_url       ? 
_exptl_crystal.pdbx_crystal_image_format    ? 
_exptl_crystal.pdbx_mosaicity               ? 
_exptl_crystal.pdbx_mosaicity_esd           ? 
_exptl_crystal.pdbx_mosaic_method           ? 
_exptl_crystal.pdbx_mosaic_block_size       ? 
_exptl_crystal.pdbx_mosaic_block_size_esd   ? 
# 
_exptl_crystal_grow.apparatus       ? 
_exptl_crystal_grow.atmosphere      ? 
_exptl_crystal_grow.crystal_id      1 
_exptl_crystal_grow.details         ? 
_exptl_crystal_grow.method          'VAPOR DIFFUSION, HANGING DROP' 
_exptl_crystal_grow.method_ref      ? 
_exptl_crystal_grow.pH              7.8 
_exptl_crystal_grow.pressure        ? 
_exptl_crystal_grow.pressure_esd    ? 
_exptl_crystal_grow.seeding         ? 
_exptl_crystal_grow.seeding_ref     ? 
_exptl_crystal_grow.temp            293 
_exptl_crystal_grow.temp_details    '338-293 degrees C at 0.4 degrees C / hr' 
_exptl_crystal_grow.temp_esd        ? 
_exptl_crystal_grow.time            ? 
_exptl_crystal_grow.pdbx_details    '40 mM Tris, 2 mM EDTA, 20 mM acetic acid, 125 mM magnesium acetate, 583 mM ammonium sulfate' 
_exptl_crystal_grow.pdbx_pH_range   ? 
# 
_diffrn.ambient_environment              ? 
_diffrn.ambient_temp                     100 
_diffrn.ambient_temp_details             ? 
_diffrn.ambient_temp_esd                 ? 
_diffrn.crystal_id                       1 
_diffrn.crystal_support                  ? 
_diffrn.crystal_treatment                ? 
_diffrn.details                          ? 
_diffrn.id                               1 
_diffrn.ambient_pressure                 ? 
_diffrn.ambient_pressure_esd             ? 
_diffrn.ambient_pressure_gt              ? 
_diffrn.ambient_pressure_lt              ? 
_diffrn.ambient_temp_gt                  ? 
_diffrn.ambient_temp_lt                  ? 
_diffrn.pdbx_serial_crystal_experiment   N 
# 
_diffrn_detector.details                      ? 
_diffrn_detector.detector                     PIXEL 
_diffrn_detector.diffrn_id                    1 
_diffrn_detector.type                         'DECTRIS EIGER2 X 9M' 
_diffrn_detector.area_resol_mean              ? 
_diffrn_detector.dtime                        ? 
_diffrn_detector.pdbx_frames_total            ? 
_diffrn_detector.pdbx_collection_time_total   ? 
_diffrn_detector.pdbx_collection_date         2021-07-18 
_diffrn_detector.pdbx_frequency               ? 
# 
_diffrn_radiation.collimation                      ? 
_diffrn_radiation.diffrn_id                        1 
_diffrn_radiation.filter_edge                      ? 
_diffrn_radiation.inhomogeneity                    ? 
_diffrn_radiation.monochromator                    ? 
_diffrn_radiation.polarisn_norm                    ? 
_diffrn_radiation.polarisn_ratio                   ? 
_diffrn_radiation.probe                            ? 
_diffrn_radiation.type                             ? 
_diffrn_radiation.xray_symbol                      ? 
_diffrn_radiation.wavelength_id                    1 
_diffrn_radiation.pdbx_monochromatic_or_laue_m_l   M 
_diffrn_radiation.pdbx_wavelength_list             ? 
_diffrn_radiation.pdbx_wavelength                  ? 
_diffrn_radiation.pdbx_diffrn_protocol             'SINGLE WAVELENGTH' 
_diffrn_radiation.pdbx_analyzer                    ? 
_diffrn_radiation.pdbx_scattering_type             x-ray 
# 
_diffrn_radiation_wavelength.id           1 
_diffrn_radiation_wavelength.wavelength   1.007 
_diffrn_radiation_wavelength.wt           1.0 
# 
_diffrn_source.current                     ? 
_diffrn_source.details                     ? 
_diffrn_source.diffrn_id                   1 
_diffrn_source.power                       ? 
_diffrn_source.size                        ? 
_diffrn_source.source                      SYNCHROTRON 
_diffrn_source.target                      ? 
_diffrn_source.type                        'APS BEAMLINE 17-ID' 
_diffrn_source.voltage                     ? 
_diffrn_source.take-off_angle              ? 
_diffrn_source.pdbx_wavelength_list        1.007 
_diffrn_source.pdbx_wavelength             ? 
_diffrn_source.pdbx_synchrotron_beamline   17-ID 
_diffrn_source.pdbx_synchrotron_site       APS 
# 
_reflns.B_iso_Wilson_estimate                          44.76 
_reflns.entry_id                                       8D93 
_reflns.data_reduction_details                         ? 
_reflns.data_reduction_method                          ? 
_reflns.d_resolution_high                              2.96 
_reflns.d_resolution_low                               66.29 
_reflns.details                                        ? 
_reflns.limit_h_max                                    ? 
_reflns.limit_h_min                                    ? 
_reflns.limit_k_max                                    ? 
_reflns.limit_k_min                                    ? 
_reflns.limit_l_max                                    ? 
_reflns.limit_l_min                                    ? 
_reflns.number_all                                     ? 
_reflns.number_obs                                     3342 
_reflns.observed_criterion                             ? 
_reflns.observed_criterion_F_max                       ? 
_reflns.observed_criterion_F_min                       ? 
_reflns.observed_criterion_I_max                       ? 
_reflns.observed_criterion_I_min                       ? 
_reflns.observed_criterion_sigma_F                     ? 
_reflns.observed_criterion_sigma_I                     ? 
_reflns.percent_possible_obs                           57 
_reflns.R_free_details                                 ? 
_reflns.Rmerge_F_all                                   ? 
_reflns.Rmerge_F_obs                                   ? 
_reflns.Friedel_coverage                               ? 
_reflns.number_gt                                      ? 
_reflns.threshold_expression                           ? 
_reflns.pdbx_redundancy                                10.4 
_reflns.pdbx_Rmerge_I_obs                              ? 
_reflns.pdbx_Rmerge_I_all                              ? 
_reflns.pdbx_Rsym_value                                ? 
_reflns.pdbx_netI_over_av_sigmaI                       ? 
_reflns.pdbx_netI_over_sigmaI                          9.8 
_reflns.pdbx_res_netI_over_av_sigmaI_2                 ? 
_reflns.pdbx_res_netI_over_sigmaI_2                    ? 
_reflns.pdbx_chi_squared                               ? 
_reflns.pdbx_scaling_rejects                           ? 
_reflns.pdbx_d_res_high_opt                            ? 
_reflns.pdbx_d_res_low_opt                             ? 
_reflns.pdbx_d_res_opt_method                          ? 
_reflns.phase_calculation_details                      ? 
_reflns.pdbx_Rrim_I_all                                ? 
_reflns.pdbx_Rpim_I_all                                ? 
_reflns.pdbx_d_opt                                     ? 
_reflns.pdbx_number_measured_all                       ? 
_reflns.pdbx_diffrn_id                                 1 
_reflns.pdbx_ordinal                                   1 
_reflns.pdbx_CC_half                                   1.000 
_reflns.pdbx_CC_star                                   ? 
_reflns.pdbx_R_split                                   ? 
_reflns.pdbx_aniso_diffraction_limit_axis_1_ortho[1]   ? 
_reflns.pdbx_aniso_diffraction_limit_axis_1_ortho[2]   ? 
_reflns.pdbx_aniso_diffraction_limit_axis_1_ortho[3]   ? 
_reflns.pdbx_aniso_diffraction_limit_axis_2_ortho[1]   ? 
_reflns.pdbx_aniso_diffraction_limit_axis_2_ortho[2]   ? 
_reflns.pdbx_aniso_diffraction_limit_axis_2_ortho[3]   ? 
_reflns.pdbx_aniso_diffraction_limit_axis_3_ortho[1]   ? 
_reflns.pdbx_aniso_diffraction_limit_axis_3_ortho[2]   ? 
_reflns.pdbx_aniso_diffraction_limit_axis_3_ortho[3]   ? 
_reflns.pdbx_aniso_diffraction_limit_1                 ? 
_reflns.pdbx_aniso_diffraction_limit_2                 ? 
_reflns.pdbx_aniso_diffraction_limit_3                 ? 
_reflns.pdbx_aniso_B_tensor_eigenvector_1_ortho[1]     ? 
_reflns.pdbx_aniso_B_tensor_eigenvector_1_ortho[2]     ? 
_reflns.pdbx_aniso_B_tensor_eigenvector_1_ortho[3]     ? 
_reflns.pdbx_aniso_B_tensor_eigenvector_2_ortho[1]     ? 
_reflns.pdbx_aniso_B_tensor_eigenvector_2_ortho[2]     ? 
_reflns.pdbx_aniso_B_tensor_eigenvector_2_ortho[3]     ? 
_reflns.pdbx_aniso_B_tensor_eigenvector_3_ortho[1]     ? 
_reflns.pdbx_aniso_B_tensor_eigenvector_3_ortho[2]     ? 
_reflns.pdbx_aniso_B_tensor_eigenvector_3_ortho[3]     ? 
_reflns.pdbx_aniso_B_tensor_eigenvalue_1               ? 
_reflns.pdbx_aniso_B_tensor_eigenvalue_2               ? 
_reflns.pdbx_aniso_B_tensor_eigenvalue_3               ? 
_reflns.pdbx_orthogonalization_convention              ? 
_reflns.pdbx_percent_possible_ellipsoidal              ? 
_reflns.pdbx_percent_possible_spherical                ? 
_reflns.pdbx_percent_possible_ellipsoidal_anomalous    ? 
_reflns.pdbx_percent_possible_spherical_anomalous      ? 
_reflns.pdbx_redundancy_anomalous                      ? 
_reflns.pdbx_CC_half_anomalous                         ? 
_reflns.pdbx_absDiff_over_sigma_anomalous              ? 
_reflns.pdbx_percent_possible_anomalous                ? 
_reflns.pdbx_observed_signal_threshold                 ? 
_reflns.pdbx_signal_type                               ? 
_reflns.pdbx_signal_details                            ? 
_reflns.pdbx_signal_software_id                        ? 
_reflns.pdbx_CC_split_method                           ? 
# 
loop_
_reflns_shell.d_res_high 
_reflns_shell.d_res_low 
_reflns_shell.meanI_over_sigI_all 
_reflns_shell.meanI_over_sigI_obs 
_reflns_shell.number_measured_all 
_reflns_shell.number_measured_obs 
_reflns_shell.number_possible 
_reflns_shell.number_unique_all 
_reflns_shell.number_unique_obs 
_reflns_shell.percent_possible_all 
_reflns_shell.percent_possible_obs 
_reflns_shell.Rmerge_F_all 
_reflns_shell.Rmerge_F_obs 
_reflns_shell.Rmerge_I_all 
_reflns_shell.Rmerge_I_obs 
_reflns_shell.meanI_over_sigI_gt 
_reflns_shell.meanI_over_uI_all 
_reflns_shell.meanI_over_uI_gt 
_reflns_shell.number_measured_gt 
_reflns_shell.number_unique_gt 
_reflns_shell.percent_possible_gt 
_reflns_shell.Rmerge_F_gt 
_reflns_shell.Rmerge_I_gt 
_reflns_shell.pdbx_redundancy 
_reflns_shell.pdbx_Rsym_value 
_reflns_shell.pdbx_chi_squared 
_reflns_shell.pdbx_netI_over_sigmaI_all 
_reflns_shell.pdbx_netI_over_sigmaI_obs 
_reflns_shell.pdbx_Rrim_I_all 
_reflns_shell.pdbx_Rpim_I_all 
_reflns_shell.pdbx_rejects 
_reflns_shell.pdbx_ordinal 
_reflns_shell.pdbx_diffrn_id 
_reflns_shell.pdbx_CC_half 
_reflns_shell.pdbx_CC_star 
_reflns_shell.pdbx_R_split 
_reflns_shell.pdbx_percent_possible_ellipsoidal 
_reflns_shell.pdbx_percent_possible_spherical 
_reflns_shell.pdbx_percent_possible_ellipsoidal_anomalous 
_reflns_shell.pdbx_percent_possible_spherical_anomalous 
_reflns_shell.pdbx_redundancy_anomalous 
_reflns_shell.pdbx_CC_half_anomalous 
_reflns_shell.pdbx_absDiff_over_sigma_anomalous 
_reflns_shell.pdbx_percent_possible_anomalous 
2.96  3.41  ? 3.0  ? ? ? ? 199 ? ? ? ? ? ? ? ? ? ? ? ? ? ? 10.3 ? ? ? ? ? ? ? 1 1 0.920 ? ? ? ? ? ? ? ? ? ? 
10.42 66.29 ? 36.8 ? ? ? ? 196 ? ? ? ? ? ? ? ? ? ? ? ? ? ? 10.8 ? ? ? ? ? ? ? 2 1 0.999 ? ? ? ? ? ? ? ? ? ? 
# 
_refine.aniso_B[1][1]                            ? 
_refine.aniso_B[1][2]                            ? 
_refine.aniso_B[1][3]                            ? 
_refine.aniso_B[2][2]                            ? 
_refine.aniso_B[2][3]                            ? 
_refine.aniso_B[3][3]                            ? 
_refine.B_iso_max                                ? 
_refine.B_iso_mean                               119.01 
_refine.B_iso_min                                ? 
_refine.correlation_coeff_Fo_to_Fc               ? 
_refine.correlation_coeff_Fo_to_Fc_free          ? 
_refine.details                                  ? 
_refine.diff_density_max                         ? 
_refine.diff_density_max_esd                     ? 
_refine.diff_density_min                         ? 
_refine.diff_density_min_esd                     ? 
_refine.diff_density_rms                         ? 
_refine.diff_density_rms_esd                     ? 
_refine.entry_id                                 8D93 
_refine.pdbx_refine_id                           'X-RAY DIFFRACTION' 
_refine.ls_abs_structure_details                 ? 
_refine.ls_abs_structure_Flack                   ? 
_refine.ls_abs_structure_Flack_esd               ? 
_refine.ls_abs_structure_Rogers                  ? 
_refine.ls_abs_structure_Rogers_esd              ? 
_refine.ls_d_res_high                            2.96 
_refine.ls_d_res_low                             41.29 
_refine.ls_extinction_coef                       ? 
_refine.ls_extinction_coef_esd                   ? 
_refine.ls_extinction_expression                 ? 
_refine.ls_extinction_method                     ? 
_refine.ls_goodness_of_fit_all                   ? 
_refine.ls_goodness_of_fit_all_esd               ? 
_refine.ls_goodness_of_fit_obs                   ? 
_refine.ls_goodness_of_fit_obs_esd               ? 
_refine.ls_hydrogen_treatment                    ? 
_refine.ls_matrix_type                           ? 
_refine.ls_number_constraints                    ? 
_refine.ls_number_parameters                     ? 
_refine.ls_number_reflns_all                     ? 
_refine.ls_number_reflns_obs                     3333 
_refine.ls_number_reflns_R_free                  176 
_refine.ls_number_reflns_R_work                  3157 
_refine.ls_number_restraints                     ? 
_refine.ls_percent_reflns_obs                    39.96 
_refine.ls_percent_reflns_R_free                 5.28 
_refine.ls_R_factor_all                          ? 
_refine.ls_R_factor_obs                          0.1869 
_refine.ls_R_factor_R_free                       0.2258 
_refine.ls_R_factor_R_free_error                 ? 
_refine.ls_R_factor_R_free_error_details         ? 
_refine.ls_R_factor_R_work                       0.1847 
_refine.ls_R_Fsqd_factor_obs                     ? 
_refine.ls_R_I_factor_obs                        ? 
_refine.ls_redundancy_reflns_all                 ? 
_refine.ls_redundancy_reflns_obs                 ? 
_refine.ls_restrained_S_all                      ? 
_refine.ls_restrained_S_obs                      ? 
_refine.ls_shift_over_esd_max                    ? 
_refine.ls_shift_over_esd_mean                   ? 
_refine.ls_structure_factor_coef                 ? 
_refine.ls_weighting_details                     ? 
_refine.ls_weighting_scheme                      ? 
_refine.ls_wR_factor_all                         ? 
_refine.ls_wR_factor_obs                         ? 
_refine.ls_wR_factor_R_free                      ? 
_refine.ls_wR_factor_R_work                      ? 
_refine.occupancy_max                            ? 
_refine.occupancy_min                            ? 
_refine.solvent_model_details                    'FLAT BULK SOLVENT MODEL' 
_refine.solvent_model_param_bsol                 ? 
_refine.solvent_model_param_ksol                 ? 
_refine.pdbx_R_complete                          ? 
_refine.ls_R_factor_gt                           ? 
_refine.ls_goodness_of_fit_gt                    ? 
_refine.ls_goodness_of_fit_ref                   ? 
_refine.ls_shift_over_su_max                     ? 
_refine.ls_shift_over_su_max_lt                  ? 
_refine.ls_shift_over_su_mean                    ? 
_refine.ls_shift_over_su_mean_lt                 ? 
_refine.pdbx_ls_sigma_I                          ? 
_refine.pdbx_ls_sigma_F                          1.96 
_refine.pdbx_ls_sigma_Fsqd                       ? 
_refine.pdbx_data_cutoff_high_absF               ? 
_refine.pdbx_data_cutoff_high_rms_absF           ? 
_refine.pdbx_data_cutoff_low_absF                ? 
_refine.pdbx_isotropic_thermal_model             ? 
_refine.pdbx_ls_cross_valid_method               'FREE R-VALUE' 
_refine.pdbx_method_to_determine_struct          'MOLECULAR REPLACEMENT' 
_refine.pdbx_starting_model                      'PDB entry 3GBI' 
_refine.pdbx_stereochemistry_target_values       'GeoStd + Monomer Library + CDL v1.2' 
_refine.pdbx_R_Free_selection_details            ? 
_refine.pdbx_stereochem_target_val_spec_case     ? 
_refine.pdbx_overall_ESU_R                       ? 
_refine.pdbx_overall_ESU_R_Free                  ? 
_refine.pdbx_solvent_vdw_probe_radii             1.1100 
_refine.pdbx_solvent_ion_probe_radii             ? 
_refine.pdbx_solvent_shrinkage_radii             0.9000 
_refine.pdbx_real_space_R                        ? 
_refine.pdbx_density_correlation                 ? 
_refine.pdbx_pd_number_of_powder_patterns        ? 
_refine.pdbx_pd_number_of_points                 ? 
_refine.pdbx_pd_meas_number_of_points            ? 
_refine.pdbx_pd_proc_ls_prof_R_factor            ? 
_refine.pdbx_pd_proc_ls_prof_wR_factor           ? 
_refine.pdbx_pd_Marquardt_correlation_coeff      ? 
_refine.pdbx_pd_Fsqrd_R_factor                   ? 
_refine.pdbx_pd_ls_matrix_band_width             ? 
_refine.pdbx_overall_phase_error                 32.3960 
_refine.pdbx_overall_SU_R_free_Cruickshank_DPI   ? 
_refine.pdbx_overall_SU_R_free_Blow_DPI          ? 
_refine.pdbx_overall_SU_R_Blow_DPI               ? 
_refine.pdbx_TLS_residual_ADP_flag               ? 
_refine.pdbx_diffrn_id                           1 
_refine.overall_SU_B                             ? 
_refine.overall_SU_ML                            0.0410 
_refine.overall_SU_R_Cruickshank_DPI             ? 
_refine.overall_SU_R_free                        ? 
_refine.overall_FOM_free_R_set                   ? 
_refine.overall_FOM_work_R_set                   ? 
_refine.pdbx_average_fsc_overall                 ? 
_refine.pdbx_average_fsc_work                    ? 
_refine.pdbx_average_fsc_free                    ? 
# 
_refine_hist.pdbx_refine_id                   'X-RAY DIFFRACTION' 
_refine_hist.cycle_id                         LAST 
_refine_hist.details                          ? 
_refine_hist.d_res_high                       2.96 
_refine_hist.d_res_low                        41.29 
_refine_hist.number_atoms_solvent             0 
_refine_hist.number_atoms_total               855 
_refine_hist.number_reflns_all                ? 
_refine_hist.number_reflns_obs                ? 
_refine_hist.number_reflns_R_free             ? 
_refine_hist.number_reflns_R_work             ? 
_refine_hist.R_factor_all                     ? 
_refine_hist.R_factor_obs                     ? 
_refine_hist.R_factor_R_free                  ? 
_refine_hist.R_factor_R_work                  ? 
_refine_hist.pdbx_number_residues_total       ? 
_refine_hist.pdbx_B_iso_mean_ligand           ? 
_refine_hist.pdbx_B_iso_mean_solvent          ? 
_refine_hist.pdbx_number_atoms_protein        0 
_refine_hist.pdbx_number_atoms_nucleic_acid   794 
_refine_hist.pdbx_number_atoms_ligand         61 
_refine_hist.pdbx_number_atoms_lipid          ? 
_refine_hist.pdbx_number_atoms_carb           ? 
_refine_hist.pdbx_pseudo_atom_details         ? 
# 
loop_
_refine_ls_restr.pdbx_refine_id 
_refine_ls_restr.criterion 
_refine_ls_restr.dev_ideal 
_refine_ls_restr.dev_ideal_target 
_refine_ls_restr.number 
_refine_ls_restr.rejects 
_refine_ls_restr.type 
_refine_ls_restr.weight 
_refine_ls_restr.pdbx_restraint_function 
'X-RAY DIFFRACTION' ? 0.0115  ? 955  ? f_bond_d           ? ? 
'X-RAY DIFFRACTION' ? 1.4102  ? 1463 ? f_angle_d          ? ? 
'X-RAY DIFFRACTION' ? 0.0715  ? 166  ? f_chiral_restr     ? ? 
'X-RAY DIFFRACTION' ? 0.0103  ? 42   ? f_plane_restr      ? ? 
'X-RAY DIFFRACTION' ? 42.7284 ? 403  ? f_dihedral_angle_d ? ? 
# 
_refine_ls_shell.pdbx_refine_id                   'X-RAY DIFFRACTION' 
_refine_ls_shell.d_res_high                       2.96 
_refine_ls_shell.d_res_low                        41.29 
_refine_ls_shell.number_reflns_all                ? 
_refine_ls_shell.number_reflns_obs                ? 
_refine_ls_shell.number_reflns_R_free             176 
_refine_ls_shell.number_reflns_R_work             3157 
_refine_ls_shell.percent_reflns_obs               39.96 
_refine_ls_shell.percent_reflns_R_free            ? 
_refine_ls_shell.R_factor_all                     ? 
_refine_ls_shell.R_factor_obs                     ? 
_refine_ls_shell.R_factor_R_free                  0.2258 
_refine_ls_shell.R_factor_R_free_error            ? 
_refine_ls_shell.R_factor_R_work                  0.1847 
_refine_ls_shell.redundancy_reflns_all            ? 
_refine_ls_shell.redundancy_reflns_obs            ? 
_refine_ls_shell.wR_factor_all                    ? 
_refine_ls_shell.wR_factor_obs                    ? 
_refine_ls_shell.wR_factor_R_free                 ? 
_refine_ls_shell.wR_factor_R_work                 ? 
_refine_ls_shell.pdbx_R_complete                  ? 
_refine_ls_shell.pdbx_total_number_of_bins_used   ? 
_refine_ls_shell.pdbx_phase_error                 ? 
_refine_ls_shell.pdbx_fsc_work                    ? 
_refine_ls_shell.pdbx_fsc_free                    ? 
# 
_struct.entry_id                     8D93 
_struct.title                        
'[2T7] Self-assembling tensegrity triangle with R3 symmetry at 2.96 A resolution, update and junction cut for entry 3GBI' 
_struct.pdbx_model_details           ? 
_struct.pdbx_formula_weight          ? 
_struct.pdbx_formula_weight_method   ? 
_struct.pdbx_model_type_details      ? 
_struct.pdbx_CASP_flag               N 
# 
_struct_keywords.entry_id        8D93 
_struct_keywords.text            'Tensegrity triangle, DNA nanotechnology, nanomaterials, linking number, DNA' 
_struct_keywords.pdbx_keywords   DNA 
# 
loop_
_struct_asym.id 
_struct_asym.pdbx_blank_PDB_chainid_flag 
_struct_asym.pdbx_modified 
_struct_asym.entity_id 
_struct_asym.details 
A N N 1 ? 
B N N 2 ? 
C N N 3 ? 
D N N 4 ? 
# 
loop_
_struct_conn.id 
_struct_conn.conn_type_id 
_struct_conn.pdbx_leaving_atom_flag 
_struct_conn.pdbx_PDB_id 
_struct_conn.ptnr1_label_asym_id 
_struct_conn.ptnr1_label_comp_id 
_struct_conn.ptnr1_label_seq_id 
_struct_conn.ptnr1_label_atom_id 
_struct_conn.pdbx_ptnr1_label_alt_id 
_struct_conn.pdbx_ptnr1_PDB_ins_code 
_struct_conn.pdbx_ptnr1_standard_comp_id 
_struct_conn.ptnr1_symmetry 
_struct_conn.ptnr2_label_asym_id 
_struct_conn.ptnr2_label_comp_id 
_struct_conn.ptnr2_label_seq_id 
_struct_conn.ptnr2_label_atom_id 
_struct_conn.pdbx_ptnr2_label_alt_id 
_struct_conn.pdbx_ptnr2_PDB_ins_code 
_struct_conn.ptnr1_auth_asym_id 
_struct_conn.ptnr1_auth_comp_id 
_struct_conn.ptnr1_auth_seq_id 
_struct_conn.ptnr2_auth_asym_id 
_struct_conn.ptnr2_auth_comp_id 
_struct_conn.ptnr2_auth_seq_id 
_struct_conn.ptnr2_symmetry 
_struct_conn.pdbx_ptnr3_label_atom_id 
_struct_conn.pdbx_ptnr3_label_seq_id 
_struct_conn.pdbx_ptnr3_label_comp_id 
_struct_conn.pdbx_ptnr3_label_asym_id 
_struct_conn.pdbx_ptnr3_label_alt_id 
_struct_conn.pdbx_ptnr3_PDB_ins_code 
_struct_conn.details 
_struct_conn.pdbx_dist_value 
_struct_conn.pdbx_value_order 
_struct_conn.pdbx_role 
hydrog1  hydrog ? ? A DG 3  N1 ? ? ? 1_555 C DC 14 N3 ? ? A DG 103 C DC 114 1_555 ? ? ? ? ? ? WATSON-CRICK            ? ? ? 
hydrog2  hydrog ? ? A DG 3  N2 ? ? ? 1_555 C DC 14 O2 ? ? A DG 103 C DC 114 1_555 ? ? ? ? ? ? WATSON-CRICK            ? ? ? 
hydrog3  hydrog ? ? A DG 3  O6 ? ? ? 1_555 C DC 14 N4 ? ? A DG 103 C DC 114 1_555 ? ? ? ? ? ? WATSON-CRICK            ? ? ? 
hydrog4  hydrog ? ? A DC 4  N3 ? ? ? 1_555 C DG 13 N1 ? ? A DC 104 C DG 113 1_555 ? ? ? ? ? ? WATSON-CRICK            ? ? ? 
hydrog5  hydrog ? ? A DC 4  N4 ? ? ? 1_555 C DG 13 O6 ? ? A DC 104 C DG 113 1_555 ? ? ? ? ? ? WATSON-CRICK            ? ? ? 
hydrog6  hydrog ? ? A DC 4  O2 ? ? ? 1_555 C DG 13 N2 ? ? A DC 104 C DG 113 1_555 ? ? ? ? ? ? WATSON-CRICK            ? ? ? 
hydrog7  hydrog ? ? A DA 5  N1 ? ? ? 1_555 C DT 12 N3 ? ? A DA 105 C DT 112 1_555 ? ? ? ? ? ? WATSON-CRICK            ? ? ? 
hydrog8  hydrog ? ? A DA 5  N6 ? ? ? 1_555 C DT 12 O4 ? ? A DA 105 C DT 112 1_555 ? ? ? ? ? ? WATSON-CRICK            ? ? ? 
hydrog9  hydrog ? ? A DG 6  N1 ? ? ? 1_555 C DC 11 N3 ? ? A DG 106 C DC 111 1_555 ? ? ? ? ? ? WATSON-CRICK            ? ? ? 
hydrog10 hydrog ? ? A DG 6  N2 ? ? ? 1_555 C DC 11 O2 ? ? A DG 106 C DC 111 1_555 ? ? ? ? ? ? WATSON-CRICK            ? ? ? 
hydrog11 hydrog ? ? A DG 6  O6 ? ? ? 1_555 C DC 11 N4 ? ? A DG 106 C DC 111 1_555 ? ? ? ? ? ? WATSON-CRICK            ? ? ? 
hydrog12 hydrog ? ? A DC 7  N3 ? ? ? 1_555 C DG 10 N1 ? ? A DC 107 C DG 110 1_555 ? ? ? ? ? ? WATSON-CRICK            ? ? ? 
hydrog13 hydrog ? ? A DC 7  N4 ? ? ? 1_555 C DG 10 O6 ? ? A DC 107 C DG 110 1_555 ? ? ? ? ? ? WATSON-CRICK            ? ? ? 
hydrog14 hydrog ? ? A DC 7  O2 ? ? ? 1_555 C DG 10 N2 ? ? A DC 107 C DG 110 1_555 ? ? ? ? ? ? WATSON-CRICK            ? ? ? 
hydrog15 hydrog ? ? A DC 8  N3 ? ? ? 1_555 C DG 9  N1 ? ? A DC 108 C DG 109 1_555 ? ? ? ? ? ? WATSON-CRICK            ? ? ? 
hydrog16 hydrog ? ? A DC 8  N4 ? ? ? 1_555 C DG 9  O6 ? ? A DC 108 C DG 109 1_555 ? ? ? ? ? ? WATSON-CRICK            ? ? ? 
hydrog17 hydrog ? ? A DC 8  O2 ? ? ? 1_555 C DG 9  N2 ? ? A DC 108 C DG 109 1_555 ? ? ? ? ? ? WATSON-CRICK            ? ? ? 
hydrog18 hydrog ? ? A DT 9  N3 ? ? ? 1_555 B DA 3  N1 ? ? A DT 109 B DA 107 1_555 ? ? ? ? ? ? WATSON-CRICK            ? ? ? 
hydrog19 hydrog ? ? A DT 9  O4 ? ? ? 1_555 B DA 3  N6 ? ? A DT 109 B DA 107 1_555 ? ? ? ? ? ? WATSON-CRICK            ? ? ? 
hydrog20 hydrog ? ? A DG 10 N1 ? ? ? 1_555 B DC 2  N3 ? ? A DG 110 B DC 106 1_555 ? ? ? ? ? ? WATSON-CRICK            ? ? ? 
hydrog21 hydrog ? ? A DG 10 N2 ? ? ? 1_555 B DC 2  O2 ? ? A DG 110 B DC 106 1_555 ? ? ? ? ? ? WATSON-CRICK            ? ? ? 
hydrog22 hydrog ? ? A DG 10 O6 ? ? ? 1_555 B DC 2  N4 ? ? A DG 110 B DC 106 1_555 ? ? ? ? ? ? WATSON-CRICK            ? ? ? 
hydrog23 hydrog ? ? A DT 11 N3 ? ? ? 1_555 B DA 1  N1 ? ? A DT 111 B DA 105 1_555 ? ? ? ? ? ? WATSON-CRICK            ? ? ? 
hydrog24 hydrog ? ? A DT 11 O4 ? ? ? 1_555 B DA 1  N6 ? ? A DT 111 B DA 105 1_555 ? ? ? ? ? ? WATSON-CRICK            ? ? ? 
hydrog25 hydrog ? ? B DC 4  N3 ? ? ? 1_555 D DG 3  N1 ? ? B DC 111 D DG 115 1_555 ? ? ? ? ? ? WATSON-CRICK            ? ? ? 
hydrog26 hydrog ? ? B DC 4  N4 ? ? ? 1_555 D DG 3  O6 ? ? B DC 111 D DG 115 1_555 ? ? ? ? ? ? WATSON-CRICK            ? ? ? 
hydrog27 hydrog ? ? B DC 4  O2 ? ? ? 1_555 D DG 3  N2 ? ? B DC 111 D DG 115 1_555 ? ? ? ? ? ? WATSON-CRICK            ? ? ? 
hydrog28 hydrog ? ? B DC 5  N3 ? ? ? 1_555 D DG 2  N1 ? ? B DC 112 D DG 114 1_555 ? ? ? ? ? ? WATSON-CRICK            ? ? ? 
hydrog29 hydrog ? ? B DC 5  N4 ? ? ? 1_555 D DG 2  O6 ? ? B DC 112 D DG 114 1_555 ? ? ? ? ? ? WATSON-CRICK            ? ? ? 
hydrog30 hydrog ? ? B DC 5  O2 ? ? ? 1_555 D DG 2  N2 ? ? B DC 112 D DG 114 1_555 ? ? ? ? ? ? WATSON-CRICK            ? ? ? 
hydrog31 hydrog ? ? B DG 6  N1 ? ? ? 1_555 D DC 1  O2 ? ? B DG 113 D DC 113 1_555 ? ? ? ? ? ? 'REVERSED WATSON-CRICK' ? ? ? 
hydrog32 hydrog ? ? B DG 6  N2 ? ? ? 1_555 D DC 1  N3 ? ? B DG 113 D DC 113 1_555 ? ? ? ? ? ? 'REVERSED WATSON-CRICK' ? ? ? 
hydrog33 hydrog ? ? C DT 3  N3 ? ? ? 1_555 D DA 9  N1 ? ? C DT 103 D DA 121 1_555 ? ? ? ? ? ? WATSON-CRICK            ? ? ? 
hydrog34 hydrog ? ? C DT 3  O4 ? ? ? 1_555 D DA 9  N6 ? ? C DT 103 D DA 121 1_555 ? ? ? ? ? ? WATSON-CRICK            ? ? ? 
hydrog35 hydrog ? ? C DG 4  N1 ? ? ? 1_555 D DC 8  N3 ? ? C DG 104 D DC 120 1_555 ? ? ? ? ? ? WATSON-CRICK            ? ? ? 
hydrog36 hydrog ? ? C DG 4  N2 ? ? ? 1_555 D DC 8  O2 ? ? C DG 104 D DC 120 1_555 ? ? ? ? ? ? WATSON-CRICK            ? ? ? 
hydrog37 hydrog ? ? C DG 4  O6 ? ? ? 1_555 D DC 8  N4 ? ? C DG 104 D DC 120 1_555 ? ? ? ? ? ? WATSON-CRICK            ? ? ? 
hydrog38 hydrog ? ? C DA 5  N1 ? ? ? 1_555 D DT 7  N3 ? ? C DA 105 D DT 119 1_555 ? ? ? ? ? ? WATSON-CRICK            ? ? ? 
hydrog39 hydrog ? ? C DA 5  N6 ? ? ? 1_555 D DT 7  O4 ? ? C DA 105 D DT 119 1_555 ? ? ? ? ? ? WATSON-CRICK            ? ? ? 
hydrog40 hydrog ? ? C DT 6  N3 ? ? ? 1_555 D DA 6  N1 ? ? C DT 106 D DA 118 1_555 ? ? ? ? ? ? WATSON-CRICK            ? ? ? 
hydrog41 hydrog ? ? C DT 6  O4 ? ? ? 1_555 D DA 6  N6 ? ? C DT 106 D DA 118 1_555 ? ? ? ? ? ? WATSON-CRICK            ? ? ? 
hydrog42 hydrog ? ? C DG 7  N1 ? ? ? 1_555 D DC 5  N3 ? ? C DG 107 D DC 117 1_555 ? ? ? ? ? ? WATSON-CRICK            ? ? ? 
hydrog43 hydrog ? ? C DG 7  N2 ? ? ? 1_555 D DC 5  O2 ? ? C DG 107 D DC 117 1_555 ? ? ? ? ? ? WATSON-CRICK            ? ? ? 
hydrog44 hydrog ? ? C DG 7  O6 ? ? ? 1_555 D DC 5  N4 ? ? C DG 107 D DC 117 1_555 ? ? ? ? ? ? WATSON-CRICK            ? ? ? 
hydrog45 hydrog ? ? C DT 8  N3 ? ? ? 1_555 D DA 4  N1 ? ? C DT 108 D DA 116 1_555 ? ? ? ? ? ? WATSON-CRICK            ? ? ? 
hydrog46 hydrog ? ? C DT 8  O4 ? ? ? 1_555 D DA 4  N6 ? ? C DT 108 D DA 116 1_555 ? ? ? ? ? ? WATSON-CRICK            ? ? ? 
# 
_struct_conn_type.id          hydrog 
_struct_conn_type.criteria    ? 
_struct_conn_type.reference   ? 
# 
_atom_sites.entry_id                    8D93 
_atom_sites.Cartn_transf_matrix[1][1]   ? 
_atom_sites.Cartn_transf_matrix[1][2]   ? 
_atom_sites.Cartn_transf_matrix[1][3]   ? 
_atom_sites.Cartn_transf_matrix[2][1]   ? 
_atom_sites.Cartn_transf_matrix[2][2]   ? 
_atom_sites.Cartn_transf_matrix[2][3]   ? 
_atom_sites.Cartn_transf_matrix[3][1]   ? 
_atom_sites.Cartn_transf_matrix[3][2]   ? 
_atom_sites.Cartn_transf_matrix[3][3]   ? 
_atom_sites.Cartn_transf_vector[1]      ? 
_atom_sites.Cartn_transf_vector[2]      ? 
_atom_sites.Cartn_transf_vector[3]      ? 
_atom_sites.fract_transf_matrix[1][1]   -0.00123996 
_atom_sites.fract_transf_matrix[1][2]   0.00603420 
_atom_sites.fract_transf_matrix[1][3]   0.00904038 
_atom_sites.fract_transf_matrix[2][1]   -0.00106929 
_atom_sites.fract_transf_matrix[2][2]   -0.00488233 
_atom_sites.fract_transf_matrix[2][3]   0.00973155 
_atom_sites.fract_transf_matrix[3][1]   0.01030929 
_atom_sites.fract_transf_matrix[3][2]   0.00024054 
_atom_sites.fract_transf_matrix[3][3]   0.00125345 
_atom_sites.fract_transf_vector[1]      0.192207 
_atom_sites.fract_transf_vector[2]      -0.001683 
_atom_sites.fract_transf_vector[3]      -0.107536 
_atom_sites.solution_primary            ? 
_atom_sites.solution_secondary          ? 
_atom_sites.solution_hydrogens          ? 
_atom_sites.special_details             ? 
# 
loop_
_atom_type.symbol 
_atom_type.scat_dispersion_real 
_atom_type.scat_dispersion_imag 
_atom_type.scat_Cromer_Mann_a1 
_atom_type.scat_Cromer_Mann_a2 
_atom_type.scat_Cromer_Mann_a3 
_atom_type.scat_Cromer_Mann_a4 
_atom_type.scat_Cromer_Mann_b1 
_atom_type.scat_Cromer_Mann_b2 
_atom_type.scat_Cromer_Mann_b3 
_atom_type.scat_Cromer_Mann_b4 
_atom_type.scat_Cromer_Mann_c 
_atom_type.scat_source 
_atom_type.scat_dispersion_source 
C ? ? 3.54356 2.42580 ? ? 25.62398 1.50364  ? ? 0.0 
;2-Gaussian fit: Grosse-Kunstleve RW, Sauter NK, Adams PD: Newsletter of the IUCr Commission on Crystallographic Computing 2004, 3, 22-31.
;
? 
N ? ? 6.96715 ?       ? ? 11.43723 ?        ? ? 0.0 
;1-Gaussian fit: Grosse-Kunstleve RW, Sauter NK, Adams PD: Newsletter of the IUCr Commission on Crystallographic Computing 2004, 3, 22-31.
;
? 
O ? ? 7.96527 ?       ? ? 9.05267  ?        ? ? 0.0 
;1-Gaussian fit: Grosse-Kunstleve RW, Sauter NK, Adams PD: Newsletter of the IUCr Commission on Crystallographic Computing 2004, 3, 22-31.
;
? 
P ? ? 9.51135 5.44231 ? ? 1.42069  35.72801 ? ? 0.0 
;2-Gaussian fit: Grosse-Kunstleve RW, Sauter NK, Adams PD: Newsletter of the IUCr Commission on Crystallographic Computing 2004, 3, 22-31.
;
? 
# 
loop_
_atom_site.group_PDB 
_atom_site.id 
_atom_site.type_symbol 
_atom_site.label_atom_id 
_atom_site.label_alt_id 
_atom_site.label_comp_id 
_atom_site.label_asym_id 
_atom_site.label_entity_id 
_atom_site.label_seq_id 
_atom_site.pdbx_PDB_ins_code 
_atom_site.Cartn_x 
_atom_site.Cartn_y 
_atom_site.Cartn_z 
_atom_site.occupancy 
_atom_site.B_iso_or_equiv 
_atom_site.pdbx_formal_charge 
_atom_site.auth_seq_id 
_atom_site.auth_comp_id 
_atom_site.auth_asym_id 
_atom_site.auth_atom_id 
_atom_site.pdbx_PDB_model_num 
ATOM 1   O "O5'" . DG A 1 1  ? 12.25334  5.68827   11.57632  1.000 156.02038 ? 101 DG A "O5'" 1 
ATOM 2   C "C5'" . DG A 1 1  ? 12.83528  5.55427   12.89119  1.000 159.19378 ? 101 DG A "C5'" 1 
ATOM 3   C "C4'" . DG A 1 1  ? 12.33117  6.64772   13.81347  1.000 161.02043 ? 101 DG A "C4'" 1 
ATOM 4   O "O4'" . DG A 1 1  ? 13.28570  7.72187   13.83036  1.000 164.81467 ? 101 DG A "O4'" 1 
ATOM 5   C "C3'" . DG A 1 1  ? 11.01988  7.26800   13.36553  1.000 158.35069 ? 101 DG A "C3'" 1 
ATOM 6   O "O3'" . DG A 1 1  ? 9.93253   6.57713   13.97601  1.000 156.06027 ? 101 DG A "O3'" 1 
ATOM 7   C "C2'" . DG A 1 1  ? 11.11597  8.72490   13.82929  1.000 161.51207 ? 101 DG A "C2'" 1 
ATOM 8   C "C1'" . DG A 1 1  ? 12.62532  8.96001   13.96306  1.000 165.38438 ? 101 DG A "C1'" 1 
ATOM 9   N N9    . DG A 1 1  ? 13.22979  9.91514   13.01876  1.000 166.89227 ? 101 DG A N9    1 
ATOM 10  C C8    . DG A 1 1  ? 14.49100  9.82709   12.47613  1.000 168.97437 ? 101 DG A C8    1 
ATOM 11  N N7    . DG A 1 1  ? 14.80308  10.82528  11.70637  1.000 170.34925 ? 101 DG A N7    1 
ATOM 12  C C5    . DG A 1 1  ? 13.68823  11.64089  11.74430  1.000 169.14958 ? 101 DG A C5    1 
ATOM 13  C C6    . DG A 1 1  ? 13.45752  12.86478  11.09963  1.000 170.03285 ? 101 DG A C6    1 
ATOM 14  O O6    . DG A 1 1  ? 14.21828  13.47911  10.34947  1.000 172.05923 ? 101 DG A O6    1 
ATOM 15  N N1    . DG A 1 1  ? 12.19848  13.37625  11.39545  1.000 168.59190 ? 101 DG A N1    1 
ATOM 16  C C2    . DG A 1 1  ? 11.28033  12.76940  12.21741  1.000 166.56769 ? 101 DG A C2    1 
ATOM 17  N N2    . DG A 1 1  ? 10.11654  13.41187  12.38559  1.000 165.71235 ? 101 DG A N2    1 
ATOM 18  N N3    . DG A 1 1  ? 11.48643  11.61486  12.83374  1.000 165.70889 ? 101 DG A N3    1 
ATOM 19  C C4    . DG A 1 1  ? 12.70909  11.10619  12.55248  1.000 167.06531 ? 101 DG A C4    1 
ATOM 20  P P     . DA A 1 2  ? 8.58952   6.27185   13.13996  1.000 151.69976 ? 102 DA A P     1 
ATOM 21  O OP1   . DA A 1 2  ? 8.17420   4.87541   13.40180  1.000 149.36284 ? 102 DA A OP1   1 
ATOM 22  O OP2   . DA A 1 2  ? 8.82118   6.61450   11.72219  1.000 150.48902 ? 102 DA A OP2   1 
ATOM 23  O "O5'" . DA A 1 2  ? 7.53873   7.27813   13.81397  1.000 152.39048 ? 102 DA A "O5'" 1 
ATOM 24  C "C5'" . DA A 1 2  ? 6.23555   7.40450   13.29834  1.000 149.63285 ? 102 DA A "C5'" 1 
ATOM 25  C "C4'" . DA A 1 2  ? 6.17763   8.52262   12.28414  1.000 149.84548 ? 102 DA A "C4'" 1 
ATOM 26  O "O4'" . DA A 1 2  ? 7.52335   9.07444   12.08061  1.000 152.67248 ? 102 DA A "O4'" 1 
ATOM 27  C "C3'" . DA A 1 2  ? 5.67439   8.08522   10.89981  1.000 146.36833 ? 102 DA A "C3'" 1 
ATOM 28  O "O3'" . DA A 1 2  ? 4.50864   8.86761   10.47884  1.000 145.48350 ? 102 DA A "O3'" 1 
ATOM 29  C "C2'" . DA A 1 2  ? 6.89627   8.31306   10.00096  1.000 147.45041 ? 102 DA A "C2'" 1 
ATOM 30  C "C1'" . DA A 1 2  ? 7.61712   9.43623   10.73571  1.000 151.59379 ? 102 DA A "C1'" 1 
ATOM 31  N N9    . DA A 1 2  ? 9.00513   9.62637   10.29004  1.000 153.80061 ? 102 DA A N9    1 
ATOM 32  C C8    . DA A 1 2  ? 10.03242  8.72708   10.35153  1.000 154.29237 ? 102 DA A C8    1 
ATOM 33  N N7    . DA A 1 2  ? 11.14819  9.15487   9.81253   1.000 156.58128 ? 102 DA A N7    1 
ATOM 34  C C5    . DA A 1 2  ? 10.82682  10.41256  9.33855   1.000 157.54015 ? 102 DA A C5    1 
ATOM 35  C C6    . DA A 1 2  ? 11.57880  11.38525  8.66097   1.000 160.08844 ? 102 DA A C6    1 
ATOM 36  N N6    . DA A 1 2  ? 12.86377  11.21962  8.33523   1.000 162.19910 ? 102 DA A N6    1 
ATOM 37  N N1    . DA A 1 2  ? 10.95898  12.53793  8.32895   1.000 160.66393 ? 102 DA A N1    1 
ATOM 38  C C2    . DA A 1 2  ? 9.67233   12.69676  8.65711   1.000 158.84357 ? 102 DA A C2    1 
ATOM 39  N N3    . DA A 1 2  ? 8.86232   11.85411  9.29369   1.000 156.42932 ? 102 DA A N3    1 
ATOM 40  C C4    . DA A 1 2  ? 9.50804   10.71783  9.60998   1.000 155.84712 ? 102 DA A C4    1 
ATOM 41  P P     . DG A 1 3  ? 4.63892   9.89422   9.24346   1.000 145.93818 ? 103 DG A P     1 
ATOM 42  O OP1   . DG A 1 3  ? 5.03528   9.17527   8.00894   1.000 143.63276 ? 103 DG A OP1   1 
ATOM 43  O OP2   . DG A 1 3  ? 5.35944   11.06917  9.78664   1.000 149.85951 ? 103 DG A OP2   1 
ATOM 44  O "O5'" . DG A 1 3  ? 3.19227   10.49080  8.97351   1.000 144.90338 ? 103 DG A "O5'" 1 
ATOM 45  C "C5'" . DG A 1 3  ? 3.07922   11.85703  8.50714   1.000 146.95454 ? 103 DG A "C5'" 1 
ATOM 46  C "C4'" . DG A 1 3  ? 3.82684   12.10847  7.18289   1.000 146.89807 ? 103 DG A "C4'" 1 
ATOM 47  O "O4'" . DG A 1 3  ? 5.27136   12.02910  7.33954   1.000 148.80405 ? 103 DG A "O4'" 1 
ATOM 48  C "C3'" . DG A 1 3  ? 3.52610   11.13998  6.04603   1.000 143.31313 ? 103 DG A "C3'" 1 
ATOM 49  O "O3'" . DG A 1 3  ? 2.36555   11.55021  5.28400   1.000 142.07390 ? 103 DG A "O3'" 1 
ATOM 50  C "C2'" . DG A 1 3  ? 4.81109   11.15849  5.19947   1.000 144.14779 ? 103 DG A "C2'" 1 
ATOM 51  C "C1'" . DG A 1 3  ? 5.81927   11.95786  6.04453   1.000 148.07911 ? 103 DG A "C1'" 1 
ATOM 52  N N9    . DG A 1 3  ? 7.16253   11.34594  6.03938   1.000 148.87997 ? 103 DG A N9    1 
ATOM 53  C C8    . DG A 1 3  ? 7.50824   10.07888  6.45370   1.000 147.38243 ? 103 DG A C8    1 
ATOM 54  N N7    . DG A 1 3  ? 8.76966   9.79081   6.26154   1.000 148.82649 ? 103 DG A N7    1 
ATOM 55  C C5    . DG A 1 3  ? 9.28981   10.92613  5.65572   1.000 151.34302 ? 103 DG A C5    1 
ATOM 56  C C6    . DG A 1 3  ? 10.60683  11.20297  5.21081   1.000 153.98775 ? 103 DG A C6    1 
ATOM 57  O O6    . DG A 1 3  ? 11.60505  10.47413  5.26578   1.000 154.67491 ? 103 DG A O6    1 
ATOM 58  N N1    . DG A 1 3  ? 10.70894  12.47849  4.65256   1.000 156.26006 ? 103 DG A N1    1 
ATOM 59  C C2    . DG A 1 3  ? 9.66558   13.36884  4.53861   1.000 156.03950 ? 103 DG A C2    1 
ATOM 60  N N2    . DG A 1 3  ? 9.94371   14.55597  3.97166   1.000 158.70089 ? 103 DG A N2    1 
ATOM 61  N N3    . DG A 1 3  ? 8.42812   13.11832  4.95095   1.000 153.64665 ? 103 DG A N3    1 
ATOM 62  C C4    . DG A 1 3  ? 8.31325   11.88587  5.49822   1.000 151.36829 ? 103 DG A C4    1 
ATOM 63  P P     . DC A 1 4  ? 2.28292   12.97478  4.52863   1.000 144.39858 ? 104 DC A P     1 
ATOM 64  O OP1   . DC A 1 4  ? 3.47499   13.82304  4.76589   1.000 147.85845 ? 104 DC A OP1   1 
ATOM 65  O OP2   . DC A 1 4  ? 0.96701   13.53072  4.90976   1.000 144.72813 ? 104 DC A OP2   1 
ATOM 66  O "O5'" . DC A 1 4  ? 2.16114   12.59236  2.97681   1.000 142.06701 ? 104 DC A "O5'" 1 
ATOM 67  C "C5'" . DC A 1 4  ? 3.26478   12.03882  2.27887   1.000 141.47212 ? 104 DC A "C5'" 1 
ATOM 68  C "C4'" . DC A 1 4  ? 4.25531   13.12007  1.88621   1.000 144.82829 ? 104 DC A "C4'" 1 
ATOM 69  O "O4'" . DC A 1 4  ? 5.45190   12.97202  2.67875   1.000 146.70128 ? 104 DC A "O4'" 1 
ATOM 70  C "C3'" . DC A 1 4  ? 4.68563   13.08013  0.42891   1.000 144.25203 ? 104 DC A "C3'" 1 
ATOM 71  O "O3'" . DC A 1 4  ? 3.94198   14.05162  -0.31077  1.000 145.15580 ? 104 DC A "O3'" 1 
ATOM 72  C "C2'" . DC A 1 4  ? 6.17899   13.42100  0.45823   1.000 147.14867 ? 104 DC A "C2'" 1 
ATOM 73  C "C1'" . DC A 1 4  ? 6.60860   13.11107  1.88293   1.000 148.09098 ? 104 DC A "C1'" 1 
ATOM 74  N N1    . DC A 1 4  ? 7.46941   11.87855  2.06356   1.000 146.85911 ? 104 DC A N1    1 
ATOM 75  C C2    . DC A 1 4  ? 8.79992   11.86948  1.61077   1.000 148.76567 ? 104 DC A C2    1 
ATOM 76  O O2    . DC A 1 4  ? 9.24978   12.86197  1.01383   1.000 151.31765 ? 104 DC A O2    1 
ATOM 77  N N3    . DC A 1 4  ? 9.55757   10.75778  1.82753   1.000 147.98003 ? 104 DC A N3    1 
ATOM 78  C C4    . DC A 1 4  ? 9.03743   9.70411   2.47131   1.000 145.41671 ? 104 DC A C4    1 
ATOM 79  N N4    . DC A 1 4  ? 9.82321   8.63933   2.66379   1.000 145.01281 ? 104 DC A N4    1 
ATOM 80  C C5    . DC A 1 4  ? 7.69806   9.70580   2.95296   1.000 143.47527 ? 104 DC A C5    1 
ATOM 81  C C6    . DC A 1 4  ? 6.96199   10.80069  2.73127   1.000 144.29829 ? 104 DC A C6    1 
ATOM 82  P P     . DA A 1 5  ? 4.30744   14.35581  -1.84738  1.000 145.49725 ? 105 DA A P     1 
ATOM 83  O OP1   . DA A 1 5  ? 3.18202   15.10281  -2.46962  1.000 145.75704 ? 105 DA A OP1   1 
ATOM 84  O OP2   . DA A 1 5  ? 4.75011   13.06370  -2.42125  1.000 142.60443 ? 105 DA A OP2   1 
ATOM 85  O "O5'" . DA A 1 5  ? 5.58874   15.32151  -1.75507  1.000 149.65356 ? 105 DA A "O5'" 1 
ATOM 86  C "C5'" . DA A 1 5  ? 6.07537   15.98430  -2.91352  1.000 151.51589 ? 105 DA A "C5'" 1 
ATOM 87  C "C4'" . DA A 1 5  ? 7.32558   15.30861  -3.45904  1.000 151.42487 ? 105 DA A "C4'" 1 
ATOM 88  O "O4'" . DA A 1 5  ? 7.80312   14.29942  -2.54279  1.000 150.06579 ? 105 DA A "O4'" 1 
ATOM 89  C "C3'" . DA A 1 5  ? 7.13916   14.60552  -4.80198  1.000 148.84229 ? 105 DA A "C3'" 1 
ATOM 90  O "O3'" . DA A 1 5  ? 7.80024   15.37234  -5.81973  1.000 151.56284 ? 105 DA A "O3'" 1 
ATOM 91  C "C2'" . DA A 1 5  ? 7.74074   13.19128  -4.59644  1.000 146.36001 ? 105 DA A "C2'" 1 
ATOM 92  C "C1'" . DA A 1 5  ? 8.49731   13.32203  -3.27807  1.000 148.51911 ? 105 DA A "C1'" 1 
ATOM 93  N N9    . DA A 1 5  ? 8.54999   12.09105  -2.47293  1.000 146.12927 ? 105 DA A N9    1 
ATOM 94  C C8    . DA A 1 5  ? 7.53008   11.53634  -1.74634  1.000 143.54643 ? 105 DA A C8    1 
ATOM 95  N N7    . DA A 1 5  ? 7.86583   10.44649  -1.09588  1.000 142.11998 ? 105 DA A N7    1 
ATOM 96  C C5    . DA A 1 5  ? 9.20186   10.26812  -1.41493  1.000 143.90628 ? 105 DA A C5    1 
ATOM 97  C C6    . DA A 1 5  ? 10.14305  9.29009   -1.03650  1.000 143.92465 ? 105 DA A C6    1 
ATOM 98  N N6    . DA A 1 5  ? 9.84726   8.26423   -0.23543  1.000 141.88359 ? 105 DA A N6    1 
ATOM 99  N N1    . DA A 1 5  ? 11.40054  9.39690   -1.53235  1.000 146.37335 ? 105 DA A N1    1 
ATOM 100 C C2    . DA A 1 5  ? 11.68339  10.42527  -2.34656  1.000 148.60325 ? 105 DA A C2    1 
ATOM 101 N N3    . DA A 1 5  ? 10.88337  11.40995  -2.76901  1.000 148.84221 ? 105 DA A N3    1 
ATOM 102 C C4    . DA A 1 5  ? 9.64457   11.27313  -2.26037  1.000 146.39982 ? 105 DA A C4    1 
ATOM 103 P P     . DG A 1 6  ? 8.60939   14.68382  -7.02794  1.000 150.82981 ? 106 DG A P     1 
ATOM 104 O OP1   . DG A 1 6  ? 8.94993   15.80119  -7.93900  1.000 154.20479 ? 106 DG A OP1   1 
ATOM 105 O OP2   . DG A 1 6  ? 7.83035   13.53677  -7.56966  1.000 146.45570 ? 106 DG A OP2   1 
ATOM 106 O "O5'" . DG A 1 6  ? 9.98222   14.19057  -6.34108  1.000 152.21081 ? 106 DG A "O5'" 1 
ATOM 107 C "C5'" . DG A 1 6  ? 11.19282  14.09692  -7.10782  1.000 154.14191 ? 106 DG A "C5'" 1 
ATOM 108 C "C4'" . DG A 1 6  ? 11.47392  12.65643  -7.51202  1.000 151.06075 ? 106 DG A "C4'" 1 
ATOM 109 O "O4'" . DG A 1 6  ? 11.27407  11.79028  -6.37132  1.000 148.91914 ? 106 DG A "O4'" 1 
ATOM 110 C "C3'" . DG A 1 6  ? 10.56612  12.09891  -8.62583  1.000 147.61975 ? 106 DG A "C3'" 1 
ATOM 111 O "O3'" . DG A 1 6  ? 11.30791  11.97811  -9.89959  1.000 148.60636 ? 106 DG A "O3'" 1 
ATOM 112 C "C2'" . DG A 1 6  ? 10.04505  10.75875  -8.06711  1.000 143.53983 ? 106 DG A "C2'" 1 
ATOM 113 C "C1'" . DG A 1 6  ? 10.94269  10.52324  -6.85204  1.000 145.15625 ? 106 DG A "C1'" 1 
ATOM 114 N N9    . DG A 1 6  ? 10.30076  9.75480   -5.79989  1.000 142.55043 ? 106 DG A N9    1 
ATOM 115 C C8    . DG A 1 6  ? 8.99718   9.85272   -5.37837  1.000 140.46020 ? 106 DG A C8    1 
ATOM 116 N N7    . DG A 1 6  ? 8.69697   9.01425   -4.42892  1.000 138.54464 ? 106 DG A N7    1 
ATOM 117 C C5    . DG A 1 6  ? 9.87811   8.31362   -4.21168  1.000 139.41724 ? 106 DG A C5    1 
ATOM 118 C C6    . DG A 1 6  ? 10.16305  7.27097   -3.30070  1.000 138.41744 ? 106 DG A C6    1 
ATOM 119 O O6    . DG A 1 6  ? 9.40664   6.75738   -2.46367  1.000 136.48359 ? 106 DG A O6    1 
ATOM 120 N N1    . DG A 1 6  ? 11.48772  6.84576   -3.40235  1.000 140.28466 ? 106 DG A N1    1 
ATOM 121 C C2    . DG A 1 6  ? 12.41305  7.35374   -4.28803  1.000 142.77731 ? 106 DG A C2    1 
ATOM 122 N N2    . DG A 1 6  ? 13.64070  6.81421   -4.25210  1.000 144.60819 ? 106 DG A N2    1 
ATOM 123 N N3    . DG A 1 6  ? 12.15299  8.32714   -5.15072  1.000 143.69253 ? 106 DG A N3    1 
ATOM 124 C C4    . DG A 1 6  ? 10.87027  8.75657   -5.05411  1.000 141.89503 ? 106 DG A C4    1 
ATOM 125 P P     . DC A 1 7  ? 11.70318  10.55656  -10.56648 1.000 145.92282 ? 107 DC A P     1 
ATOM 126 O OP1   . DC A 1 7  ? 12.67173  10.86970  -11.64281 1.000 148.66282 ? 107 DC A OP1   1 
ATOM 127 O OP2   . DC A 1 7  ? 10.47182  9.80698   -10.92054 1.000 141.57432 ? 107 DC A OP2   1 
ATOM 128 O "O5'" . DC A 1 7  ? 12.49129  9.76765   -9.40520  1.000 146.01945 ? 107 DC A "O5'" 1 
ATOM 129 C "C5'" . DC A 1 7  ? 13.85922  9.38995   -9.56186  1.000 148.28506 ? 107 DC A "C5'" 1 
ATOM 130 C "C4'" . DC A 1 7  ? 14.06386  7.93829   -9.15210  1.000 145.73332 ? 107 DC A "C4'" 1 
ATOM 131 O "O4'" . DC A 1 7  ? 13.21471  7.61424   -8.00256  1.000 143.40721 ? 107 DC A "O4'" 1 
ATOM 132 C "C3'" . DC A 1 7  ? 13.69271  6.91429   -10.23505 1.000 142.39577 ? 107 DC A "C3'" 1 
ATOM 133 O "O3'" . DC A 1 7  ? 14.65372  5.86733   -10.28440 1.000 142.61278 ? 107 DC A "O3'" 1 
ATOM 134 C "C2'" . DC A 1 7  ? 12.35637  6.38984   -9.74447  1.000 138.33804 ? 107 DC A "C2'" 1 
ATOM 135 C "C1'" . DC A 1 7  ? 12.62470  6.36585   -8.26131  1.000 139.40233 ? 107 DC A "C1'" 1 
ATOM 136 N N1    . DC A 1 7  ? 11.39754  6.17156   -7.46804  1.000 136.60873 ? 107 DC A N1    1 
ATOM 137 C C2    . DC A 1 7  ? 11.36505  5.15359   -6.51734  1.000 135.00976 ? 107 DC A C2    1 
ATOM 138 O O2    . DC A 1 7  ? 12.38902  4.47433   -6.33944  1.000 136.12260 ? 107 DC A O2    1 
ATOM 139 N N3    . DC A 1 7  ? 10.21789  4.94169   -5.82591  1.000 132.56230 ? 107 DC A N3    1 
ATOM 140 C C4    . DC A 1 7  ? 9.13959   5.69764   -6.06840  1.000 131.74604 ? 107 DC A C4    1 
ATOM 141 N N4    . DC A 1 7  ? 8.03127   5.46082   -5.35641  1.000 129.61829 ? 107 DC A N4    1 
ATOM 142 C C5    . DC A 1 7  ? 9.15271   6.73137   -7.05105  1.000 133.36822 ? 107 DC A C5    1 
ATOM 143 C C6    . DC A 1 7  ? 10.28865  6.92341   -7.72900  1.000 135.70757 ? 107 DC A C6    1 
ATOM 144 P P     . DC A 1 8  ? 14.54788  4.72749   -11.42229 1.000 139.79158 ? 108 DC A P     1 
ATOM 145 O OP1   . DC A 1 8  ? 14.92632  5.35323   -12.70769 1.000 141.72988 ? 108 DC A OP1   1 
ATOM 146 O OP2   . DC A 1 8  ? 13.24900  4.01455   -11.33906 1.000 135.24112 ? 108 DC A OP2   1 
ATOM 147 O "O5'" . DC A 1 8  ? 15.67478  3.67571   -11.00737 1.000 140.83095 ? 108 DC A "O5'" 1 
ATOM 148 C "C5'" . DC A 1 8  ? 15.42450  2.29441   -11.15240 1.000 137.61850 ? 108 DC A "C5'" 1 
ATOM 149 C "C4'" . DC A 1 8  ? 15.26436  1.63092   -9.79909  1.000 136.56187 ? 108 DC A "C4'" 1 
ATOM 150 O "O4'" . DC A 1 8  ? 14.18371  2.24693   -9.06556  1.000 135.13924 ? 108 DC A "O4'" 1 
ATOM 151 C "C3'" . DC A 1 8  ? 14.95039  0.14911   -9.87296  1.000 133.26730 ? 108 DC A "C3'" 1 
ATOM 152 O "O3'" . DC A 1 8  ? 16.01294  -0.57307  -9.31325  1.000 135.28948 ? 108 DC A "O3'" 1 
ATOM 153 C "C2'" . DC A 1 8  ? 13.64554  -0.03369  -9.07722  1.000 130.01568 ? 108 DC A "C2'" 1 
ATOM 154 C "C1'" . DC A 1 8  ? 13.48981  1.27331   -8.32189  1.000 132.12778 ? 108 DC A "C1'" 1 
ATOM 155 N N1    . DC A 1 8  ? 12.07014  1.74214   -8.19106  1.000 129.60468 ? 108 DC A N1    1 
ATOM 156 C C2    . DC A 1 8  ? 11.15836  1.07529   -7.34796  1.000 126.89733 ? 108 DC A C2    1 
ATOM 157 O O2    . DC A 1 8  ? 11.52024  0.06722   -6.72115  1.000 126.47386 ? 108 DC A O2    1 
ATOM 158 N N3    . DC A 1 8  ? 9.88984   1.55904   -7.25878  1.000 125.05346 ? 108 DC A N3    1 
ATOM 159 C C4    . DC A 1 8  ? 9.53141   2.64568   -7.95458  1.000 125.84868 ? 108 DC A C4    1 
ATOM 160 N N4    . DC A 1 8  ? 8.27619   3.08810   -7.84012  1.000 124.28925 ? 108 DC A N4    1 
ATOM 161 C C5    . DC A 1 8  ? 10.44072  3.32241   -8.80972  1.000 128.54051 ? 108 DC A C5    1 
ATOM 162 C C6    . DC A 1 8  ? 11.68376  2.84968   -8.88808  1.000 130.33338 ? 108 DC A C6    1 
ATOM 163 P P     . DT A 1 9  ? 15.87923  -2.15700  -9.11391  1.000 132.71539 ? 109 DT A P     1 
ATOM 164 O OP1   . DT A 1 9  ? 15.33290  -2.30057  -7.73032  1.000 131.85836 ? 109 DT A OP1   1 
ATOM 165 O OP2   . DT A 1 9  ? 17.20074  -2.75408  -9.40004  1.000 135.50007 ? 109 DT A OP2   1 
ATOM 166 O "O5'" . DT A 1 9  ? 14.93119  -2.63621  -10.35268 1.000 128.78530 ? 109 DT A "O5'" 1 
ATOM 167 C "C5'" . DT A 1 9  ? 14.57455  -4.01833  -10.49866 1.000 125.85365 ? 109 DT A "C5'" 1 
ATOM 168 C "C4'" . DT A 1 9  ? 14.05959  -4.54240  -9.17412  1.000 124.59080 ? 109 DT A "C4'" 1 
ATOM 169 O "O4'" . DT A 1 9  ? 13.16437  -3.55923  -8.62084  1.000 123.93790 ? 109 DT A "O4'" 1 
ATOM 170 C "C3'" . DT A 1 9  ? 13.31097  -5.86592  -9.21028  1.000 121.00781 ? 109 DT A "C3'" 1 
ATOM 171 O "O3'" . DT A 1 9  ? 13.95415  -6.81255  -8.36489  1.000 122.17823 ? 109 DT A "O3'" 1 
ATOM 172 C "C2'" . DT A 1 9  ? 11.91394  -5.53710  -8.67813  1.000 118.32116 ? 109 DT A "C2'" 1 
ATOM 173 C "C1'" . DT A 1 9  ? 12.01655  -4.15472  -8.09957  1.000 120.70039 ? 109 DT A "C1'" 1 
ATOM 174 N N1    . DT A 1 9  ? 10.87438  -3.26367  -8.42897  1.000 119.04673 ? 109 DT A N1    1 
ATOM 175 C C2    . DT A 1 9  ? 9.64629   -3.48975  -7.86328  1.000 116.44102 ? 109 DT A C2    1 
ATOM 176 O O2    . DT A 1 9  ? 9.41010   -4.43022  -7.12500  1.000 115.21335 ? 109 DT A O2    1 
ATOM 177 N N3    . DT A 1 9  ? 8.68725   -2.57730  -8.20702  1.000 115.55025 ? 109 DT A N3    1 
ATOM 178 C C4    . DT A 1 9  ? 8.82961   -1.48228  -9.02941  1.000 116.99523 ? 109 DT A C4    1 
ATOM 179 O O4    . DT A 1 9  ? 7.89974   -0.72126  -9.26806  1.000 116.28687 ? 109 DT A O4    1 
ATOM 180 C C5    . DT A 1 9  ? 10.14855  -1.29753  -9.58213  1.000 119.69538 ? 109 DT A C5    1 
ATOM 181 C C7    . DT A 1 9  ? 10.43325  -0.14471  -10.49419 1.000 121.72351 ? 109 DT A C7    1 
ATOM 182 C C6    . DT A 1 9  ? 11.09332  -2.18522  -9.25626  1.000 120.58627 ? 109 DT A C6    1 
ATOM 183 P P     . DG A 1 10 ? 14.63896  -8.13715  -8.96768  1.000 122.16817 ? 110 DG A P     1 
ATOM 184 O OP1   . DG A 1 10 ? 14.39217  -9.22342  -7.98219  1.000 121.21753 ? 110 DG A OP1   1 
ATOM 185 O OP2   . DG A 1 10 ? 16.01510  -7.75572  -9.36650  1.000 126.12095 ? 110 DG A OP2   1 
ATOM 186 O "O5'" . DG A 1 10 ? 13.83783  -8.44477  -10.32832 1.000 118.74301 ? 110 DG A "O5'" 1 
ATOM 187 C "C5'" . DG A 1 10 ? 12.93419  -9.54940  -10.39667 1.000 115.23042 ? 110 DG A "C5'" 1 
ATOM 188 C "C4'" . DG A 1 10 ? 11.67485  -9.22346  -9.63459  1.000 112.97168 ? 110 DG A "C4'" 1 
ATOM 189 O "O4'" . DG A 1 10 ? 11.16101  -8.01458  -10.12530 1.000 112.68331 ? 110 DG A "O4'" 1 
ATOM 190 C "C3'" . DG A 1 10 ? 10.50060  -10.16675 -9.82458  1.000 109.14336 ? 110 DG A "C3'" 1 
ATOM 191 O "O3'" . DG A 1 10 ? 10.59295  -11.23374 -8.92345  1.000 109.08935 ? 110 DG A "O3'" 1 
ATOM 192 C "C2'" . DG A 1 10 ? 9.27313   -9.26180  -9.55176  1.000 107.52442 ? 110 DG A "C2'" 1 
ATOM 193 C "C1'" . DG A 1 10 ? 9.91696   -7.89059  -9.54591  1.000 110.39896 ? 110 DG A "C1'" 1 
ATOM 194 N N9    . DG A 1 10 ? 9.24178   -6.78114  -10.16199 1.000 109.83275 ? 110 DG A N9    1 
ATOM 195 C C8    . DG A 1 10 ? 9.81364   -5.83105  -10.97590 1.000 111.75773 ? 110 DG A C8    1 
ATOM 196 N N7    . DG A 1 10 ? 9.01124   -4.87048  -11.28618 1.000 111.19005 ? 110 DG A N7    1 
ATOM 197 C C5    . DG A 1 10 ? 7.84691   -5.19571  -10.62034 1.000 108.79108 ? 110 DG A C5    1 
ATOM 198 C C6    . DG A 1 10 ? 6.62983   -4.52802  -10.58709 1.000 107.48265 ? 110 DG A C6    1 
ATOM 199 O O6    . DG A 1 10 ? 6.33046   -3.48078  -11.15894 1.000 108.19689 ? 110 DG A O6    1 
ATOM 200 N N1    . DG A 1 10 ? 5.70872   -5.19422  -9.79329  1.000 105.41544 ? 110 DG A N1    1 
ATOM 201 C C2    . DG A 1 10 ? 5.94895   -6.36592  -9.11528  1.000 104.71945 ? 110 DG A C2    1 
ATOM 202 N N2    . DG A 1 10 ? 4.94335   -6.86544  -8.39742  1.000 102.91289 ? 110 DG A N2    1 
ATOM 203 N N3    . DG A 1 10 ? 7.09482   -6.99967  -9.14149  1.000 105.98074 ? 110 DG A N3    1 
ATOM 204 C C4    . DG A 1 10 ? 7.99105   -6.35941  -9.90954  1.000 107.97453 ? 110 DG A C4    1 
ATOM 205 P P     . DT A 1 11 ? 11.39726  -12.55328 -9.36637  1.000 109.55054 ? 111 DT A P     1 
ATOM 206 O OP1   . DT A 1 11 ? 12.52651  -12.72387 -8.42025  1.000 113.05615 ? 111 DT A OP1   1 
ATOM 207 O OP2   . DT A 1 11 ? 11.61631  -12.49867 -10.84049 1.000 108.95748 ? 111 DT A OP2   1 
ATOM 208 O "O5'" . DT A 1 11 ? 10.34859  -13.72167 -9.14134  1.000 106.38454 ? 111 DT A "O5'" 1 
ATOM 209 C "C5'" . DT A 1 11 ? 9.53335   -14.08924 -10.19783 1.000 103.35559 ? 111 DT A "C5'" 1 
ATOM 210 C "C4'" . DT A 1 11 ? 8.14319   -13.52808 -10.03706 1.000 100.90345 ? 111 DT A "C4'" 1 
ATOM 211 O "O4'" . DT A 1 11 ? 8.13456   -12.07784 -10.27461 1.000 101.89595 ? 111 DT A "O4'" 1 
ATOM 212 C "C3'" . DT A 1 11 ? 7.16038   -14.12508 -11.02812 1.000 97.64964  ? 111 DT A "C3'" 1 
ATOM 213 O "O3'" . DT A 1 11 ? 6.02728   -14.66278 -10.34463 1.000 95.62076  ? 111 DT A "O3'" 1 
ATOM 214 C "C2'" . DT A 1 11 ? 6.80609   -12.93241 -11.94220 1.000 97.27202  ? 111 DT A "C2'" 1 
ATOM 215 C "C1'" . DT A 1 11 ? 6.96413   -11.75876 -10.98543 1.000 99.32652  ? 111 DT A "C1'" 1 
ATOM 216 N N1    . DT A 1 11 ? 7.06795   -10.37853 -11.67886 1.000 100.42212 ? 111 DT A N1    1 
ATOM 217 C C2    . DT A 1 11 ? 5.98478   -9.50321  -11.65902 1.000 99.38470  ? 111 DT A C2    1 
ATOM 218 O O2    . DT A 1 11 ? 4.93995   -9.74213  -11.09124 1.000 97.68124  ? 111 DT A O2    1 
ATOM 219 N N3    . DT A 1 11 ? 6.19140   -8.32181  -12.32901 1.000 100.74195 ? 111 DT A N3    1 
ATOM 220 C C4    . DT A 1 11 ? 7.32295   -7.93792  -13.00580 1.000 102.94443 ? 111 DT A C4    1 
ATOM 221 O O4    . DT A 1 11 ? 7.42027   -6.86473  -13.58059 1.000 104.23987 ? 111 DT A O4    1 
ATOM 222 C C5    . DT A 1 11 ? 8.39714   -8.88918  -12.99713 1.000 103.92021 ? 111 DT A C5    1 
ATOM 223 C C7    . DT A 1 11 ? 9.67794   -8.57084  -13.70381 1.000 106.63372 ? 111 DT A C7    1 
ATOM 224 C C6    . DT A 1 11 ? 8.21171   -10.05630 -12.36762 1.000 102.59312 ? 111 DT A C6    1 
ATOM 225 P P     . DA A 1 12 ? 4.57267   -14.36704 -10.94485 1.000 92.77283  ? 112 DA A P     1 
ATOM 226 O OP1   . DA A 1 12 ? 4.54017   -14.94818 -12.30795 1.000 91.21511  ? 112 DA A OP1   1 
ATOM 227 O OP2   . DA A 1 12 ? 4.30002   -12.94751 -10.61203 1.000 93.77190  ? 112 DA A OP2   1 
ATOM 228 O "O5'" . DA A 1 12 ? 3.50624   -15.10523 -10.01186 1.000 91.23149  ? 112 DA A "O5'" 1 
ATOM 229 C "C5'" . DA A 1 12 ? 2.21898   -15.54990 -10.55354 1.000 88.48572  ? 112 DA A "C5'" 1 
ATOM 230 C "C4'" . DA A 1 12 ? 1.36296   -14.45314 -11.24138 1.000 87.60288  ? 112 DA A "C4'" 1 
ATOM 231 O "O4'" . DA A 1 12 ? 1.99407   -13.14280 -11.27917 1.000 89.59416  ? 112 DA A "O4'" 1 
ATOM 232 C "C3'" . DA A 1 12 ? 1.03334   -14.74023 -12.68623 1.000 85.85068  ? 112 DA A "C3'" 1 
ATOM 233 O "O3'" . DA A 1 12 ? -0.02812  -15.66637 -12.75882 1.000 83.68499  ? 112 DA A "O3'" 1 
ATOM 234 C "C2'" . DA A 1 12 ? 0.62283   -13.36305 -13.20903 1.000 86.25333  ? 112 DA A "C2'" 1 
ATOM 235 C "C1'" . DA A 1 12 ? 1.48926   -12.39850 -12.39411 1.000 88.85253  ? 112 DA A "C1'" 1 
ATOM 236 N N9    . DA A 1 12 ? 2.59681   -11.77182 -13.17407 1.000 90.53912  ? 112 DA A N9    1 
ATOM 237 C C8    . DA A 1 12 ? 3.84855   -12.28103 -13.40713 1.000 91.75928  ? 112 DA A C8    1 
ATOM 238 N N7    . DA A 1 12 ? 4.62271   -11.50839 -14.14266 1.000 93.40104  ? 112 DA A N7    1 
ATOM 239 C C5    . DA A 1 12 ? 3.82936   -10.41569 -14.42958 1.000 93.20672  ? 112 DA A C5    1 
ATOM 240 C C6    . DA A 1 12 ? 4.06936   -9.24241  -15.17711 1.000 94.66693  ? 112 DA A C6    1 
ATOM 241 N N6    . DA A 1 12 ? 5.23333   -8.98226  -15.78898 1.000 96.64346  ? 112 DA A N6    1 
ATOM 242 N N1    . DA A 1 12 ? 3.06291   -8.34762  -15.27110 1.000 94.28774  ? 112 DA A N1    1 
ATOM 243 C C2    . DA A 1 12 ? 1.89731   -8.61560  -14.65757 1.000 92.58131  ? 112 DA A C2    1 
ATOM 244 N N3    . DA A 1 12 ? 1.55282   -9.68055  -13.92592 1.000 91.10891  ? 112 DA A N3    1 
ATOM 245 C C4    . DA A 1 12 ? 2.57193   -10.55428 -13.84745 1.000 91.47763  ? 112 DA A C4    1 
ATOM 246 P P     . DA B 2 1  ? -1.95942  -0.66475  -15.09871 1.000 108.84347 ? 105 DA B P     1 
ATOM 247 O OP1   . DA B 2 1  ? -2.61802  0.06238   -16.21817 1.000 114.02775 ? 105 DA B OP1   1 
ATOM 248 O OP2   . DA B 2 1  ? -0.74263  -0.09519  -14.46181 1.000 104.39094 ? 105 DA B OP2   1 
ATOM 249 O "O5'" . DA B 2 1  ? -1.60962  -2.20156  -15.44556 1.000 106.78557 ? 105 DA B "O5'" 1 
ATOM 250 C "C5'" . DA B 2 1  ? -2.53066  -3.24713  -15.10614 1.000 108.38720 ? 105 DA B "C5'" 1 
ATOM 251 C "C4'" . DA B 2 1  ? -2.29264  -3.81016  -13.69816 1.000 104.98752 ? 105 DA B "C4'" 1 
ATOM 252 O "O4'" . DA B 2 1  ? -0.97011  -4.38365  -13.58632 1.000 100.45043 ? 105 DA B "O4'" 1 
ATOM 253 C "C3'" . DA B 2 1  ? -2.39443  -2.84358  -12.52014 1.000 104.42932 ? 105 DA B "C3'" 1 
ATOM 254 O "O3'" . DA B 2 1  ? -2.79838  -3.59708  -11.42164 1.000 103.88587 ? 105 DA B "O3'" 1 
ATOM 255 C "C2'" . DA B 2 1  ? -0.93680  -2.41595  -12.34860 1.000 99.98584  ? 105 DA B "C2'" 1 
ATOM 256 C "C1'" . DA B 2 1  ? -0.27273  -3.76246  -12.52050 1.000 97.39756  ? 105 DA B "C1'" 1 
ATOM 257 N N9    . DA B 2 1  ? 1.10493   -3.72836  -12.92558 1.000 94.18488  ? 105 DA B N9    1 
ATOM 258 C C8    . DA B 2 1  ? 1.73936   -2.77147  -13.66461 1.000 93.93943  ? 105 DA B C8    1 
ATOM 259 N N7    . DA B 2 1  ? 2.98628   -3.06748  -13.93359 1.000 91.11064  ? 105 DA B N7    1 
ATOM 260 C C5    . DA B 2 1  ? 3.16115   -4.31707  -13.34582 1.000 89.60330  ? 105 DA B C5    1 
ATOM 261 C C6    . DA B 2 1  ? 4.26422   -5.18864  -13.26852 1.000 87.15389  ? 105 DA B C6    1 
ATOM 262 N N6    . DA B 2 1  ? 5.44499   -4.90954  -13.81634 1.000 85.61786  ? 105 DA B N6    1 
ATOM 263 N N1    . DA B 2 1  ? 4.10215   -6.36438  -12.60678 1.000 86.82843  ? 105 DA B N1    1 
ATOM 264 C C2    . DA B 2 1  ? 2.90897   -6.63035  -12.06242 1.000 88.62774  ? 105 DA B C2    1 
ATOM 265 N N3    . DA B 2 1  ? 1.80242   -5.88557  -12.07315 1.000 91.00280  ? 105 DA B N3    1 
ATOM 266 C C4    . DA B 2 1  ? 2.00419   -4.73484  -12.73800 1.000 91.42432  ? 105 DA B C4    1 
ATOM 267 P P     . DC B 2 2  ? -3.93475  -3.09703  -10.41173 1.000 105.50812 ? 106 DC B P     1 
ATOM 268 O OP1   . DC B 2 2  ? -5.25010  -3.52829  -10.94375 1.000 110.32474 ? 106 DC B OP1   1 
ATOM 269 O OP2   . DC B 2 2  ? -3.70101  -1.65377  -10.15591 1.000 105.84239 ? 106 DC B OP2   1 
ATOM 270 O "O5'" . DC B 2 2  ? -3.59343  -3.98400  -9.11474  1.000 102.60141 ? 106 DC B "O5'" 1 
ATOM 271 C "C5'" . DC B 2 2  ? -2.97400  -5.29883  -9.30656  1.000 99.99243  ? 106 DC B "C5'" 1 
ATOM 272 C "C4'" . DC B 2 2  ? -1.97062  -5.65638  -8.19982  1.000 96.22358  ? 106 DC B "C4'" 1 
ATOM 273 O "O4'" . DC B 2 2  ? -0.59770  -5.55325  -8.68028  1.000 92.76006  ? 106 DC B "O4'" 1 
ATOM 274 C "C3'" . DC B 2 2  ? -2.00589  -4.78874  -6.95228  1.000 96.20856  ? 106 DC B "C3'" 1 
ATOM 275 O "O3'" . DC B 2 2  ? -1.58855  -5.55231  -5.89485  1.000 95.09858  ? 106 DC B "O3'" 1 
ATOM 276 C "C2'" . DC B 2 2  ? -0.94912  -3.75322  -7.26397  1.000 93.85304  ? 106 DC B "C2'" 1 
ATOM 277 C "C1'" . DC B 2 2  ? 0.11178   -4.67097  -7.82732  1.000 90.83351  ? 106 DC B "C1'" 1 
ATOM 278 N N1    . DC B 2 2  ? 1.11904   -3.98392  -8.62326  1.000 88.91333  ? 106 DC B N1    1 
ATOM 279 C C2    . DC B 2 2  ? 2.36189   -4.57486  -8.79097  1.000 85.97534  ? 106 DC B C2    1 
ATOM 280 O O2    . DC B 2 2  ? 2.57633   -5.65709  -8.24537  1.000 85.18933  ? 106 DC B O2    1 
ATOM 281 N N3    . DC B 2 2  ? 3.28828   -3.94202  -9.53981  1.000 84.52145  ? 106 DC B N3    1 
ATOM 282 C C4    . DC B 2 2  ? 2.99731   -2.76783  -10.10460 1.000 85.86080  ? 106 DC B C4    1 
ATOM 283 N N4    . DC B 2 2  ? 3.93706   -2.17198  -10.83553 1.000 84.58965  ? 106 DC B N4    1 
ATOM 284 C C5    . DC B 2 2  ? 1.72698   -2.14906  -9.94251  1.000 89.05262  ? 106 DC B C5    1 
ATOM 285 C C6    . DC B 2 2  ? 0.82600   -2.78718  -9.19915  1.000 90.49958  ? 106 DC B C6    1 
ATOM 286 P P     . DA B 2 3  ? -2.27229  -5.35676  -4.47161  1.000 100.41321 ? 107 DA B P     1 
ATOM 287 O OP1   . DA B 2 3  ? -3.42341  -6.28277  -4.48729  1.000 103.38041 ? 107 DA B OP1   1 
ATOM 288 O OP2   . DA B 2 3  ? -2.44425  -3.90110  -4.23858  1.000 101.58001 ? 107 DA B OP2   1 
ATOM 289 O "O5'" . DA B 2 3  ? -1.17251  -5.91044  -3.45413  1.000 98.44102  ? 107 DA B "O5'" 1 
ATOM 290 C "C5'" . DA B 2 3  ? -0.25845  -6.91197  -3.87681  1.000 95.90732  ? 107 DA B "C5'" 1 
ATOM 291 C "C4'" . DA B 2 3  ? 1.15500   -6.53764  -3.48098  1.000 93.07132  ? 107 DA B "C4'" 1 
ATOM 292 O "O4'" . DA B 2 3  ? 1.78203   -5.83263  -4.57201  1.000 90.56588  ? 107 DA B "O4'" 1 
ATOM 293 C "C3'" . DA B 2 3  ? 1.24917   -5.59551  -2.27272  1.000 93.83253  ? 107 DA B "C3'" 1 
ATOM 294 O "O3'" . DA B 2 3  ? 1.70642   -6.29519  -1.11722  1.000 94.13859  ? 107 DA B "O3'" 1 
ATOM 295 C "C2'" . DA B 2 3  ? 2.24899   -4.51910  -2.70756  1.000 91.07606  ? 107 DA B "C2'" 1 
ATOM 296 C "C1'" . DA B 2 3  ? 2.79359   -5.04099  -4.03474  1.000 88.78380  ? 107 DA B "C1'" 1 
ATOM 297 N N9    . DA B 2 3  ? 3.11761   -3.96016  -4.95353  1.000 87.13426  ? 107 DA B N9    1 
ATOM 298 C C8    . DA B 2 3  ? 2.32868   -2.89316  -5.28602  1.000 88.57638  ? 107 DA B C8    1 
ATOM 299 N N7    . DA B 2 3  ? 2.90555   -2.04477  -6.10193  1.000 87.24413  ? 107 DA B N7    1 
ATOM 300 C C5    . DA B 2 3  ? 4.16124   -2.58548  -6.30301  1.000 84.46125  ? 107 DA B C5    1 
ATOM 301 C C6    . DA B 2 3  ? 5.25734   -2.16649  -7.06815  1.000 82.59895  ? 107 DA B C6    1 
ATOM 302 N N6    . DA B 2 3  ? 5.25843   -1.04955  -7.80306  1.000 83.14006  ? 107 DA B N6    1 
ATOM 303 N N1    . DA B 2 3  ? 6.35751   -2.94229  -7.05024  1.000 80.61753  ? 107 DA B N1    1 
ATOM 304 C C2    . DA B 2 3  ? 6.35146   -4.05149  -6.31016  1.000 80.60078  ? 107 DA B C2    1 
ATOM 305 N N3    . DA B 2 3  ? 5.38743   -4.54662  -5.55073  1.000 82.48982  ? 107 DA B N3    1 
ATOM 306 C C4    . DA B 2 3  ? 4.30920   -3.76114  -5.59328  1.000 84.18621  ? 107 DA B C4    1 
ATOM 307 P P     . DC B 2 4  ? 2.52901   -7.58090  -0.61863  1.000 96.15151  ? 111 DC B P     1 
ATOM 308 O OP1   . DC B 2 4  ? 3.64348   -6.67408  -0.97224  1.000 94.46240  ? 111 DC B OP1   1 
ATOM 309 O OP2   . DC B 2 4  ? 2.78297   -9.02887  -0.47384  1.000 98.15150  ? 111 DC B OP2   1 
ATOM 310 O "O5'" . DC B 2 4  ? 1.79265   -7.10529  0.72508   1.000 95.26509  ? 111 DC B "O5'" 1 
ATOM 311 C "C5'" . DC B 2 4  ? 2.24325   -5.95094  1.45362   1.000 93.14123  ? 111 DC B "C5'" 1 
ATOM 312 C "C4'" . DC B 2 4  ? 1.13564   -5.45709  2.35767   1.000 93.02652  ? 111 DC B "C4'" 1 
ATOM 313 O "O4'" . DC B 2 4  ? -0.10985  -5.66252  1.67770   1.000 94.30207  ? 111 DC B "O4'" 1 
ATOM 314 C "C3'" . DC B 2 4  ? 1.01267   -6.17626  3.70370   1.000 93.93632  ? 111 DC B "C3'" 1 
ATOM 315 O "O3'" . DC B 2 4  ? 0.98979   -5.22460  4.73516   1.000 92.80757  ? 111 DC B "O3'" 1 
ATOM 316 C "C2'" . DC B 2 4  ? -0.31576  -6.93900  3.62143   1.000 96.07045  ? 111 DC B "C2'" 1 
ATOM 317 C "C1'" . DC B 2 4  ? -1.06821  -6.17453  2.56320   1.000 95.59844  ? 111 DC B "C1'" 1 
ATOM 318 N N1    . DC B 2 4  ? -2.03478  -6.96083  1.73800   1.000 97.67394  ? 111 DC B N1    1 
ATOM 319 C C2    . DC B 2 4  ? -3.14017  -7.61004  2.31805   1.000 99.64411  ? 111 DC B C2    1 
ATOM 320 O O2    . DC B 2 4  ? -3.29015  -7.59752  3.54476   1.000 99.79087  ? 111 DC B O2    1 
ATOM 321 N N3    . DC B 2 4  ? -4.00988  -8.25905  1.50167   1.000 101.68420 ? 111 DC B N3    1 
ATOM 322 C C4    . DC B 2 4  ? -3.82212  -8.25892  0.18409   1.000 101.81371 ? 111 DC B C4    1 
ATOM 323 N N4    . DC B 2 4  ? -4.69760  -8.91662  -0.58815  1.000 104.13521 ? 111 DC B N4    1 
ATOM 324 C C5    . DC B 2 4  ? -2.72146  -7.58910  -0.41172  1.000 99.90796  ? 111 DC B C5    1 
ATOM 325 C C6    . DC B 2 4  ? -1.87192  -6.95437  0.39083   1.000 97.87562  ? 111 DC B C6    1 
ATOM 326 P P     . DC B 2 5  ? 1.24048   -5.66457  6.26222   1.000 93.52527  ? 112 DC B P     1 
ATOM 327 O OP1   . DC B 2 5  ? -0.07519  -5.99014  6.85357   1.000 95.28474  ? 112 DC B OP1   1 
ATOM 328 O OP2   . DC B 2 5  ? 2.13402   -4.66802  6.90140   1.000 91.88635  ? 112 DC B OP2   1 
ATOM 329 O "O5'" . DC B 2 5  ? 2.05551   -7.03133  6.15575   1.000 94.66337  ? 112 DC B "O5'" 1 
ATOM 330 C "C5'" . DC B 2 5  ? 2.50568   -7.64700  7.33543   1.000 95.60348  ? 112 DC B "C5'" 1 
ATOM 331 C "C4'" . DC B 2 5  ? 1.51306   -8.67883  7.83390   1.000 98.33844  ? 112 DC B "C4'" 1 
ATOM 332 O "O4'" . DC B 2 5  ? 0.45596   -8.88212  6.84330   1.000 99.21727  ? 112 DC B "O4'" 1 
ATOM 333 C "C3'" . DC B 2 5  ? 2.12732   -10.04485 8.03672   1.000 100.18876 ? 112 DC B "C3'" 1 
ATOM 334 O "O3'" . DC B 2 5  ? 1.41777   -10.75434 9.02936   1.000 102.82428 ? 112 DC B "O3'" 1 
ATOM 335 C "C2'" . DC B 2 5  ? 1.92175   -10.64396 6.67061   1.000 100.87274 ? 112 DC B "C2'" 1 
ATOM 336 C "C1'" . DC B 2 5  ? 0.49182   -10.21914 6.40527   1.000 101.39712 ? 112 DC B "C1'" 1 
ATOM 337 N N1    . DC B 2 5  ? 0.13656   -10.29020 4.95589   1.000 101.48211 ? 112 DC B N1    1 
ATOM 338 C C2    . DC B 2 5  ? -1.08549  -10.86957 4.53524   1.000 103.77455 ? 112 DC B C2    1 
ATOM 339 O O2    . DC B 2 5  ? -1.89785  -11.28541 5.37745   1.000 105.69725 ? 112 DC B O2    1 
ATOM 340 N N3    . DC B 2 5  ? -1.34598  -10.94373 3.19678   1.000 104.08192 ? 112 DC B N3    1 
ATOM 341 C C4    . DC B 2 5  ? -0.44924  -10.48418 2.32036   1.000 102.35388 ? 112 DC B C4    1 
ATOM 342 N N4    . DC B 2 5  ? -0.73512  -10.57077 1.02139   1.000 103.07490 ? 112 DC B N4    1 
ATOM 343 C C5    . DC B 2 5  ? 0.79251   -9.91782  2.73421   1.000 100.10366 ? 112 DC B C5    1 
ATOM 344 C C6    . DC B 2 5  ? 1.04411   -9.85368  4.04134   1.000 99.71294  ? 112 DC B C6    1 
ATOM 345 P P     . DG B 2 6  ? 1.98464   -10.78241 10.53455  1.000 103.43086 ? 113 DG B P     1 
ATOM 346 O OP1   . DG B 2 6  ? 1.86282   -9.41116  11.09225  1.000 101.60382 ? 113 DG B OP1   1 
ATOM 347 O OP2   . DG B 2 6  ? 3.29991   -11.46557 10.49428  1.000 103.28183 ? 113 DG B OP2   1 
ATOM 348 O "O5'" . DG B 2 6  ? 0.96541   -11.73150 11.31473  1.000 107.16716 ? 113 DG B "O5'" 1 
ATOM 349 C "C5'" . DG B 2 6  ? -0.43481  -11.58731 11.11500  1.000 108.35636 ? 113 DG B "C5'" 1 
ATOM 350 C "C4'" . DG B 2 6  ? -1.10740  -12.94885 11.06455  1.000 112.11072 ? 113 DG B "C4'" 1 
ATOM 351 O "O4'" . DG B 2 6  ? -1.36123  -13.31430 9.68833   1.000 112.00161 ? 113 DG B "O4'" 1 
ATOM 352 C "C3'" . DG B 2 6  ? -0.29774  -14.08956 11.68136  1.000 114.34172 ? 113 DG B "C3'" 1 
ATOM 353 O "O3'" . DG B 2 6  ? -1.13610  -14.89885 12.58368  1.000 118.50551 ? 113 DG B "O3'" 1 
ATOM 354 C "C2'" . DG B 2 6  ? 0.28606   -14.85205 10.48265  1.000 114.23743 ? 113 DG B "C2'" 1 
ATOM 355 C "C1'" . DG B 2 6  ? -0.63113  -14.47220 9.32346   1.000 113.52960 ? 113 DG B "C1'" 1 
ATOM 356 N N9    . DG B 2 6  ? 0.07080   -14.17582 8.09988   1.000 111.09602 ? 113 DG B N9    1 
ATOM 357 C C8    . DG B 2 6  ? 1.30773   -13.60941 7.97556   1.000 108.24387 ? 113 DG B C8    1 
ATOM 358 N N7    . DG B 2 6  ? 1.67715   -13.46160 6.73991   1.000 106.93102 ? 113 DG B N7    1 
ATOM 359 C C5    . DG B 2 6  ? 0.59932   -13.92205 6.00338   1.000 108.93245 ? 113 DG B C5    1 
ATOM 360 C C6    . DG B 2 6  ? 0.41917   -13.99989 4.60751   1.000 109.01259 ? 113 DG B C6    1 
ATOM 361 O O6    . DG B 2 6  ? 1.19678   -13.64325 3.71812   1.000 107.30143 ? 113 DG B O6    1 
ATOM 362 N N1    . DG B 2 6  ? -0.81616  -14.55789 4.27468   1.000 111.71660 ? 113 DG B N1    1 
ATOM 363 C C2    . DG B 2 6  ? -1.75256  -14.98490 5.18562   1.000 114.08987 ? 113 DG B C2    1 
ATOM 364 N N2    . DG B 2 6  ? -2.88536  -15.49723 4.68291   1.000 116.73772 ? 113 DG B N2    1 
ATOM 365 N N3    . DG B 2 6  ? -1.59028  -14.91491 6.49850   1.000 114.16325 ? 113 DG B N3    1 
ATOM 366 C C4    . DG B 2 6  ? -0.39274  -14.37404 6.82965   1.000 111.47932 ? 113 DG B C4    1 
ATOM 367 P P     . DT B 2 7  ? -1.70734  -16.36381 12.21090  1.000 122.72681 ? 114 DT B P     1 
ATOM 368 O OP1   . DT B 2 7  ? -2.74024  -16.66119 13.23123  1.000 126.40673 ? 114 DT B OP1   1 
ATOM 369 O OP2   . DT B 2 7  ? -0.56413  -17.29723 12.03547  1.000 123.40812 ? 114 DT B OP2   1 
ATOM 370 O "O5'" . DT B 2 7  ? -2.49276  -16.16260 10.82333  1.000 121.81803 ? 114 DT B "O5'" 1 
ATOM 371 C "C5'" . DT B 2 7  ? -3.58952  -17.00962 10.46353  1.000 125.47800 ? 114 DT B "C5'" 1 
ATOM 372 C "C4'" . DT B 2 7  ? -3.13009  -18.16304 9.58224   1.000 127.34270 ? 114 DT B "C4'" 1 
ATOM 373 O "O4'" . DT B 2 7  ? -2.36285  -17.66847 8.46769   1.000 123.85091 ? 114 DT B "O4'" 1 
ATOM 374 C "C3'" . DT B 2 7  ? -2.21618  -19.16381 10.27449  1.000 129.60699 ? 114 DT B "C3'" 1 
ATOM 375 O "O3'" . DT B 2 7  ? -2.98204  -20.23436 10.78188  1.000 134.73365 ? 114 DT B "O3'" 1 
ATOM 376 C "C2'" . DT B 2 7  ? -1.23389  -19.62517 9.18155   1.000 128.60586 ? 114 DT B "C2'" 1 
ATOM 377 C "C1'" . DT B 2 7  ? -1.55126  -18.72193 7.98588   1.000 125.47795 ? 114 DT B "C1'" 1 
ATOM 378 N N1    . DT B 2 7  ? -0.33555  -18.14117 7.32961   1.000 121.67767 ? 114 DT B N1    1 
ATOM 379 C C2    . DT B 2 7  ? -0.25261  -18.13588 5.95513   1.000 120.98946 ? 114 DT B C2    1 
ATOM 380 O O2    . DT B 2 7  ? -1.12743  -18.58430 5.22879   1.000 123.27752 ? 114 DT B O2    1 
ATOM 381 N N3    . DT B 2 7  ? 0.89613   -17.57888 5.45490   1.000 117.79479 ? 114 DT B N3    1 
ATOM 382 C C4    . DT B 2 7  ? 1.94796   -17.04149 6.17539   1.000 115.22099 ? 114 DT B C4    1 
ATOM 383 O O4    . DT B 2 7  ? 2.93907   -16.56371 5.63252   1.000 112.67735 ? 114 DT B O4    1 
ATOM 384 C C5    . DT B 2 7  ? 1.79769   -17.08142 7.61037   1.000 116.06097 ? 114 DT B C5    1 
ATOM 385 C C7    . DT B 2 7  ? 2.87391   -16.52936 8.49614   1.000 113.74316 ? 114 DT B C7    1 
ATOM 386 C C6    . DT B 2 7  ? 0.67865   -17.62511 8.11231   1.000 119.25982 ? 114 DT B C6    1 
ATOM 387 O "O5'" . DT C 3 1  ? -18.46693 14.15717  13.34607  1.000 172.29963 ? 101 DT C "O5'" 1 
ATOM 388 C "C5'" . DT C 3 1  ? -18.24449 13.06150  12.47459  1.000 165.28076 ? 101 DT C "C5'" 1 
ATOM 389 C "C4'" . DT C 3 1  ? -19.46493 12.79213  11.60917  1.000 167.73344 ? 101 DT C "C4'" 1 
ATOM 390 O "O4'" . DT C 3 1  ? -19.48554 13.71957  10.51645  1.000 168.62225 ? 101 DT C "O4'" 1 
ATOM 391 C "C3'" . DT C 3 1  ? -19.48561 11.41697  10.96138  1.000 161.98041 ? 101 DT C "C3'" 1 
ATOM 392 O "O3'" . DT C 3 1  ? -20.18236 10.48674  11.80459  1.000 166.73549 ? 101 DT C "O3'" 1 
ATOM 393 C "C2'" . DT C 3 1  ? -20.21984 11.63570  9.64383   1.000 163.28102 ? 101 DT C "C2'" 1 
ATOM 394 C "C1'" . DT C 3 1  ? -19.99392 13.09695  9.34945   1.000 166.47546 ? 101 DT C "C1'" 1 
ATOM 395 N N1    . DT C 3 1  ? -19.06616 13.39068  8.23899   1.000 161.35264 ? 101 DT C N1    1 
ATOM 396 C C2    . DT C 3 1  ? -19.50306 13.29128  6.93630   1.000 161.03104 ? 101 DT C C2    1 
ATOM 397 O O2    . DT C 3 1  ? -20.61530 12.89350  6.62767   1.000 164.36872 ? 101 DT C O2    1 
ATOM 398 N N3    . DT C 3 1  ? -18.57507 13.66441  5.99781   1.000 157.13350 ? 101 DT C N3    1 
ATOM 399 C C4    . DT C 3 1  ? -17.28425 14.12049  6.23158   1.000 153.72350 ? 101 DT C C4    1 
ATOM 400 O O4    . DT C 3 1  ? -16.52169 14.43141  5.32008   1.000 150.96893 ? 101 DT C O4    1 
ATOM 401 C C5    . DT C 3 1  ? -16.90631 14.21756  7.62544   1.000 154.35919 ? 101 DT C C5    1 
ATOM 402 C C7    . DT C 3 1  ? -15.53554 14.69750  8.01609   1.000 151.50358 ? 101 DT C C7    1 
ATOM 403 C C6    . DT C 3 1  ? -17.80818 13.85729  8.54217   1.000 158.10064 ? 101 DT C C6    1 
ATOM 404 P P     . DC C 3 2  ? -21.79655 10.37105  11.79446  1.000 214.15113 ? 102 DC C P     1 
ATOM 405 O OP1   . DC C 3 2  ? -22.45104 11.69841  11.63851  1.000 180.49409 ? 102 DC C OP1   1 
ATOM 406 O OP2   . DC C 3 2  ? -22.11588 9.53904   12.98069  1.000 193.25652 ? 102 DC C OP2   1 
ATOM 407 O "O5'" . DC C 3 2  ? -22.12399 9.41421   10.54940  1.000 169.61865 ? 102 DC C "O5'" 1 
ATOM 408 C "C5'" . DC C 3 2  ? -22.16381 7.96091   10.72795  1.000 162.13560 ? 102 DC C "C5'" 1 
ATOM 409 C "C4'" . DC C 3 2  ? -22.74777 7.31704   9.48647   1.000 158.73568 ? 102 DC C "C4'" 1 
ATOM 410 O "O4'" . DC C 3 2  ? -22.41628 8.16574   8.34291   1.000 156.76130 ? 102 DC C "O4'" 1 
ATOM 411 C "C3'" . DC C 3 2  ? -22.18792 5.94329   9.14168   1.000 152.47119 ? 102 DC C "C3'" 1 
ATOM 412 O "O3'" . DC C 3 2  ? -23.14612 5.20135   8.29579   1.000 154.38112 ? 102 DC C "O3'" 1 
ATOM 413 C "C2'" . DC C 3 2  ? -20.91993 6.34990   8.40850   1.000 145.72336 ? 102 DC C "C2'" 1 
ATOM 414 C "C1'" . DC C 3 2  ? -21.44131 7.52100   7.55742   1.000 149.12844 ? 102 DC C "C1'" 1 
ATOM 415 N N1    . DC C 3 2  ? -20.38578 8.50617   7.10237   1.000 145.75031 ? 102 DC C N1    1 
ATOM 416 C C2    . DC C 3 2  ? -20.33277 8.89849   5.75171   1.000 144.66683 ? 102 DC C C2    1 
ATOM 417 O O2    . DC C 3 2  ? -21.16787 8.44873   4.95467   1.000 146.50596 ? 102 DC C O2    1 
ATOM 418 N N3    . DC C 3 2  ? -19.36808 9.76837   5.35823   1.000 142.22476 ? 102 DC C N3    1 
ATOM 419 C C4    . DC C 3 2  ? -18.48847 10.23149  6.24489   1.000 140.79079 ? 102 DC C C4    1 
ATOM 420 N N4    . DC C 3 2  ? -17.55368 11.07658  5.81528   1.000 138.92823 ? 102 DC C N4    1 
ATOM 421 C C5    . DC C 3 2  ? -18.51536 9.83407   7.60837   1.000 141.70209 ? 102 DC C C5    1 
ATOM 422 C C6    . DC C 3 2  ? -19.47160 8.98063   7.99175   1.000 144.21010 ? 102 DC C C6    1 
ATOM 423 P P     . DT C 3 3  ? -22.67191 4.27023   7.06336   1.000 148.11021 ? 103 DT C P     1 
ATOM 424 O OP1   . DT C 3 3  ? -22.03983 3.03270   7.58086   1.000 144.25894 ? 103 DT C OP1   1 
ATOM 425 O OP2   . DT C 3 3  ? -22.00480 5.15075   6.11161   1.000 144.80257 ? 103 DT C OP2   1 
ATOM 426 O "O5'" . DT C 3 3  ? -24.00698 4.00706   6.20656   1.000 153.25035 ? 103 DT C "O5'" 1 
ATOM 427 C "C5'" . DT C 3 3  ? -24.13363 2.87188   5.31681   1.000 151.16674 ? 103 DT C "C5'" 1 
ATOM 428 C "C4'" . DT C 3 3  ? -23.10747 2.83459   4.16541   1.000 144.52872 ? 103 DT C "C4'" 1 
ATOM 429 O "O4'" . DT C 3 3  ? -22.39085 4.11995   3.95392   1.000 142.52004 ? 103 DT C "O4'" 1 
ATOM 430 C "C3'" . DT C 3 3  ? -22.01574 1.75431   4.32113   1.000 138.28142 ? 103 DT C "C3'" 1 
ATOM 431 O "O3'" . DT C 3 3  ? -21.86193 0.92894   3.12575   1.000 135.76374 ? 103 DT C "O3'" 1 
ATOM 432 C "C2'" . DT C 3 3  ? -20.77249 2.58900   4.55238   1.000 133.67178 ? 103 DT C "C2'" 1 
ATOM 433 C "C1'" . DT C 3 3  ? -21.05483 3.77581   3.63628   1.000 135.48683 ? 103 DT C "C1'" 1 
ATOM 434 N N1    . DT C 3 3  ? -20.00815 4.89300   3.83110   1.000 132.69771 ? 103 DT C N1    1 
ATOM 435 C C2    . DT C 3 3  ? -19.41592 5.49346   2.73124   1.000 130.38570 ? 103 DT C C2    1 
ATOM 436 O O2    . DT C 3 3  ? -19.78242 5.30506   1.58349   1.000 131.02537 ? 103 DT C O2    1 
ATOM 437 N N3    . DT C 3 3  ? -18.41696 6.39859   3.05679   1.000 128.19539 ? 103 DT C N3    1 
ATOM 438 C C4    . DT C 3 3  ? -17.91434 6.69035   4.30813   1.000 127.74498 ? 103 DT C C4    1 
ATOM 439 O O4    . DT C 3 3  ? -17.02135 7.50509   4.50505   1.000 126.20065 ? 103 DT C O4    1 
ATOM 440 C C5    . DT C 3 3  ? -18.52671 5.99313   5.38305   1.000 129.94298 ? 103 DT C C5    1 
ATOM 441 C C7    . DT C 3 3  ? -18.04924 6.23733   6.77543   1.000 130.25199 ? 103 DT C C7    1 
ATOM 442 C C6    . DT C 3 3  ? -19.49476 5.11103   5.09998   1.000 132.11360 ? 103 DT C C6    1 
ATOM 443 P P     . DG C 3 4  ? -22.96652 0.86843   1.94502   1.000 140.08819 ? 104 DG C P     1 
ATOM 444 O OP1   . DG C 3 4  ? -23.30894 2.19299   1.35505   1.000 142.67714 ? 104 DG C OP1   1 
ATOM 445 O OP2   . DG C 3 4  ? -24.04565 -0.02242  2.42213   1.000 145.16997 ? 104 DG C OP2   1 
ATOM 446 O "O5'" . DG C 3 4  ? -22.18563 0.14270   0.75060   1.000 135.33700 ? 104 DG C "O5'" 1 
ATOM 447 C "C5'" . DG C 3 4  ? -22.25957 0.69971   -0.57111  1.000 135.76829 ? 104 DG C "C5'" 1 
ATOM 448 C "C4'" . DG C 3 4  ? -20.88215 1.06813   -1.09153  1.000 129.92122 ? 104 DG C "C4'" 1 
ATOM 449 O "O4'" . DG C 3 4  ? -20.23831 2.02499   -0.19024  1.000 128.05254 ? 104 DG C "O4'" 1 
ATOM 450 C "C3'" . DG C 3 4  ? -19.89246 -0.10926  -1.20243  1.000 125.05508 ? 104 DG C "C3'" 1 
ATOM 451 O "O3'" . DG C 3 4  ? -19.02140 0.11158   -2.28299  1.000 122.00279 ? 104 DG C "O3'" 1 
ATOM 452 C "C2'" . DG C 3 4  ? -19.10548 0.06357   0.07031   1.000 122.06359 ? 104 DG C "C2'" 1 
ATOM 453 C "C1'" . DG C 3 4  ? -18.93164 1.56448   -0.01916  1.000 122.37679 ? 104 DG C "C1'" 1 
ATOM 454 N N9    . DG C 3 4  ? -18.28336 2.15644   1.13409   1.000 120.66596 ? 104 DG C N9    1 
ATOM 455 C C8    . DG C 3 4  ? -18.59486 1.97763   2.44831   1.000 122.28820 ? 104 DG C C8    1 
ATOM 456 N N7    . DG C 3 4  ? -17.79444 2.60503   3.26468   1.000 120.39569 ? 104 DG C N7    1 
ATOM 457 C C5    . DG C 3 4  ? -16.86878 3.20084   2.42759   1.000 117.16326 ? 104 DG C C5    1 
ATOM 458 C C6    . DG C 3 4  ? -15.75039 3.99961   2.73093   1.000 114.51506 ? 104 DG C C6    1 
ATOM 459 O O6    . DG C 3 4  ? -15.33989 4.35285   3.84089   1.000 114.39047 ? 104 DG C O6    1 
ATOM 460 N N1    . DG C 3 4  ? -15.07867 4.39782   1.57591   1.000 112.41962 ? 104 DG C N1    1 
ATOM 461 C C2    . DG C 3 4  ? -15.44801 4.05941   0.29601   1.000 112.89727 ? 104 DG C C2    1 
ATOM 462 N N2    . DG C 3 4  ? -14.68724 4.53081   -0.69848  1.000 111.30922 ? 104 DG C N2    1 
ATOM 463 N N3    . DG C 3 4  ? -16.49546 3.31381   0.00544   1.000 115.35035 ? 104 DG C N3    1 
ATOM 464 C C4    . DG C 3 4  ? -17.15439 2.92216   1.11505   1.000 117.32790 ? 104 DG C C4    1 
ATOM 465 P P     . DA C 3 5  ? -19.37618 -0.36497  -3.76939  1.000 123.85642 ? 105 DA C P     1 
ATOM 466 O OP1   . DA C 3 5  ? -20.79166 -0.01169  -4.05059  1.000 129.90033 ? 105 DA C OP1   1 
ATOM 467 O OP2   . DA C 3 5  ? -18.90081 -1.77648  -3.82874  1.000 121.70154 ? 105 DA C OP2   1 
ATOM 468 O "O5'" . DA C 3 5  ? -18.44513 0.58694   -4.69118  1.000 121.62323 ? 105 DA C "O5'" 1 
ATOM 469 C "C5'" . DA C 3 5  ? -17.67737 1.67314   -4.09097  1.000 119.25315 ? 105 DA C "C5'" 1 
ATOM 470 C "C4'" . DA C 3 5  ? -16.17363 1.39640   -4.15185  1.000 114.08249 ? 105 DA C "C4'" 1 
ATOM 471 O "O4'" . DA C 3 5  ? -15.55833 1.72666   -2.86721  1.000 111.55679 ? 105 DA C "O4'" 1 
ATOM 472 C "C3'" . DA C 3 5  ? -15.79137 -0.06901  -4.40579  1.000 112.21920 ? 105 DA C "C3'" 1 
ATOM 473 O "O3'" . DA C 3 5  ? -14.49032 -0.15768  -5.00953  1.000 109.05917 ? 105 DA C "O3'" 1 
ATOM 474 C "C2'" . DA C 3 5  ? -15.71059 -0.57860  -2.98067  1.000 110.78586 ? 105 DA C "C2'" 1 
ATOM 475 C "C1'" . DA C 3 5  ? -14.92167 0.56757   -2.37985  1.000 108.64124 ? 105 DA C "C1'" 1 
ATOM 476 N N9    . DA C 3 5  ? -14.91566 0.58496   -0.93295  1.000 108.17767 ? 105 DA C N9    1 
ATOM 477 C C8    . DA C 3 5  ? -15.83499 0.02152   -0.09584  1.000 110.62844 ? 105 DA C C8    1 
ATOM 478 N N7    . DA C 3 5  ? -15.56234 0.18540   1.17567   1.000 110.06754 ? 105 DA C N7    1 
ATOM 479 C C5    . DA C 3 5  ? -14.37354 0.89876   1.16552   1.000 106.89459 ? 105 DA C C5    1 
ATOM 480 C C6    . DA C 3 5  ? -13.55227 1.39187   2.19559   1.000 105.28920 ? 105 DA C C6    1 
ATOM 481 N N6    . DA C 3 5  ? -13.82424 1.23145   3.49412   1.000 106.69439 ? 105 DA C N6    1 
ATOM 482 N N1    . DA C 3 5  ? -12.43635 2.06191   1.83587   1.000 102.76933 ? 105 DA C N1    1 
ATOM 483 C C2    . DA C 3 5  ? -12.16506 2.22733   0.53330   1.000 102.00097 ? 105 DA C C2    1 
ATOM 484 N N3    . DA C 3 5  ? -12.85958 1.81032   -0.52147  1.000 103.38854 ? 105 DA C N3    1 
ATOM 485 C C4    . DA C 3 5  ? -13.96194 1.14678   -0.13086  1.000 105.75012 ? 105 DA C C4    1 
ATOM 486 P P     . DT C 3 6  ? -14.20326 0.22174   -6.54911  1.000 110.28988 ? 106 DT C P     1 
ATOM 487 O OP1   . DT C 3 6  ? -15.18086 1.22800   -7.03437  1.000 114.26213 ? 106 DT C OP1   1 
ATOM 488 O OP2   . DT C 3 6  ? -14.08192 -1.08937  -7.25077  1.000 110.51344 ? 106 DT C OP2   1 
ATOM 489 O "O5'" . DT C 3 6  ? -12.74647 0.92607   -6.45953  1.000 107.02999 ? 106 DT C "O5'" 1 
ATOM 490 C "C5'" . DT C 3 6  ? -12.34251 1.59801   -5.21732  1.000 105.02833 ? 106 DT C "C5'" 1 
ATOM 491 C "C4'" . DT C 3 6  ? -10.93435 1.19184   -4.74334  1.000 101.34098 ? 106 DT C "C4'" 1 
ATOM 492 O "O4'" . DT C 3 6  ? -10.92930 1.00162   -3.29290  1.000 99.91103  ? 106 DT C "O4'" 1 
ATOM 493 C "C3'" . DT C 3 6  ? -10.38130 -0.13161  -5.28452  1.000 100.36281 ? 106 DT C "C3'" 1 
ATOM 494 O "O3'" . DT C 3 6  ? -8.96820  -0.14350  -5.12087  1.000 97.98866  ? 106 DT C "O3'" 1 
ATOM 495 C "C2'" . DT C 3 6  ? -10.96392 -1.08226  -4.27149  1.000 100.18832 ? 106 DT C "C2'" 1 
ATOM 496 C "C1'" . DT C 3 6  ? -10.51057 -0.32473  -3.04200  1.000 98.47701  ? 106 DT C "C1'" 1 
ATOM 497 N N1    . DT C 3 6  ? -11.08538 -0.79821  -1.77849  1.000 98.79666  ? 106 DT C N1    1 
ATOM 498 C C2    . DT C 3 6  ? -10.42790 -0.52012  -0.60500  1.000 97.25884  ? 106 DT C C2    1 
ATOM 499 O O2    . DT C 3 6  ? -9.39022  0.12166   -0.55222  1.000 95.59155  ? 106 DT C O2    1 
ATOM 500 N N3    . DT C 3 6  ? -11.03340 -1.01613  0.51494   1.000 98.33232  ? 106 DT C N3    1 
ATOM 501 C C4    . DT C 3 6  ? -12.20046 -1.74823  0.58365   1.000 100.84262 ? 106 DT C C4    1 
ATOM 502 O O4    . DT C 3 6  ? -12.66686 -2.14198  1.64739   1.000 102.26248 ? 106 DT C O4    1 
ATOM 503 C C5    . DT C 3 6  ? -12.83494 -2.01391  -0.68386  1.000 102.30896 ? 106 DT C C5    1 
ATOM 504 C C7    . DT C 3 6  ? -14.10733 -2.80513  -0.73624  1.000 105.65305 ? 106 DT C C7    1 
ATOM 505 C C6    . DT C 3 6  ? -12.24922 -1.53646  -1.79382  1.000 101.18996 ? 106 DT C C6    1 
ATOM 506 P P     . DG C 3 7  ? -7.97225  0.68787   -6.06637  1.000 98.20118  ? 107 DG C P     1 
ATOM 507 O OP1   . DG C 3 7  ? -8.64760  1.88268   -6.63332  1.000 100.55386 ? 107 DG C OP1   1 
ATOM 508 O OP2   . DG C 3 7  ? -7.38676  -0.32759  -6.97634  1.000 98.62945  ? 107 DG C OP2   1 
ATOM 509 O "O5'" . DG C 3 7  ? -6.84221  1.17710   -5.04276  1.000 95.91901  ? 107 DG C "O5'" 1 
ATOM 510 C "C5'" . DG C 3 7  ? -7.17303  1.32036   -3.67311  1.000 94.85661  ? 107 DG C "C5'" 1 
ATOM 511 C "C4'" . DG C 3 7  ? -5.92955  1.40253   -2.82262  1.000 93.06030  ? 107 DG C "C4'" 1 
ATOM 512 O "O4'" . DG C 3 7  ? -6.14097  0.67959   -1.58181  1.000 92.17647  ? 107 DG C "O4'" 1 
ATOM 513 C "C3'" . DG C 3 7  ? -4.69423  0.75754   -3.40784  1.000 92.55971  ? 107 DG C "C3'" 1 
ATOM 514 O "O3'" . DG C 3 7  ? -3.56961  1.30532   -2.71955  1.000 91.78654  ? 107 DG C "O3'" 1 
ATOM 515 C "C2'" . DG C 3 7  ? -4.93280  -0.72657  -3.06208  1.000 92.20944  ? 107 DG C "C2'" 1 
ATOM 516 C "C1'" . DG C 3 7  ? -5.56004  -0.63117  -1.67005  1.000 91.64714  ? 107 DG C "C1'" 1 
ATOM 517 N N9    . DG C 3 7  ? -6.63541  -1.58800  -1.39063  1.000 92.48329  ? 107 DG C N9    1 
ATOM 518 C C8    . DG C 3 7  ? -7.51532  -2.16240  -2.28222  1.000 93.92332  ? 107 DG C C8    1 
ATOM 519 N N7    . DG C 3 7  ? -8.41106  -2.93045  -1.70883  1.000 95.00494  ? 107 DG C N7    1 
ATOM 520 C C5    . DG C 3 7  ? -8.11705  -2.83597  -0.35762  1.000 94.24005  ? 107 DG C C5    1 
ATOM 521 C C6    . DG C 3 7  ? -8.74189  -3.43692  0.75270   1.000 95.40488  ? 107 DG C C6    1 
ATOM 522 O O6    . DG C 3 7  ? -9.71525  -4.19549  0.77372   1.000 97.39929  ? 107 DG C O6    1 
ATOM 523 N N1    . DG C 3 7  ? -8.12282  -3.06985  1.94264   1.000 94.65143  ? 107 DG C N1    1 
ATOM 524 C C2    . DG C 3 7  ? -7.03716  -2.23209  2.03592   1.000 92.99589  ? 107 DG C C2    1 
ATOM 525 N N2    . DG C 3 7  ? -6.56434  -1.98604  3.26334   1.000 92.98679  ? 107 DG C N2    1 
ATOM 526 N N3    . DG C 3 7  ? -6.45006  -1.66573  1.00376   1.000 91.98839  ? 107 DG C N3    1 
ATOM 527 C C4    . DG C 3 7  ? -7.03745  -2.00827  -0.15397  1.000 92.66476  ? 107 DG C C4    1 
ATOM 528 P P     . DT C 3 8  ? -2.05193  0.88171   -3.03692  1.000 91.88851  ? 108 DT C P     1 
ATOM 529 O OP1   . DT C 3 8  ? -1.39480  2.09269   -3.58439  1.000 93.01701  ? 108 DT C OP1   1 
ATOM 530 O OP2   . DT C 3 8  ? -2.04811  -0.34200  -3.87400  1.000 92.58219  ? 108 DT C OP2   1 
ATOM 531 O "O5'" . DT C 3 8  ? -1.43507  0.59950   -1.56805  1.000 90.89316  ? 108 DT C "O5'" 1 
ATOM 532 C "C5'" . DT C 3 8  ? -2.29962  0.18256   -0.49087  1.000 90.21226  ? 108 DT C "C5'" 1 
ATOM 533 C "C4'" . DT C 3 8  ? -1.79549  -1.09845  0.16378   1.000 90.29643  ? 108 DT C "C4'" 1 
ATOM 534 O "O4'" . DT C 3 8  ? -2.91957  -1.92337  0.55868   1.000 90.47400  ? 108 DT C "O4'" 1 
ATOM 535 C "C3'" . DT C 3 8  ? -0.92524  -1.98779  -0.73118  1.000 91.21703  ? 108 DT C "C3'" 1 
ATOM 536 O "O3'" . DT C 3 8  ? 0.48493   -1.91488  -0.36614  1.000 91.92563  ? 108 DT C "O3'" 1 
ATOM 537 C "C2'" . DT C 3 8  ? -1.50143  -3.41534  -0.58527  1.000 91.92448  ? 108 DT C "C2'" 1 
ATOM 538 C "C1'" . DT C 3 8  ? -2.53549  -3.28764  0.53033   1.000 91.37720  ? 108 DT C "C1'" 1 
ATOM 539 N N1    . DT C 3 8  ? -3.76911  -4.12668  0.31237   1.000 92.18564  ? 108 DT C N1    1 
ATOM 540 C C2    . DT C 3 8  ? -4.47556  -4.60367  1.39781   1.000 92.93316  ? 108 DT C C2    1 
ATOM 541 O O2    . DT C 3 8  ? -4.14610  -4.39794  2.55013   1.000 92.96432  ? 108 DT C O2    1 
ATOM 542 N N3    . DT C 3 8  ? -5.58970  -5.33987  1.07454   1.000 94.23625  ? 108 DT C N3    1 
ATOM 543 C C4    . DT C 3 8  ? -6.05294  -5.63525  -0.18431  1.000 94.83303  ? 108 DT C C4    1 
ATOM 544 O O4    . DT C 3 8  ? -7.06159  -6.30528  -0.38043  1.000 96.49452  ? 108 DT C O4    1 
ATOM 545 C C5    . DT C 3 8  ? -5.27087  -5.10898  -1.26491  1.000 93.99762  ? 108 DT C C5    1 
ATOM 546 C C7    . DT C 3 8  ? -5.68862  -5.37411  -2.67529  1.000 95.17561  ? 108 DT C C7    1 
ATOM 547 C C6    . DT C 3 8  ? -4.18095  -4.38735  -0.97095  1.000 92.75945  ? 108 DT C C6    1 
ATOM 548 P P     . DG C 3 9  ? 0.99403   -1.52018  1.11889   1.000 91.85586  ? 109 DG C P     1 
ATOM 549 O OP1   . DG C 3 9  ? 0.14676   -2.13512  2.17230   1.000 91.66543  ? 109 DG C OP1   1 
ATOM 550 O OP2   . DG C 3 9  ? 1.24403   -0.05956  1.11993   1.000 91.57347  ? 109 DG C OP2   1 
ATOM 551 O "O5'" . DG C 3 9  ? 2.43087   -2.24349  1.21945   1.000 93.79003  ? 109 DG C "O5'" 1 
ATOM 552 C "C5'" . DG C 3 9  ? 3.61438   -1.59160  0.69953   1.000 95.00732  ? 109 DG C "C5'" 1 
ATOM 553 C "C4'" . DG C 3 9  ? 4.48952   -2.57002  -0.07933  1.000 97.32749  ? 109 DG C "C4'" 1 
ATOM 554 O "O4'" . DG C 3 9  ? 4.13268   -2.54130  -1.49394  1.000 97.38797  ? 109 DG C "O4'" 1 
ATOM 555 C "C3'" . DG C 3 9  ? 5.98958   -2.29136  -0.02242  1.000 99.92977  ? 109 DG C "C3'" 1 
ATOM 556 O "O3'" . DG C 3 9  ? 6.57197   -2.98166  1.13455   1.000 101.52796 ? 109 DG C "O3'" 1 
ATOM 557 C "C2'" . DG C 3 9  ? 6.48627   -2.87157  -1.36577  1.000 102.20446 ? 109 DG C "C2'" 1 
ATOM 558 C "C1'" . DG C 3 9  ? 5.29287   -2.64414  -2.30876  1.000 100.18627 ? 109 DG C "C1'" 1 
ATOM 559 N N9    . DG C 3 9  ? 5.37753   -1.42774  -3.13290  1.000 100.27197 ? 109 DG C N9    1 
ATOM 560 C C8    . DG C 3 9  ? 4.38860   -0.47800  -3.28638  1.000 98.21615  ? 109 DG C C8    1 
ATOM 561 N N7    . DG C 3 9  ? 4.72146   0.50916   -4.06754  1.000 99.53645  ? 109 DG C N7    1 
ATOM 562 C C5    . DG C 3 9  ? 6.01439   0.20153   -4.46910  1.000 102.59603 ? 109 DG C C5    1 
ATOM 563 C C6    . DG C 3 9  ? 6.87591   0.91388   -5.32055  1.000 105.68501 ? 109 DG C C6    1 
ATOM 564 O O6    . DG C 3 9  ? 6.65286   1.98581   -5.89575  1.000 106.28044 ? 109 DG C O6    1 
ATOM 565 N N1    . DG C 3 9  ? 8.10316   0.26965   -5.47187  1.000 108.98847 ? 109 DG C N1    1 
ATOM 566 C C2    . DG C 3 9  ? 8.45183   -0.92151  -4.87381  1.000 109.38682 ? 109 DG C C2    1 
ATOM 567 N N2    . DG C 3 9  ? 9.68322   -1.38705  -5.14196  1.000 113.57907 ? 109 DG C N2    1 
ATOM 568 N N3    . DG C 3 9  ? 7.64476   -1.60892  -4.06672  1.000 106.55180 ? 109 DG C N3    1 
ATOM 569 C C4    . DG C 3 9  ? 6.44130   -0.98686  -3.90755  1.000 103.15441 ? 109 DG C C4    1 
ATOM 570 P P     . DG C 3 10 ? 8.03926   -2.60750  1.70098   1.000 104.57098 ? 110 DG C P     1 
ATOM 571 O OP1   . DG C 3 10 ? 8.39446   -3.56765  2.77097   1.000 106.63792 ? 110 DG C OP1   1 
ATOM 572 O OP2   . DG C 3 10 ? 8.04886   -1.16467  2.05627   1.000 103.39544 ? 110 DG C OP2   1 
ATOM 573 O "O5'" . DG C 3 10 ? 8.98499   -2.82557  0.42608   1.000 107.54698 ? 110 DG C "O5'" 1 
ATOM 574 C "C5'" . DG C 3 10 ? 9.98119   -3.85136  0.40994   1.000 111.67546 ? 110 DG C "C5'" 1 
ATOM 575 C "C4'" . DG C 3 10 ? 11.23050  -3.34774  -0.28513  1.000 115.31720 ? 110 DG C "C4'" 1 
ATOM 576 O "O4'" . DG C 3 10 ? 10.81210  -2.50097  -1.39560  1.000 113.70908 ? 110 DG C "O4'" 1 
ATOM 577 C "C3'" . DG C 3 10 ? 12.10116  -2.45245  0.59875   1.000 116.87460 ? 110 DG C "C3'" 1 
ATOM 578 O "O3'" . DG C 3 10 ? 13.48406  -2.43712  0.18007   1.000 122.10261 ? 110 DG C "O3'" 1 
ATOM 579 C "C2'" . DG C 3 10 ? 11.46301  -1.11259  0.35838   1.000 113.61195 ? 110 DG C "C2'" 1 
ATOM 580 C "C1'" . DG C 3 10 ? 11.23165  -1.18636  -1.14325  1.000 113.77936 ? 110 DG C "C1'" 1 
ATOM 581 N N9    . DG C 3 10 ? 10.22850  -0.22868  -1.55608  1.000 110.38808 ? 110 DG C N9    1 
ATOM 582 C C8    . DG C 3 10 ? 8.94622   -0.09858  -1.07311  1.000 106.27534 ? 110 DG C C8    1 
ATOM 583 N N7    . DG C 3 10 ? 8.30915   0.91725   -1.57393  1.000 104.73452 ? 110 DG C N7    1 
ATOM 584 C C5    . DG C 3 10 ? 9.24298   1.51367   -2.40874  1.000 107.96386 ? 110 DG C C5    1 
ATOM 585 C C6    . DG C 3 10 ? 9.13183   2.65477   -3.21509  1.000 108.75694 ? 110 DG C C6    1 
ATOM 586 O O6    . DG C 3 10 ? 8.15222   3.39690   -3.35546  1.000 106.69393 ? 110 DG C O6    1 
ATOM 587 N N1    . DG C 3 10 ? 10.31993  2.91195   -3.90175  1.000 113.14470 ? 110 DG C N1    1 
ATOM 588 C C2    . DG C 3 10 ? 11.46379  2.15189   -3.81238  1.000 116.44204 ? 110 DG C C2    1 
ATOM 589 N N2    . DG C 3 10 ? 12.51406  2.54345   -4.54222  1.000 121.18142 ? 110 DG C N2    1 
ATOM 590 N N3    . DG C 3 10 ? 11.57219  1.08334   -3.05719  1.000 115.82486 ? 110 DG C N3    1 
ATOM 591 C C4    . DG C 3 10 ? 10.42846  0.82618   -2.38804  1.000 111.45249 ? 110 DG C C4    1 
ATOM 592 P P     . DC C 3 11 ? 14.52327  -1.46976  0.95558   1.000 127.48795 ? 111 DC C P     1 
ATOM 593 O OP1   . DC C 3 11 ? 14.74530  -2.12405  2.27372   1.000 128.74190 ? 111 DC C OP1   1 
ATOM 594 O OP2   . DC C 3 11 ? 14.04572  -0.06354  0.89846   1.000 124.60437 ? 111 DC C OP2   1 
ATOM 595 O "O5'" . DC C 3 11 ? 15.90978  -1.55430  0.12231   1.000 133.77732 ? 111 DC C "O5'" 1 
ATOM 596 C "C5'" . DC C 3 11 ? 16.02889  -1.05497  -1.24069  1.000 134.84114 ? 111 DC C "C5'" 1 
ATOM 597 C "C4'" . DC C 3 11 ? 16.30989  0.45528   -1.31874  1.000 135.20644 ? 111 DC C "C4'" 1 
ATOM 598 O "O4'" . DC C 3 11 ? 15.09794  1.12697   -1.71448  1.000 130.15213 ? 111 DC C "O4'" 1 
ATOM 599 C "C3'" . DC C 3 11 ? 16.73274  1.16051   -0.01595  1.000 135.79107 ? 111 DC C "C3'" 1 
ATOM 600 O "O3'" . DC C 3 11 ? 18.20169  1.25381   0.13880   1.000 142.49480 ? 111 DC C "O3'" 1 
ATOM 601 C "C2'" . DC C 3 11 ? 16.06507  2.54367   -0.10545  1.000 132.72808 ? 111 DC C "C2'" 1 
ATOM 602 C "C1'" . DC C 3 11 ? 15.21377  2.47940   -1.37587  1.000 130.18595 ? 111 DC C "C1'" 1 
ATOM 603 N N1    . DC C 3 11 ? 13.86688  3.05337   -1.16996  1.000 124.76529 ? 111 DC C N1    1 
ATOM 604 C C2    . DC C 3 11 ? 13.52787  4.24094   -1.80923  1.000 124.58321 ? 111 DC C C2    1 
ATOM 605 O O2    . DC C 3 11 ? 14.35009  4.76313   -2.56956  1.000 128.86298 ? 111 DC C O2    1 
ATOM 606 N N3    . DC C 3 11 ? 12.30370  4.77956   -1.58604  1.000 120.38077 ? 111 DC C N3    1 
ATOM 607 C C4    . DC C 3 11 ? 11.45078  4.17627   -0.75467  1.000 116.47822 ? 111 DC C C4    1 
ATOM 608 N N4    . DC C 3 11 ? 10.25200  4.73961   -0.56450  1.000 113.08486 ? 111 DC C N4    1 
ATOM 609 C C5    . DC C 3 11 ? 11.78985  2.96831   -0.08165  1.000 116.60143 ? 111 DC C C5    1 
ATOM 610 C C6    . DC C 3 11 ? 12.99883  2.45382   -0.31045  1.000 120.79571 ? 111 DC C C6    1 
ATOM 611 P P     . DT C 3 12 ? 19.07315  2.47551   -0.47037  1.000 153.26904 ? 112 DT C P     1 
ATOM 612 O OP1   . DT C 3 12 ? 18.72887  2.60034   -1.90901  1.000 152.96836 ? 112 DT C OP1   1 
ATOM 613 O OP2   . DT C 3 12 ? 20.47530  2.22841   -0.07251  1.000 160.22259 ? 112 DT C OP2   1 
ATOM 614 O "O5'" . DT C 3 12 ? 18.60355  3.79215   0.31685   1.000 150.48369 ? 112 DT C "O5'" 1 
ATOM 615 C "C5'" . DT C 3 12 ? 19.51057  4.87308   0.50516   1.000 155.21959 ? 112 DT C "C5'" 1 
ATOM 616 C "C4'" . DT C 3 12 ? 19.14852  6.08428   -0.35089  1.000 154.86961 ? 112 DT C "C4'" 1 
ATOM 617 O "O4'" . DT C 3 12 ? 17.83697  5.92432   -0.94645  1.000 149.04066 ? 112 DT C "O4'" 1 
ATOM 618 C "C3'" . DT C 3 12 ? 19.04759  7.39663   0.40745   1.000 155.01030 ? 112 DT C "C3'" 1 
ATOM 619 O "O3'" . DT C 3 12 ? 20.36922  7.94058   0.68880   1.000 162.00411 ? 112 DT C "O3'" 1 
ATOM 620 C "C2'" . DT C 3 12 ? 18.22264  8.24609   -0.55900  1.000 152.96320 ? 112 DT C "C2'" 1 
ATOM 621 C "C1'" . DT C 3 12 ? 17.24638  7.21086   -1.13262  1.000 147.80356 ? 112 DT C "C1'" 1 
ATOM 622 N N1    . DT C 3 12 ? 15.87373  7.21939   -0.49102  1.000 141.33077 ? 112 DT C N1    1 
ATOM 623 C C2    . DT C 3 12 ? 14.95558  8.18621   -0.85604  1.000 139.25097 ? 112 DT C C2    1 
ATOM 624 O O2    . DT C 3 12 ? 15.19682  9.06324   -1.66841  1.000 142.38747 ? 112 DT C O2    1 
ATOM 625 N N3    . DT C 3 12 ? 13.73533  8.08837   -0.22215  1.000 134.01626 ? 112 DT C N3    1 
ATOM 626 C C4    . DT C 3 12 ? 13.35484  7.13839   0.71543   1.000 130.79063 ? 112 DT C C4    1 
ATOM 627 O O4    . DT C 3 12 ? 12.24029  7.12960   1.22889   1.000 126.77934 ? 112 DT C O4    1 
ATOM 628 C C5    . DT C 3 12 ? 14.36030  6.15554   1.04418   1.000 133.21892 ? 112 DT C C5    1 
ATOM 629 C C7    . DT C 3 12 ? 14.06086  5.07691   2.04216   1.000 130.87260 ? 112 DT C C7    1 
ATOM 630 C C6    . DT C 3 12 ? 15.55302  6.24112   0.43262   1.000 138.29980 ? 112 DT C C6    1 
ATOM 631 P P     . DG C 3 13 ? 21.16818  8.86573   -0.36364  1.000 174.04814 ? 113 DG C P     1 
ATOM 632 O OP1   . DG C 3 13 ? 21.00115  8.34486   -1.73892  1.000 173.98870 ? 113 DG C OP1   1 
ATOM 633 O OP2   . DG C 3 13 ? 22.53576  9.02819   0.17579   1.000 181.22787 ? 113 DG C OP2   1 
ATOM 634 O "O5'" . DG C 3 13 ? 20.46717  10.29713  -0.24345  1.000 172.56195 ? 113 DG C "O5'" 1 
ATOM 635 C "C5'" . DG C 3 13 ? 20.21809  11.06363  -1.41615  1.000 174.01995 ? 113 DG C "C5'" 1 
ATOM 636 C "C4'" . DG C 3 13 ? 19.15452  12.11234  -1.15326  1.000 170.72794 ? 113 DG C "C4'" 1 
ATOM 637 O "O4'" . DG C 3 13 ? 17.88922  11.46124  -0.85473  1.000 163.13203 ? 113 DG C "O4'" 1 
ATOM 638 C "C3'" . DG C 3 13 ? 19.45253  13.04038  0.03087   1.000 173.09186 ? 113 DG C "C3'" 1 
ATOM 639 O "O3'" . DG C 3 13 ? 19.30779  14.39170  -0.35796  1.000 176.33393 ? 113 DG C "O3'" 1 
ATOM 640 C "C2'" . DG C 3 13 ? 18.41056  12.64835  1.07362   1.000 166.46343 ? 113 DG C "C2'" 1 
ATOM 641 C "C1'" . DG C 3 13 ? 17.27245  12.14117  0.20552   1.000 160.93759 ? 113 DG C "C1'" 1 
ATOM 642 N N9    . DG C 3 13 ? 16.38753  11.23312  0.92785   1.000 154.70490 ? 113 DG C N9    1 
ATOM 643 C C8    . DG C 3 13 ? 16.75281  10.13073  1.66566   1.000 153.64882 ? 113 DG C C8    1 
ATOM 644 N N7    . DG C 3 13 ? 15.74744  9.53047   2.23619   1.000 148.27723 ? 113 DG C N7    1 
ATOM 645 C C5    . DG C 3 13 ? 14.64434  10.29128  1.86378   1.000 145.56103 ? 113 DG C C5    1 
ATOM 646 C C6    . DG C 3 13 ? 13.27452  10.12853  2.18148   1.000 140.31497 ? 113 DG C C6    1 
ATOM 647 O O6    . DG C 3 13 ? 12.74820  9.25001   2.87662   1.000 136.85105 ? 113 DG C O6    1 
ATOM 648 N N1    . DG C 3 13 ? 12.48243  11.12452  1.60227   1.000 139.96824 ? 113 DG C N1    1 
ATOM 649 C C2    . DG C 3 13 ? 12.95818  12.15346  0.81664   1.000 144.26429 ? 113 DG C C2    1 
ATOM 650 N N2    . DG C 3 13 ? 12.04361  13.02691  0.34743   1.000 143.92272 ? 113 DG C N2    1 
ATOM 651 N N3    . DG C 3 13 ? 14.24382  12.31631  0.51343   1.000 149.24155 ? 113 DG C N3    1 
ATOM 652 C C4    . DG C 3 13 ? 15.02335  11.34610  1.06342   1.000 149.51099 ? 113 DG C C4    1 
ATOM 653 P P     . DC C 3 14 ? 19.93643  15.55952  0.54809   1.000 181.34036 ? 114 DC C P     1 
ATOM 654 O OP1   . DC C 3 14 ? 20.93003  16.27519  -0.28264  1.000 189.26929 ? 114 DC C OP1   1 
ATOM 655 O OP2   . DC C 3 14 ? 20.35755  14.96633  1.83867   1.000 180.66264 ? 114 DC C OP2   1 
ATOM 656 O "O5'" . DC C 3 14 ? 18.69587  16.53017  0.82932   1.000 178.42865 ? 114 DC C "O5'" 1 
ATOM 657 C "C5'" . DC C 3 14 ? 17.74003  16.78959  -0.20047  1.000 176.07320 ? 114 DC C "C5'" 1 
ATOM 658 C "C4'" . DC C 3 14 ? 16.43723  17.27258  0.40458   1.000 171.84917 ? 114 DC C "C4'" 1 
ATOM 659 O "O4'" . DC C 3 14 ? 15.61999  16.12467  0.75230   1.000 164.49220 ? 114 DC C "O4'" 1 
ATOM 660 C "C3'" . DC C 3 14 ? 16.61423  18.09960  1.68070   1.000 174.59617 ? 114 DC C "C3'" 1 
ATOM 661 O "O3'" . DC C 3 14 ? 16.12473  19.43104  1.49694   1.000 178.01646 ? 114 DC C "O3'" 1 
ATOM 662 C "C2'" . DC C 3 14 ? 15.82522  17.34149  2.75215   1.000 168.29193 ? 114 DC C "C2'" 1 
ATOM 663 C "C1'" . DC C 3 14 ? 14.95380  16.35741  1.96736   1.000 162.05757 ? 114 DC C "C1'" 1 
ATOM 664 N N1    . DC C 3 14 ? 14.78417  15.03221  2.68345   1.000 156.94036 ? 114 DC C N1    1 
ATOM 665 C C2    . DC C 3 14 ? 13.52275  14.63559  3.18665   1.000 151.32765 ? 114 DC C C2    1 
ATOM 666 O O2    . DC C 3 14 ? 12.53891  15.37083  3.02378   1.000 150.51930 ? 114 DC C O2    1 
ATOM 667 N N3    . DC C 3 14 ? 13.42331  13.43958  3.84182   1.000 147.58296 ? 114 DC C N3    1 
ATOM 668 C C4    . DC C 3 14 ? 14.50623  12.67107  4.00037   1.000 149.30418 ? 114 DC C C4    1 
ATOM 669 N N4    . DC C 3 14 ? 14.36695  11.50708  4.65186   1.000 146.19917 ? 114 DC C N4    1 
ATOM 670 C C5    . DC C 3 14 ? 15.78668  13.06618  3.50865   1.000 155.02826 ? 114 DC C C5    1 
ATOM 671 C C6    . DC C 3 14 ? 15.87432  14.23116  2.85611   1.000 158.58755 ? 114 DC C C6    1 
ATOM 672 P P     . DC D 4 1  ? -3.13314  -18.40390 -5.31598  1.000 93.57815  ? 113 DC D P     1 
ATOM 673 O OP1   . DC D 4 1  ? -1.99445  -19.33973 -5.42633  1.000 93.50183  ? 113 DC D OP1   1 
ATOM 674 O OP2   . DC D 4 1  ? -3.20794  -17.23814 -6.21953  1.000 92.26151  ? 113 DC D OP2   1 
ATOM 675 O "O5'" . DC D 4 1  ? -3.20210  -17.82648 -3.83284  1.000 93.22052  ? 113 DC D "O5'" 1 
ATOM 676 C "C5'" . DC D 4 1  ? -3.74982  -18.60681 -2.77206  1.000 95.15463  ? 113 DC D "C5'" 1 
ATOM 677 C "C4'" . DC D 4 1  ? -4.47108  -17.70053 -1.79494  1.000 95.32967  ? 113 DC D "C4'" 1 
ATOM 678 O "O4'" . DC D 4 1  ? -3.56840  -17.27036 -0.72289  1.000 94.36693  ? 113 DC D "O4'" 1 
ATOM 679 C "C3'" . DC D 4 1  ? -5.00547  -16.42049 -2.43325  1.000 94.20298  ? 113 DC D "C3'" 1 
ATOM 680 O "O3'" . DC D 4 1  ? -6.31479  -16.16269 -1.95158  1.000 95.92852  ? 113 DC D "O3'" 1 
ATOM 681 C "C2'" . DC D 4 1  ? -4.00377  -15.36348 -1.96736  1.000 91.97754  ? 113 DC D "C2'" 1 
ATOM 682 C "C1'" . DC D 4 1  ? -3.68391  -15.87213 -0.57338  1.000 92.96055  ? 113 DC D "C1'" 1 
ATOM 683 N N1    . DC D 4 1  ? -2.41132  -15.28534 0.00579   1.000 91.48618  ? 113 DC D N1    1 
ATOM 684 C C2    . DC D 4 1  ? -2.20099  -15.30173 1.39029   1.000 92.48506  ? 113 DC D C2    1 
ATOM 685 O O2    . DC D 4 1  ? -3.04584  -15.83799 2.12287   1.000 94.50881  ? 113 DC D O2    1 
ATOM 686 N N3    . DC D 4 1  ? -1.06387  -14.74072 1.88793   1.000 91.56386  ? 113 DC D N3    1 
ATOM 687 C C4    . DC D 4 1  ? -0.17750  -14.17868 1.06203   1.000 89.69900  ? 113 DC D C4    1 
ATOM 688 N N4    . DC D 4 1  ? 0.92593   -13.64923 1.59247   1.000 89.24655  ? 113 DC D N4    1 
ATOM 689 C C5    . DC D 4 1  ? -0.38434  -14.13812 -0.34478  1.000 88.59635  ? 113 DC D C5    1 
ATOM 690 C C6    . DC D 4 1  ? -1.51066  -14.67591 -0.82090  1.000 89.53911  ? 113 DC D C6    1 
ATOM 691 P P     . DG D 4 2  ? -7.57518  -16.18806 -2.95104  1.000 105.16256 ? 114 DG D P     1 
ATOM 692 O OP1   . DG D 4 2  ? -7.23779  -17.03923 -4.11801  1.000 102.87787 ? 114 DG D OP1   1 
ATOM 693 O OP2   . DG D 4 2  ? -8.02141  -14.78271 -3.14653  1.000 100.77798 ? 114 DG D OP2   1 
ATOM 694 O "O5'" . DG D 4 2  ? -8.71817  -16.90406 -2.09635  1.000 103.50514 ? 114 DG D "O5'" 1 
ATOM 695 C "C5'" . DG D 4 2  ? -9.74105  -16.11470 -1.52098  1.000 102.94871 ? 114 DG D "C5'" 1 
ATOM 696 C "C4'" . DG D 4 2  ? -9.74383  -16.22600 -0.00564  1.000 103.31695 ? 114 DG D "C4'" 1 
ATOM 697 O "O4'" . DG D 4 2  ? -8.41118  -15.96409 0.53446   1.000 100.89134 ? 114 DG D "O4'" 1 
ATOM 698 C "C3'" . DG D 4 2  ? -10.65383 -15.23620 0.68956   1.000 104.32630 ? 114 DG D "C3'" 1 
ATOM 699 O "O3'" . DG D 4 2  ? -11.10219 -15.79981 1.93559   1.000 106.81936 ? 114 DG D "O3'" 1 
ATOM 700 C "C2'" . DG D 4 2  ? -9.71999  -14.03803 0.86864   1.000 101.21318 ? 114 DG D "C2'" 1 
ATOM 701 C "C1'" . DG D 4 2  ? -8.38290  -14.70063 1.19513   1.000 99.81715  ? 114 DG D "C1'" 1 
ATOM 702 N N9    . DG D 4 2  ? -7.20320  -13.98058 0.69377   1.000 96.75873  ? 114 DG D N9    1 
ATOM 703 C C8    . DG D 4 2  ? -6.91413  -13.74596 -0.62356  1.000 95.24728  ? 114 DG D C8    1 
ATOM 704 N N7    . DG D 4 2  ? -5.78799  -13.12862 -0.81806  1.000 92.90229  ? 114 DG D N7    1 
ATOM 705 C C5    . DG D 4 2  ? -5.26814  -12.94419 0.45320   1.000 92.84856  ? 114 DG D C5    1 
ATOM 706 C C6    . DG D 4 2  ? -4.05558  -12.32577 0.84809   1.000 91.16883  ? 114 DG D C6    1 
ATOM 707 O O6    . DG D 4 2  ? -3.19514  -11.82240 0.12207   1.000 89.31498  ? 114 DG D O6    1 
ATOM 708 N N1    . DG D 4 2  ? -3.88748  -12.33010 2.22857   1.000 92.21298  ? 114 DG D N1    1 
ATOM 709 C C2    . DG D 4 2  ? -4.78610  -12.86906 3.12545   1.000 94.58082  ? 114 DG D C2    1 
ATOM 710 N N2    . DG D 4 2  ? -4.44663  -12.77143 4.42646   1.000 95.61305  ? 114 DG D N2    1 
ATOM 711 N N3    . DG D 4 2  ? -5.94367  -13.46438 2.76773   1.000 96.20157  ? 114 DG D N3    1 
ATOM 712 C C4    . DG D 4 2  ? -6.11592  -13.46573 1.41228   1.000 95.20366  ? 114 DG D C4    1 
ATOM 713 P P     . DG D 4 3  ? -11.93746 -14.93883 3.00724   1.000 108.04051 ? 115 DG D P     1 
ATOM 714 O OP1   . DG D 4 3  ? -12.95613 -15.84131 3.59731   1.000 111.99415 ? 115 DG D OP1   1 
ATOM 715 O OP2   . DG D 4 3  ? -12.37645 -13.67016 2.37494   1.000 106.95300 ? 115 DG D OP2   1 
ATOM 716 O "O5'" . DG D 4 3  ? -10.83153 -14.61259 4.12024   1.000 106.43820 ? 115 DG D "O5'" 1 
ATOM 717 C "C5'" . DG D 4 3  ? -11.09423 -14.84491 5.50154   1.000 108.80307 ? 115 DG D "C5'" 1 
ATOM 718 C "C4'" . DG D 4 3  ? -10.92174 -13.55548 6.27571   1.000 107.89751 ? 115 DG D "C4'" 1 
ATOM 719 O "O4'" . DG D 4 3  ? -9.74986  -12.87299 5.75993   1.000 104.31678 ? 115 DG D "O4'" 1 
ATOM 720 C "C3'" . DG D 4 3  ? -12.10476 -12.59049 6.14745   1.000 108.97772 ? 115 DG D "C3'" 1 
ATOM 721 O "O3'" . DG D 4 3  ? -12.73630 -12.27505 7.44618   1.000 111.66711 ? 115 DG D "O3'" 1 
ATOM 722 C "C2'" . DG D 4 3  ? -11.56421 -11.35135 5.43001   1.000 105.65881 ? 115 DG D "C2'" 1 
ATOM 723 C "C1'" . DG D 4 3  ? -10.04486 -11.54424 5.38756   1.000 102.95027 ? 115 DG D "C1'" 1 
ATOM 724 N N9    . DG D 4 3  ? -9.49613  -11.29627 4.06304   1.000 100.24703 ? 115 DG D N9    1 
ATOM 725 C C8    . DG D 4 3  ? -10.07894 -11.62851 2.87545   1.000 100.47421 ? 115 DG D C8    1 
ATOM 726 N N7    . DG D 4 3  ? -9.38727  -11.27062 1.83849   1.000 98.00735  ? 115 DG D N7    1 
ATOM 727 C C5    . DG D 4 3  ? -8.27317  -10.65732 2.36746   1.000 95.98723  ? 115 DG D C5    1 
ATOM 728 C C6    . DG D 4 3  ? -7.17822  -10.07297 1.71160   1.000 93.26186  ? 115 DG D C6    1 
ATOM 729 O O6    . DG D 4 3  ? -6.97380  -9.99676  0.49936   1.000 92.02101  ? 115 DG D O6    1 
ATOM 730 N N1    . DG D 4 3  ? -6.26104  -9.54394  2.61322   1.000 92.34787  ? 115 DG D N1    1 
ATOM 731 C C2    . DG D 4 3  ? -6.39043  -9.58234  3.98187   1.000 93.93456  ? 115 DG D C2    1 
ATOM 732 N N2    . DG D 4 3  ? -5.39693  -9.02186  4.69391   1.000 93.12309  ? 115 DG D N2    1 
ATOM 733 N N3    . DG D 4 3  ? -7.42274  -10.13649 4.61336   1.000 96.50697  ? 115 DG D N3    1 
ATOM 734 C C4    . DG D 4 3  ? -8.32386  -10.65123 3.74067   1.000 97.35993  ? 115 DG D C4    1 
ATOM 735 P P     . DA D 4 4  ? -11.89628 -11.96396 8.79408   1.000 113.61071 ? 116 DA D P     1 
ATOM 736 O OP1   . DA D 4 4  ? -11.28377 -13.22556 9.29342   1.000 113.31797 ? 116 DA D OP1   1 
ATOM 737 O OP2   . DA D 4 4  ? -12.81545 -11.21275 9.68709   1.000 114.70899 ? 116 DA D OP2   1 
ATOM 738 O "O5'" . DA D 4 4  ? -10.76546 -10.92343 8.33799   1.000 108.27326 ? 116 DA D "O5'" 1 
ATOM 739 C "C5'" . DA D 4 4  ? -9.47072  -10.95896 8.93119   1.000 107.06329 ? 116 DA D "C5'" 1 
ATOM 740 C "C4'" . DA D 4 4  ? -8.98709  -9.55538  9.26590   1.000 105.49313 ? 116 DA D "C4'" 1 
ATOM 741 O "O4'" . DA D 4 4  ? -8.47693  -8.89069  8.07513   1.000 102.19668 ? 116 DA D "O4'" 1 
ATOM 742 C "C3'" . DA D 4 4  ? -10.03066 -8.61879  9.85938   1.000 107.26644 ? 116 DA D "C3'" 1 
ATOM 743 O "O3'" . DA D 4 4  ? -9.39553  -7.82566  10.86148  1.000 107.38018 ? 116 DA D "O3'" 1 
ATOM 744 C "C2'" . DA D 4 4  ? -10.49758 -7.79111  8.64316   1.000 105.29314 ? 116 DA D "C2'" 1 
ATOM 745 C "C1'" . DA D 4 4  ? -9.23495  -7.72175  7.78108   1.000 101.86788 ? 116 DA D "C1'" 1 
ATOM 746 N N9    . DA D 4 4  ? -9.46955  -7.71370  6.32760   1.000 100.20023 ? 116 DA D N9    1 
ATOM 747 C C8    . DA D 4 4  ? -10.53046 -8.24846  5.64782   1.000 101.60753 ? 116 DA D C8    1 
ATOM 748 N N7    . DA D 4 4  ? -10.43944 -8.13250  4.33982   1.000 99.88519  ? 116 DA D N7    1 
ATOM 749 C C5    . DA D 4 4  ? -9.23224  -7.48113  4.14847   1.000 97.07952  ? 116 DA D C5    1 
ATOM 750 C C6    . DA D 4 4  ? -8.55254  -7.05521  2.98646   1.000 94.54415  ? 116 DA D C6    1 
ATOM 751 N N6    . DA D 4 4  ? -9.02798  -7.23767  1.75009   1.000 94.42874  ? 116 DA D N6    1 
ATOM 752 N N1    . DA D 4 4  ? -7.35725  -6.43146  3.14898   1.000 92.49880  ? 116 DA D N1    1 
ATOM 753 C C2    . DA D 4 4  ? -6.89126  -6.25530  4.39295   1.000 93.04521  ? 116 DA D C2    1 
ATOM 754 N N3    . DA D 4 4  ? -7.43795  -6.61162  5.55554   1.000 95.37842  ? 116 DA D N3    1 
ATOM 755 C C4    . DA D 4 4  ? -8.61789  -7.22444  5.36196   1.000 97.27139  ? 116 DA D C4    1 
ATOM 756 P P     . DC D 4 5  ? -10.20950 -6.75589  11.73789  1.000 108.64774 ? 117 DC D P     1 
ATOM 757 O OP1   . DC D 4 5  ? -9.73532  -6.91175  13.13389  1.000 110.91618 ? 117 DC D OP1   1 
ATOM 758 O OP2   . DC D 4 5  ? -11.65678 -6.88092  11.43367  1.000 110.59942 ? 117 DC D OP2   1 
ATOM 759 O "O5'" . DC D 4 5  ? -9.64811  -5.35831  11.18589  1.000 105.62983 ? 117 DC D "O5'" 1 
ATOM 760 C "C5'" . DC D 4 5  ? -8.23130  -5.18687  11.07087  1.000 103.33364 ? 117 DC D "C5'" 1 
ATOM 761 C "C4'" . DC D 4 5  ? -7.84794  -4.15637  10.01182  1.000 100.20524 ? 117 DC D "C4'" 1 
ATOM 762 O "O4'" . DC D 4 5  ? -8.26456  -4.57306  8.68752   1.000 98.77335  ? 117 DC D "O4'" 1 
ATOM 763 C "C3'" . DC D 4 5  ? -8.40652  -2.73917  10.19869  1.000 100.37652 ? 117 DC D "C3'" 1 
ATOM 764 O "O3'" . DC D 4 5  ? -7.32287  -1.83953  10.16527  1.000 98.52662  ? 117 DC D "O3'" 1 
ATOM 765 C "C2'" . DC D 4 5  ? -9.31426  -2.55631  8.97171   1.000 99.44250  ? 117 DC D "C2'" 1 
ATOM 766 C "C1'" . DC D 4 5  ? -8.56769  -3.40595  7.97360   1.000 97.34252  ? 117 DC D "C1'" 1 
ATOM 767 N N1    . DC D 4 5  ? -9.31097  -3.75973  6.73963   1.000 96.88866  ? 117 DC D N1    1 
ATOM 768 C C2    . DC D 4 5  ? -8.76246  -3.40087  5.51531   1.000 94.31870  ? 117 DC D C2    1 
ATOM 769 O O2    . DC D 4 5  ? -7.69308  -2.78072  5.51071   1.000 92.49290  ? 117 DC D O2    1 
ATOM 770 N N3    . DC D 4 5  ? -9.41572  -3.73598  4.37521   1.000 94.25057  ? 117 DC D N3    1 
ATOM 771 C C4    . DC D 4 5  ? -10.56410 -4.40559  4.43884   1.000 96.66018  ? 117 DC D C4    1 
ATOM 772 N N4    . DC D 4 5  ? -11.17148 -4.71499  3.28834   1.000 96.89558  ? 117 DC D N4    1 
ATOM 773 C C5    . DC D 4 5  ? -11.14081 -4.78907  5.68683   1.000 99.30854  ? 117 DC D C5    1 
ATOM 774 C C6    . DC D 4 5  ? -10.48345 -4.45169  6.80395   1.000 99.30275  ? 117 DC D C6    1 
ATOM 775 P P     . DA D 4 6  ? -7.43798  -0.37396  10.80833  1.000 102.13946 ? 118 DA D P     1 
ATOM 776 O OP1   . DA D 4 6  ? -7.04661  -0.49459  12.23071  1.000 104.55492 ? 118 DA D OP1   1 
ATOM 777 O OP2   . DA D 4 6  ? -8.75884  0.20352   10.45162  1.000 102.81485 ? 118 DA D OP2   1 
ATOM 778 O "O5'" . DA D 4 6  ? -6.30714  0.43744   10.01679  1.000 99.22337  ? 118 DA D "O5'" 1 
ATOM 779 C "C5'" . DA D 4 6  ? -5.54300  -0.23280  8.99638   1.000 97.02772  ? 118 DA D "C5'" 1 
ATOM 780 C "C4'" . DA D 4 6  ? -5.12115  0.72376   7.88055   1.000 94.54287  ? 118 DA D "C4'" 1 
ATOM 781 O "O4'" . DA D 4 6  ? -5.83662  0.41152   6.65767   1.000 93.50123  ? 118 DA D "O4'" 1 
ATOM 782 C "C3'" . DA D 4 6  ? -5.40164  2.20300   8.10745   1.000 94.70346  ? 118 DA D "C3'" 1 
ATOM 783 O "O3'" . DA D 4 6  ? -4.54557  2.94464   7.25667   1.000 92.60475  ? 118 DA D "O3'" 1 
ATOM 784 C "C2'" . DA D 4 6  ? -6.84189  2.30732   7.63762   1.000 95.32143  ? 118 DA D "C2'" 1 
ATOM 785 C "C1'" . DA D 4 6  ? -6.79583  1.43133   6.39488   1.000 93.80243  ? 118 DA D "C1'" 1 
ATOM 786 N N9    . DA D 4 6  ? -8.05267  0.77724   6.11894   1.000 95.14691  ? 118 DA D N9    1 
ATOM 787 C C8    . DA D 4 6  ? -8.94252  0.28867   7.03367   1.000 97.70206  ? 118 DA D C8    1 
ATOM 788 N N7    . DA D 4 6  ? -9.98911  -0.27925  6.49676   1.000 98.79200  ? 118 DA D N7    1 
ATOM 789 C C5    . DA D 4 6  ? -9.76196  -0.15756  5.13938   1.000 96.79506  ? 118 DA D C5    1 
ATOM 790 C C6    . DA D 4 6  ? -10.49993 -0.55970  4.02949   1.000 97.05238  ? 118 DA D C6    1 
ATOM 791 N N6    . DA D 4 6  ? -11.66899 -1.19319  4.12565   1.000 99.53493  ? 118 DA D N6    1 
ATOM 792 N N1    . DA D 4 6  ? -9.99124  -0.28800  2.81277   1.000 95.03042  ? 118 DA D N1    1 
ATOM 793 C C2    . DA D 4 6  ? -8.82236  0.34951   2.72400   1.000 92.88033  ? 118 DA D C2    1 
ATOM 794 N N3    . DA D 4 6  ? -8.03472  0.77745   3.69913   1.000 92.47576  ? 118 DA D N3    1 
ATOM 795 C C4    . DA D 4 6  ? -8.56952  0.48867   4.89260   1.000 94.51313  ? 118 DA D C4    1 
ATOM 796 P P     . DT D 4 7  ? -4.40533  4.54121   7.37272   1.000 98.26760  ? 119 DT D P     1 
ATOM 797 O OP1   . DT D 4 7  ? -3.31451  4.81488   8.33934   1.000 99.10060  ? 119 DT D OP1   1 
ATOM 798 O OP2   . DT D 4 7  ? -5.73318  5.17359   7.60325   1.000 99.54607  ? 119 DT D OP2   1 
ATOM 799 O "O5'" . DT D 4 7  ? -3.92168  4.93429   5.89574   1.000 95.89460  ? 119 DT D "O5'" 1 
ATOM 800 C "C5'" . DT D 4 7  ? -4.16584  4.03057   4.79910   1.000 94.79517  ? 119 DT D "C5'" 1 
ATOM 801 C "C4'" . DT D 4 7  ? -5.14664  4.63140   3.79749   1.000 94.43218  ? 119 DT D "C4'" 1 
ATOM 802 O "O4'" . DT D 4 7  ? -6.38213  3.88908   3.83246   1.000 95.72529  ? 119 DT D "O4'" 1 
ATOM 803 C "C3'" . DT D 4 7  ? -5.53952  6.10396   4.04883   1.000 94.96436  ? 119 DT D "C3'" 1 
ATOM 804 O "O3'" . DT D 4 7  ? -5.01820  6.97935   3.00570   1.000 93.55530  ? 119 DT D "O3'" 1 
ATOM 805 C "C2'" . DT D 4 7  ? -7.07465  6.09797   4.11923   1.000 96.56542  ? 119 DT D "C2'" 1 
ATOM 806 C "C1'" . DT D 4 7  ? -7.42750  4.76357   3.48427   1.000 96.46543  ? 119 DT D "C1'" 1 
ATOM 807 N N1    . DT D 4 7  ? -8.67439  4.19094   3.96758   1.000 98.58249  ? 119 DT D N1    1 
ATOM 808 C C2    . DT D 4 7  ? -9.58223  3.71495   3.05660   1.000 99.19179  ? 119 DT D C2    1 
ATOM 809 O O2    . DT D 4 7  ? -9.41273  3.77294   1.84835   1.000 98.04150  ? 119 DT D O2    1 
ATOM 810 N N3    . DT D 4 7  ? -10.70905 3.18255   3.60937   1.000 101.57617 ? 119 DT D N3    1 
ATOM 811 C C4    . DT D 4 7  ? -11.00736 3.07578   4.95586   1.000 103.35840 ? 119 DT D C4    1 
ATOM 812 O O4    . DT D 4 7  ? -12.05144 2.57905   5.35341   1.000 105.75885 ? 119 DT D O4    1 
ATOM 813 C C5    . DT D 4 7  ? -10.00147 3.59304   5.85822   1.000 102.58154 ? 119 DT D C5    1 
ATOM 814 C C7    . DT D 4 7  ? -10.20832 3.53706   7.34240   1.000 104.73959 ? 119 DT D C7    1 
ATOM 815 C C6    . DT D 4 7  ? -8.89691  4.11711   5.32457   1.000 100.27922 ? 119 DT D C6    1 
ATOM 816 P P     . DC D 4 8  ? -5.75173  7.18367   1.58319   1.000 98.25253  ? 120 DC D P     1 
ATOM 817 O OP1   . DC D 4 8  ? -6.16177  5.87279   1.02007   1.000 98.25948  ? 120 DC D OP1   1 
ATOM 818 O OP2   . DC D 4 8  ? -4.82736  8.02343   0.78984   1.000 96.99624  ? 120 DC D OP2   1 
ATOM 819 O "O5'" . DC D 4 8  ? -7.01204  8.11613   1.91305   1.000 99.86785  ? 120 DC D "O5'" 1 
ATOM 820 C "C5'" . DC D 4 8  ? -7.66019  8.81903   0.86478   1.000 100.06945 ? 120 DC D "C5'" 1 
ATOM 821 C "C4'" . DC D 4 8  ? -7.80817  7.95199   -0.38098  1.000 99.58736  ? 120 DC D "C4'" 1 
ATOM 822 O "O4'" . DC D 4 8  ? -8.46658  6.70720   -0.03378  1.000 100.54793 ? 120 DC D "O4'" 1 
ATOM 823 C "C3'" . DC D 4 8  ? -8.68762  8.55574   -1.45059  1.000 100.53043 ? 120 DC D "C3'" 1 
ATOM 824 O "O3'" . DC D 4 8  ? -8.43615  7.94568   -2.69235  1.000 99.91401  ? 120 DC D "O3'" 1 
ATOM 825 C "C2'" . DC D 4 8  ? -10.07230 8.19952   -0.93860  1.000 102.74321 ? 120 DC D "C2'" 1 
ATOM 826 C "C1'" . DC D 4 8  ? -9.84546  6.80385   -0.35938  1.000 102.49684 ? 120 DC D "C1'" 1 
ATOM 827 N N1    . DC D 4 8  ? -10.64850 6.53343   0.86843   1.000 104.33342 ? 120 DC D N1    1 
ATOM 828 C C2    . DC D 4 8  ? -11.88878 5.90456   0.75417   1.000 106.54207 ? 120 DC D C2    1 
ATOM 829 O O2    . DC D 4 8  ? -12.29491 5.58481   -0.36729  1.000 106.94657 ? 120 DC D O2    1 
ATOM 830 N N3    . DC D 4 8  ? -12.60673 5.66195   1.88027   1.000 108.51715 ? 120 DC D N3    1 
ATOM 831 C C4    . DC D 4 8  ? -12.13042 6.02451   3.06905   1.000 108.32975 ? 120 DC D C4    1 
ATOM 832 N N4    . DC D 4 8  ? -12.87230 5.76524   4.15201   1.000 110.62201 ? 120 DC D N4    1 
ATOM 833 C C5    . DC D 4 8  ? -10.86975 6.67433   3.20395   1.000 106.15371 ? 120 DC D C5    1 
ATOM 834 C C6    . DC D 4 8  ? -10.16978 6.90424   2.08957   1.000 104.22111 ? 120 DC D C6    1 
ATOM 835 P P     . DA D 4 9  ? -9.19817  8.48519   -3.99742  1.000 104.41078 ? 121 DA D P     1 
ATOM 836 O OP1   . DA D 4 9  ? -8.45417  8.04585   -5.19596  1.000 103.41490 ? 121 DA D OP1   1 
ATOM 837 O OP2   . DA D 4 9  ? -9.40339  9.93756   -3.76753  1.000 104.95141 ? 121 DA D OP2   1 
ATOM 838 O "O5'" . DA D 4 9  ? -10.61903 7.73346   -3.95648  1.000 106.72461 ? 121 DA D "O5'" 1 
ATOM 839 C "C5'" . DA D 4 9  ? -11.41587 7.64199   -5.13994  1.000 108.45860 ? 121 DA D "C5'" 1 
ATOM 840 C "C4'" . DA D 4 9  ? -12.88834 7.94544   -4.86116  1.000 111.39075 ? 121 DA D "C4'" 1 
ATOM 841 O "O4'" . DA D 4 9  ? -13.22549 7.65090   -3.47536  1.000 111.80193 ? 121 DA D "O4'" 1 
ATOM 842 C "C3'" . DA D 4 9  ? -13.31928 9.40354   -5.09698  1.000 112.52582 ? 121 DA D "C3'" 1 
ATOM 843 O "O3'" . DA D 4 9  ? -14.50003 9.43485   -5.87990  1.000 115.54515 ? 121 DA D "O3'" 1 
ATOM 844 C "C2'" . DA D 4 9  ? -13.58367 9.92564   -3.68555  1.000 112.78854 ? 121 DA D "C2'" 1 
ATOM 845 C "C1'" . DA D 4 9  ? -14.08708 8.66637   -3.01509  1.000 113.68413 ? 121 DA D "C1'" 1 
ATOM 846 N N9    . DA D 4 9  ? -14.04981 8.71074   -1.55839  1.000 113.58132 ? 121 DA D N9    1 
ATOM 847 C C8    . DA D 4 9  ? -13.10064 9.29325   -0.76236  1.000 111.70699 ? 121 DA D C8    1 
ATOM 848 N N7    . DA D 4 9  ? -13.34146 9.17225   0.52073   1.000 112.54038 ? 121 DA D N7    1 
ATOM 849 C C5    . DA D 4 9  ? -14.53607 8.47351   0.56227   1.000 115.08754 ? 121 DA D C5    1 
ATOM 850 C C6    . DA D 4 9  ? -15.33226 8.02778   1.62382   1.000 117.32307 ? 121 DA D C6    1 
ATOM 851 N N6    . DA D 4 9  ? -15.01642 8.23425   2.89978   1.000 117.27066 ? 121 DA D N6    1 
ATOM 852 N N1    . DA D 4 9  ? -16.47068 7.35342   1.31716   1.000 119.99098 ? 121 DA D N1    1 
ATOM 853 C C2    . DA D 4 9  ? -16.77410 7.15495   0.03166   1.000 120.39196 ? 121 DA D C2    1 
ATOM 854 N N3    . DA D 4 9  ? -16.10264 7.52782   -1.04997  1.000 118.47924 ? 121 DA D N3    1 
ATOM 855 C C4    . DA D 4 9  ? -14.98378 8.18711   -0.71104  1.000 115.79395 ? 121 DA D C4    1 
# 
loop_
_atom_site_anisotrop.id 
_atom_site_anisotrop.type_symbol 
_atom_site_anisotrop.pdbx_label_atom_id 
_atom_site_anisotrop.pdbx_label_alt_id 
_atom_site_anisotrop.pdbx_label_comp_id 
_atom_site_anisotrop.pdbx_label_asym_id 
_atom_site_anisotrop.pdbx_label_seq_id 
_atom_site_anisotrop.pdbx_PDB_ins_code 
_atom_site_anisotrop.U[1][1] 
_atom_site_anisotrop.U[2][2] 
_atom_site_anisotrop.U[3][3] 
_atom_site_anisotrop.U[1][2] 
_atom_site_anisotrop.U[1][3] 
_atom_site_anisotrop.U[2][3] 
_atom_site_anisotrop.pdbx_auth_seq_id 
_atom_site_anisotrop.pdbx_auth_comp_id 
_atom_site_anisotrop.pdbx_auth_asym_id 
_atom_site_anisotrop.pdbx_auth_atom_id 
1   O "O5'" . DG A 1  ? 2.04789 2.36820 1.51198 0.13589  -0.85820 -0.61868 101 DG A "O5'" 
2   C "C5'" . DG A 1  ? 2.09834 2.41295 1.53735 0.14558  -0.87675 -0.62829 101 DG A "C5'" 
3   C "C4'" . DG A 1  ? 2.18186 2.40369 1.53250 0.14276  -0.88158 -0.63850 101 DG A "C4'" 
4   O "O4'" . DG A 1  ? 2.22602 2.45608 1.58011 0.09362  -0.89283 -0.66742 101 DG A "O4'" 
5   C "C3'" . DG A 1  ? 2.18826 2.33115 1.49719 0.14851  -0.85047 -0.61741 101 DG A "C3'" 
6   O "O3'" . DG A 1  ? 2.18782 2.28637 1.45540 0.19654  -0.83926 -0.59393 101 DG A "O3'" 
7   C "C2'" . DG A 1  ? 2.27053 2.34318 1.52301 0.11620  -0.84950 -0.63434 101 DG A "C2'" 
8   C "C1'" . DG A 1  ? 2.28673 2.42535 1.57177 0.07856  -0.88230 -0.67129 101 DG A "C1'" 
9   N N9    . DG A 1  ? 2.29146 2.44443 1.60526 0.02283  -0.87268 -0.68589 101 DG A N9    
10  C C8    . DG A 1  ? 2.26562 2.50896 1.64567 -0.01412 -0.88952 -0.71277 101 DG A C8    
11  N N7    . DG A 1  ? 2.28589 2.51592 1.67068 -0.06530 -0.87410 -0.72290 101 DG A N7    
12  C C5    . DG A 1  ? 2.32985 2.45117 1.64589 -0.05942 -0.84794 -0.70065 101 DG A C5    
13  C C6    . DG A 1  ? 2.37459 2.42840 1.65748 -0.09932 -0.82470 -0.69904 101 DG A C6    
14  O O6    . DG A 1  ? 2.38564 2.46115 1.69068 -0.15258 -0.82082 -0.71725 101 DG A O6    
15  N N1    . DG A 1  ? 2.41376 2.36323 1.62874 -0.07236 -0.80425 -0.67451 101 DG A N1    
16  C C2    . DG A 1  ? 2.40806 2.32713 1.59363 -0.01696 -0.80357 -0.65557 101 DG A C2    
17  N N2    . DG A 1  ? 2.45001 2.27114 1.57518 0.00208  -0.78093 -0.63639 101 DG A N2    
18  N N3    . DG A 1  ? 2.36894 2.34713 1.58010 0.01724  -0.82342 -0.65659 101 DG A N3    
19  C C4    . DG A 1  ? 2.33201 2.40838 1.60734 -0.00516 -0.84628 -0.67885 101 DG A C4    
20  P P     . DA A 2  ? 2.13834 2.21054 1.41502 0.21800  -0.79983 -0.55792 102 DA A P     
21  O OP1   . DA A 2  ? 2.09807 2.19588 1.38116 0.26074  -0.80089 -0.54158 102 DA A OP1   
22  O OP2   . DA A 2  ? 2.09145 2.19982 1.42663 0.18485  -0.78513 -0.55316 102 DA A OP2   
23  O "O5'" . DA A 2  ? 2.20845 2.17444 1.40726 0.22598  -0.77944 -0.55172 102 DA A "O5'" 
24  C "C5'" . DA A 2  ? 2.19098 2.11266 1.38174 0.24349  -0.74471 -0.52524 102 DA A "C5'" 
25  C "C4'" . DA A 2  ? 2.19706 2.09511 1.40128 0.20927  -0.72910 -0.52327 102 DA A "C4'" 
26  O "O4'" . DA A 2  ? 2.21433 2.14759 1.43893 0.16412  -0.75157 -0.54955 102 DA A "O4'" 
27  C "C3'" . DA A 2  ? 2.12279 2.05501 1.38353 0.21045  -0.70759 -0.49849 102 DA A "C3'" 
28  O "O3'" . DA A 2  ? 2.14368 2.00565 1.37839 0.21749  -0.67996 -0.48097 102 DA A "O3'" 
29  C "C2'" . DA A 2  ? 2.09990 2.09071 1.41185 0.16460  -0.72071 -0.51350 102 DA A "C2'" 
30  C "C1'" . DA A 2  ? 2.18063 2.13177 1.44748 0.13458  -0.73730 -0.54186 102 DA A "C1'" 
31  N N9    . DA A 2  ? 2.17401 2.18723 1.48249 0.08913  -0.75634 -0.56684 102 DA A N9    
32  C C8    . DA A 2  ? 2.13229 2.23688 1.49322 0.08638  -0.78009 -0.58254 102 DA A C8    
33  N N7    . DA A 2  ? 2.13378 2.28480 1.53079 0.03954  -0.79031 -0.60618 102 DA A N7    
34  C C5    . DA A 2  ? 2.18188 2.26161 1.54232 0.00752  -0.77129 -0.60406 102 DA A C5    
35  C C6    . DA A 2  ? 2.21318 2.29053 1.57893 -0.04988 -0.76850 -0.62299 102 DA A C6    
36  N N6    . DA A 2  ? 2.19407 2.35497 1.61379 -0.08726 -0.78422 -0.65068 102 DA A N6    
37  N N1    . DA A 2  ? 2.26935 2.25388 1.58127 -0.06781 -0.74851 -0.61385 102 DA A N1    
38  C C2    . DA A 2  ? 2.28819 2.19512 1.55202 -0.02814 -0.73317 -0.58883 102 DA A C2    
39  N N3    . DA A 2  ? 2.25897 2.16625 1.51837 0.02553  -0.73212 -0.57122 102 DA A N3    
40  C C4    . DA A 2  ? 2.20700 2.20093 1.51355 0.03959  -0.75148 -0.57943 102 DA A C4    
41  P P     . DG A 3  ? 2.15169 1.99259 1.40071 0.17874  -0.67008 -0.47825 103 DG A P     
42  O OP1   . DG A 3  ? 2.07469 1.98966 1.39305 0.16356  -0.66798 -0.46773 103 DG A OP1   
43  O OP2   . DG A 3  ? 2.23163 2.02691 1.43544 0.14583  -0.68346 -0.50403 103 DG A OP2   
44  O "O5'" . DG A 3  ? 2.17418 1.93917 1.39232 0.20273  -0.64349 -0.45706 103 DG A "O5'" 
45  C "C5'" . DG A 3  ? 2.23514 1.92893 1.41954 0.17729  -0.63715 -0.46010 103 DG A "C5'" 
46  C "C4'" . DG A 3  ? 2.21211 1.93536 1.43398 0.13246  -0.63932 -0.45962 103 DG A "C4'" 
47  O "O4'" . DG A 3  ? 2.21171 1.98914 1.45303 0.09379  -0.66022 -0.48505 103 DG A "O4'" 
48  C "C3'" . DG A 3  ? 2.12545 1.90977 1.41003 0.14034  -0.62896 -0.43641 103 DG A "C3'" 
49  O "O3'" . DG A 3  ? 2.13054 1.86252 1.40511 0.15623  -0.60989 -0.41297 103 DG A "O3'" 
50  C "C2'" . DG A 3  ? 2.10529 1.94313 1.42852 0.08901  -0.63909 -0.44966 103 DG A "C2'" 
51  C "C1'" . DG A 3  ? 2.17354 1.99228 1.46051 0.05812  -0.65704 -0.48166 103 DG A "C1'" 
52  N N9    . DG A 3  ? 2.13725 2.04629 1.47323 0.03066  -0.67542 -0.50329 103 DG A N9    
53  C C8    . DG A 3  ? 2.07650 2.06654 1.45683 0.05478  -0.68776 -0.50541 103 DG A C8    
54  N N7    . DG A 3  ? 2.05540 2.11958 1.47975 0.02322  -0.70403 -0.52800 103 DG A N7    
55  C C5    . DG A 3  ? 2.10307 2.13537 1.51191 -0.02870 -0.69970 -0.54180 103 DG A C5    
56  C C6    . DG A 3  ? 2.10819 2.19304 1.54961 -0.08229 -0.70939 -0.57013 103 DG A C6    
57  O O6    . DG A 3  ? 2.06726 2.24475 1.56494 -0.09156 -0.72570 -0.58985 103 DG A O6    
58  N N1    . DG A 3  ? 2.17273 2.19065 1.57380 -0.12829 -0.69801 -0.57642 103 DG A N1    
59  C C2    . DG A 3  ? 2.22691 2.13813 1.56376 -0.11911 -0.68208 -0.55686 103 DG A C2    
60  N N2    . DG A 3  ? 2.29459 2.14396 1.59136 -0.16795 -0.67399 -0.56612 103 DG A N2    
61  N N3    . DG A 3  ? 2.21959 2.08643 1.53185 -0.06581 -0.67433 -0.53138 103 DG A N3    
62  C C4    . DG A 3  ? 2.15580 2.08865 1.50685 -0.02470 -0.68262 -0.52565 103 DG A C4    
63  P P     . DC A 4  ? 2.20139 1.85002 1.43508 0.12547  -0.60541 -0.41295 104 DC A P     
64  O OP1   . DC A 4  ? 2.26118 1.89099 1.46578 0.07723  -0.61904 -0.44002 104 DC A OP1   
65  O OP2   . DC A 4  ? 2.24517 1.81713 1.43672 0.16547  -0.59333 -0.40168 104 DC A OP2   
66  O "O5'" . DC A 4  ? 2.14606 1.82627 1.42558 0.11037  -0.59661 -0.39169 104 DC A "O5'" 
67  C "C5'" . DC A 4  ? 2.09780 1.85195 1.42555 0.07185  -0.60261 -0.39865 104 DC A "C5'" 
68  C "C4'" . DC A 4  ? 2.16185 1.88043 1.46055 0.01427  -0.60874 -0.41870 104 DC A "C4'" 
69  O "O4'" . DC A 4  ? 2.16536 1.93394 1.47468 -0.00830 -0.62453 -0.44808 104 DC A "O4'" 
70  C "C3'" . DC A 4  ? 2.13781 1.87754 1.46557 -0.02662 -0.60199 -0.41140 104 DC A "C3'" 
71  O "O3'" . DC A 4  ? 2.19668 1.84250 1.47608 -0.03179 -0.59310 -0.39576 104 DC A "O3'" 
72  C "C2'" . DC A 4  ? 2.16160 1.93409 1.49528 -0.08373 -0.61194 -0.44321 104 DC A "C2'" 
73  C "C1'" . DC A 4  ? 2.16119 1.96902 1.49657 -0.06426 -0.62754 -0.46403 104 DC A "C1'" 
74  N N1    . DC A 4  ? 2.08374 2.00698 1.48925 -0.06332 -0.63828 -0.47596 104 DC A N1    
75  C C2    . DC A 4  ? 2.07538 2.05979 1.51724 -0.11479 -0.64495 -0.50117 104 DC A C2    
76  O O2    . DC A 4  ? 2.13120 2.07301 1.54517 -0.16488 -0.63943 -0.51249 104 DC A O2    
77  N N3    . DC A 4  ? 2.00939 2.09772 1.51545 -0.10827 -0.65690 -0.51362 104 DC A N3    
78  C C4    . DC A 4  ? 1.95892 2.08164 1.48461 -0.05485 -0.66243 -0.50039 104 DC A C4    
79  N N4    . DC A 4  ? 1.90246 2.12110 1.48626 -0.04822 -0.67622 -0.51341 104 DC A N4    
80  C C5    . DC A 4  ? 1.96918 2.02815 1.45409 -0.00653 -0.65379 -0.47509 104 DC A C5    
81  C C6    . DC A 4  ? 2.02932 1.99427 1.45909 -0.01208 -0.64189 -0.46466 104 DC A C6    
82  P P     . DA A 5  ? 2.20447 1.83679 1.48698 -0.08043 -0.58559 -0.38828 105 DA A P     
83  O OP1   . DA A 5  ? 2.25619 1.79170 1.49022 -0.06334 -0.57929 -0.36495 105 DA A OP1   
84  O OP2   . DA A 5  ? 2.10642 1.84576 1.46614 -0.08529 -0.58228 -0.38339 105 DA A OP2   
85  O "O5'" . DA A 5  ? 2.27728 1.88456 1.52431 -0.14400 -0.59145 -0.42035 105 DA A "O5'" 
86  C "C5'" . DA A 5  ? 2.32217 1.88975 1.54500 -0.20008 -0.58441 -0.42259 105 DA A "C5'" 
87  C "C4'" . DA A 5  ? 2.26736 1.93411 1.55200 -0.24725 -0.58229 -0.44084 105 DA A "C4'" 
88  O "O4'" . DA A 5  ? 2.19540 1.96504 1.54138 -0.22332 -0.59238 -0.45474 105 DA A "O4'" 
89  C "C3'" . DA A 5  ? 2.20924 1.91110 1.53499 -0.25615 -0.57008 -0.41951 105 DA A "C3'" 
90  O "O3'" . DA A 5  ? 2.26909 1.92775 1.56186 -0.32249 -0.56119 -0.42942 105 DA A "O3'" 
91  C "C2'" . DA A 5  ? 2.10301 1.93879 1.51922 -0.24421 -0.57265 -0.42752 105 DA A "C2'" 
92  C "C1'" . DA A 5  ? 2.11902 1.98698 1.53706 -0.24406 -0.58787 -0.45847 105 DA A "C1'" 
93  N N9    . DA A 5  ? 2.03782 1.99871 1.51570 -0.19991 -0.59780 -0.45991 105 DA A N9    
94  C C8    . DA A 5  ? 2.00728 1.96274 1.48410 -0.13696 -0.60090 -0.43973 105 DA A C8    
95  N N7    . DA A 5  ? 1.94390 1.98492 1.47110 -0.11044 -0.61060 -0.44676 105 DA A N7    
96  C C5    . DA A 5  ? 1.92842 2.04102 1.49834 -0.15598 -0.61584 -0.47407 105 DA A C5    
97  C C6    . DA A 5  ? 1.87269 2.09032 1.50549 -0.15346 -0.62887 -0.49448 105 DA A C6    
98  N N6    . DA A 5  ? 1.82449 2.08578 1.48066 -0.10190 -0.63935 -0.48757 105 DA A N6    
99  N N1    . DA A 5  ? 1.87232 2.14735 1.54185 -0.20620 -0.63054 -0.52338 105 DA A N1    
100 C C2    . DA A 5  ? 1.92755 2.15231 1.56638 -0.26138 -0.61784 -0.53055 105 DA A C2    
101 N N3    . DA A 5  ? 1.98865 2.10631 1.56037 -0.27033 -0.60569 -0.51164 105 DA A N3    
102 C C4    . DA A 5  ? 1.98431 2.05174 1.52649 -0.21331 -0.60652 -0.48354 105 DA A C4    
103 P P     . DG A 6  ? 2.21603 1.95019 1.56462 -0.36956 -0.54858 -0.43406 106 DG A P     
104 O OP1   . DG A 6  ? 2.31068 1.95592 1.59248 -0.43206 -0.53878 -0.44015 106 DG A OP1   
105 O OP2   . DG A 6  ? 2.12700 1.91016 1.52748 -0.32734 -0.54354 -0.40358 106 DG A OP2   
106 O "O5'" . DG A 6  ? 2.17610 2.02148 1.58574 -0.39475 -0.55522 -0.47294 106 DG A "O5'" 
107 C "C5'" . DG A 6  ? 2.16976 2.07313 1.61380 -0.45978 -0.54512 -0.49852 106 DG A "C5'" 
108 C "C4'" . DG A 6  ? 2.05948 2.08320 1.59694 -0.44453 -0.54122 -0.49525 106 DG A "C4'" 
109 O "O4'" . DG A 6  ? 1.99579 2.08528 1.57717 -0.38447 -0.55771 -0.49443 106 DG A "O4'" 
110 C "C3'" . DG A 6  ? 2.01964 2.02556 1.56368 -0.42640 -0.52788 -0.45765 106 DG A "C3'" 
111 O "O3'" . DG A 6  ? 2.01542 2.04975 1.58120 -0.48685 -0.50970 -0.46719 106 DG A "O3'" 
112 C "C2'" . DG A 6  ? 1.92026 2.00598 1.52762 -0.35949 -0.53578 -0.44120 106 DG A "C2'" 
113 C "C1'" . DG A 6  ? 1.90476 2.06322 1.54728 -0.35321 -0.55232 -0.47444 106 DG A "C1'" 
114 N N9    . DG A 6  ? 1.85601 2.04288 1.51736 -0.28487 -0.56602 -0.46164 106 DG A N9    
115 C C8    . DG A 6  ? 1.86482 1.98581 1.48623 -0.23306 -0.56777 -0.43224 106 DG A C8    
116 N N7    . DG A 6  ? 1.81677 1.98278 1.46450 -0.18116 -0.57839 -0.42837 106 DG A N7    
117 C C5    . DG A 6  ? 1.77469 2.04023 1.48230 -0.19670 -0.58696 -0.45573 106 DG A C5    
118 C C6    . DG A 6  ? 1.72183 2.06447 1.47294 -0.15802 -0.60217 -0.46448 106 DG A C6    
119 O O6    . DG A 6  ? 1.70347 2.03811 1.44416 -0.10421 -0.60914 -0.44934 106 DG A O6    
120 N N1    . DG A 6  ? 1.69586 2.12976 1.50455 -0.18831 -0.60970 -0.49602 106 DG A N1    
121 C C2    . DG A 6  ? 1.71554 2.16842 1.54093 -0.25129 -0.60011 -0.51778 106 DG A C2    
122 N N2    . DG A 6  ? 1.68404 2.23675 1.57366 -0.27170 -0.60871 -0.55034 106 DG A N2    
123 N N3    . DG A 6  ? 1.76745 2.14470 1.54751 -0.29179 -0.58330 -0.50945 106 DG A N3    
124 C C4    . DG A 6  ? 1.79539 2.07942 1.51656 -0.25976 -0.57912 -0.47735 106 DG A C4    
125 P P     . DC A 7  ? 1.91194 2.06340 1.56907 -0.48408 -0.49996 -0.46602 107 DC A P     
126 O OP1   . DC A 7  ? 1.94178 2.10421 1.60252 -0.56025 -0.48108 -0.48804 107 DC A OP1   
127 O OP2   . DC A 7  ? 1.85885 1.99756 1.52279 -0.43027 -0.49797 -0.42412 107 DC A OP2   
128 O "O5'" . DC A 7  ? 1.85112 2.11699 1.57998 -0.45823 -0.51641 -0.49437 107 DC A "O5'" 
129 C "C5'" . DC A 7  ? 1.82481 2.19133 1.61801 -0.50042 -0.51324 -0.53292 107 DC A "C5'" 
130 C "C4'" . DC A 7  ? 1.72576 2.20732 1.60412 -0.45369 -0.52278 -0.53472 107 DC A "C4'" 
131 O "O4'" . DC A 7  ? 1.70673 2.17132 1.57077 -0.38371 -0.54204 -0.51521 107 DC A "O4'" 
132 C "C3'" . DC A 7  ? 1.65856 2.17497 1.57687 -0.44427 -0.50580 -0.51022 107 DC A "C3'" 
133 O "O3'" . DC A 7  ? 1.59187 2.23006 1.59670 -0.44607 -0.50666 -0.53499 107 DC A "O3'" 
134 C "C2'" . DC A 7  ? 1.62515 2.10624 1.52482 -0.37266 -0.51432 -0.47045 107 DC A "C2'" 
135 C "C1'" . DC A 7  ? 1.62733 2.13615 1.53318 -0.33814 -0.53872 -0.48914 107 DC A "C1'" 
136 N N1    . DC A 7  ? 1.61926 2.07973 1.49152 -0.27374 -0.54857 -0.45873 107 DC A N1    
137 C C2    . DC A 7  ? 1.56628 2.08835 1.47512 -0.22116 -0.56416 -0.45951 107 DC A C2    
138 O O2    . DC A 7  ? 1.52984 2.14412 1.49808 -0.22723 -0.57259 -0.48596 107 DC A O2    
139 N N3    . DC A 7  ? 1.56072 2.03854 1.43750 -0.16558 -0.56945 -0.43266 107 DC A N3    
140 C C4    . DC A 7  ? 1.60131 1.98474 1.41969 -0.15907 -0.56070 -0.40707 107 DC A C4    
141 N N4    . DC A 7  ? 1.59457 1.94286 1.38747 -0.10461 -0.56450 -0.38444 107 DC A N4    
142 C C5    . DC A 7  ? 1.65562 1.97468 1.43709 -0.20826 -0.54783 -0.40491 107 DC A C5    
143 C C6    . DC A 7  ? 1.66405 2.02138 1.47084 -0.26560 -0.54154 -0.43024 107 DC A C6    
144 P P     . DC A 8  ? 1.52137 2.21240 1.57768 -0.44410 -0.48749 -0.51832 108 DC A P     
145 O OP1   . DC A 8  ? 1.56285 2.22220 1.60004 -0.51472 -0.46223 -0.52533 108 DC A OP1   
146 O OP2   . DC A 8  ? 1.47852 2.13894 1.52108 -0.38213 -0.48974 -0.47420 108 DC A OP2   
147 O "O5'" . DC A 8  ? 1.45899 2.28419 1.60776 -0.43318 -0.49770 -0.55275 108 DC A "O5'" 
148 C "C5'" . DC A 8  ? 1.38057 2.26745 1.58086 -0.38846 -0.49732 -0.53662 108 DC A "C5'" 
149 C "C4'" . DC A 8  ? 1.35087 2.27149 1.56637 -0.32234 -0.52559 -0.53618 108 DC A "C4'" 
150 O "O4'" . DC A 8  ? 1.38774 2.21515 1.53178 -0.29031 -0.53528 -0.50940 108 DC A "O4'" 
151 C "C3'" . DC A 8  ? 1.27577 2.25187 1.53590 -0.27219 -0.52614 -0.51793 108 DC A "C3'" 
152 O "O3'" . DC A 8  ? 1.24606 2.32241 1.57190 -0.25838 -0.54386 -0.55223 108 DC A "O3'" 
153 C "C2'" . DC A 8  ? 1.27349 2.18421 1.48232 -0.21186 -0.53680 -0.48075 108 DC A "C2'" 
154 C "C1'" . DC A 8  ? 1.34375 2.18333 1.49318 -0.22313 -0.54824 -0.48769 108 DC A "C1'" 
155 N N1    . DC A 8  ? 1.36842 2.10715 1.44882 -0.19664 -0.54360 -0.44902 108 DC A N1    
156 C C2    . DC A 8  ? 1.34387 2.06879 1.40886 -0.13371 -0.55376 -0.42563 108 DC A C2    
157 O O2    . DC A 8  ? 1.30447 2.09412 1.40684 -0.09946 -0.56738 -0.43463 108 DC A O2    
158 N N3    . DC A 8  ? 1.36842 2.00711 1.37593 -0.11238 -0.54803 -0.39464 108 DC A N3    
159 C C4    . DC A 8  ? 1.41705 1.98270 1.38193 -0.14735 -0.53610 -0.38570 108 DC A C4    
160 N N4    . DC A 8  ? 1.44142 1.92673 1.35427 -0.12121 -0.53277 -0.35694 108 DC A N4    
161 C C5    . DC A 8  ? 1.44728 2.01747 1.41920 -0.21104 -0.52679 -0.40702 108 DC A C5    
162 C C6    . DC A 8  ? 1.42105 2.07955 1.45148 -0.23510 -0.52955 -0.43881 108 DC A C6    
163 P P     . DT A 9  ? 1.18284 2.30973 1.55001 -0.19873 -0.54708 -0.53495 109 DT A P     
164 O OP1   . DT A 9  ? 1.19332 2.29192 1.52478 -0.14236 -0.57421 -0.52488 109 DT A OP1   
165 O OP2   . DT A 9  ? 1.17262 2.36896 1.60680 -0.21069 -0.53490 -0.55606 109 DT A OP2   
166 O "O5'" . DT A 9  ? 1.14470 2.24582 1.50273 -0.20328 -0.52136 -0.50028 109 DT A "O5'" 
167 C "C5'" . DT A 9  ? 1.08650 2.22322 1.47214 -0.15950 -0.51878 -0.48096 109 DT A "C5'" 
168 C "C4'" . DT A 9  ? 1.08417 2.20452 1.44519 -0.09445 -0.54244 -0.46767 109 DT A "C4'" 
169 O "O4'" . DT A 9  ? 1.12697 2.16199 1.42012 -0.08942 -0.54788 -0.45052 109 DT A "O4'" 
170 C "C3'" . DT A 9  ? 1.03905 2.15881 1.39988 -0.04483 -0.53603 -0.43561 109 DT A "C3'" 
171 O "O3'" . DT A 9  ? 1.03798 2.18415 1.42009 -0.00474 -0.54429 -0.44063 109 DT A "O3'" 
172 C "C2'" . DT A 9  ? 1.05423 2.09378 1.34765 -0.01485 -0.53957 -0.40306 109 DT A "C2'" 
173 C "C1'" . DT A 9  ? 1.11200 2.10528 1.36878 -0.03690 -0.55028 -0.41690 109 DT A "C1'" 
174 N N1    . DT A 9  ? 1.14107 2.04298 1.33919 -0.04731 -0.53570 -0.38728 109 DT A N1    
175 C C2    . DT A 9  ? 1.14038 1.98909 1.29475 -0.00285 -0.53646 -0.35696 109 DT A C2    
176 O O2    . DT A 9  ? 1.11789 1.98585 1.27385 0.04294  -0.54633 -0.35101 109 DT A O2    
177 N N3    . DT A 9  ? 1.17138 1.94119 1.27781 -0.01414 -0.52486 -0.33460 109 DT A N3    
178 C C4    . DT A 9  ? 1.20780 1.93908 1.29840 -0.06363 -0.51438 -0.33780 109 DT A C4    
179 O O4    . DT A 9  ? 1.23964 1.89547 1.28326 -0.06589 -0.50728 -0.31641 109 DT A O4    
180 C C5    . DT A 9  ? 1.21050 1.99526 1.34212 -0.11230 -0.51251 -0.36958 109 DT A C5    
181 C C7    . DT A 9  ? 1.25721 1.99990 1.36781 -0.17260 -0.49952 -0.37670 109 DT A C7    
182 C C6    . DT A 9  ? 1.17498 2.04541 1.36134 -0.10189 -0.52257 -0.39341 109 DT A C6    
183 P P     . DG A 10 ? 1.00293 2.20094 1.43796 0.00539  -0.52740 -0.44087 110 DG A P     
184 O OP1   . DG A 10 ? 1.00210 2.18524 1.41838 0.06479  -0.53809 -0.42573 110 DG A OP1   
185 O OP2   . DG A 10 ? 1.01783 2.26916 1.50503 -0.03513 -0.52211 -0.47618 110 DG A OP2   
186 O "O5'" . DG A 10 ? 0.96108 2.15326 1.39736 -0.01374 -0.50240 -0.41685 110 DG A "O5'" 
187 C "C5'" . DG A 10 ? 0.92902 2.10205 1.34716 0.02602  -0.49459 -0.38454 110 DG A "C5'" 
188 C "C4'" . DG A 10 ? 0.94048 2.05400 1.29793 0.05594  -0.50713 -0.36079 110 DG A "C4'" 
189 O "O4'" . DG A 10 ? 0.95289 2.03997 1.28859 0.02014  -0.50670 -0.35993 110 DG A "O4'" 
190 C "C3'" . DG A 10 ? 0.91071 1.99539 1.24086 0.08892  -0.49492 -0.32427 110 DG A "C3'" 
191 O "O3'" . DG A 10 ? 0.91637 1.99286 1.23567 0.13454  -0.49926 -0.31817 110 DG A "O3'" 
192 C "C2'" . DG A 10 ? 0.92743 1.95406 1.20394 0.09290  -0.50071 -0.30577 110 DG A "C2'" 
193 C "C1'" . DG A 10 ? 0.96571 1.98447 1.24447 0.05178  -0.50758 -0.32988 110 DG A "C1'" 
194 N N9    . DG A 10 ? 0.99087 1.94643 1.23584 0.01914  -0.49293 -0.31346 110 DG A N9    
195 C C8    . DG A 10 ? 1.01304 1.96515 1.26809 -0.03572 -0.48390 -0.32800 110 DG A C8    
196 N N7    . DG A 10 ? 1.04533 1.92465 1.25474 -0.05202 -0.47583 -0.30908 110 DG A N7    
197 C C5    . DG A 10 ? 1.04019 1.87956 1.21381 -0.00453 -0.47938 -0.28229 110 DG A C5    
198 C C6    . DG A 10 ? 1.06570 1.82929 1.18886 0.00539  -0.47467 -0.25613 110 DG A C6    
199 O O6    . DG A 10 ? 1.10195 1.81175 1.19729 -0.02464 -0.46846 -0.24968 110 DG A O6    
200 N N1    . DG A 10 ? 1.05036 1.80120 1.15373 0.05619  -0.47793 -0.23768 110 DG A N1    
201 C C2    . DG A 10 ? 1.01984 1.81728 1.14174 0.09175  -0.48540 -0.24250 110 DG A C2    
202 N N2    . DG A 10 ? 1.01585 1.78702 1.10736 0.13482  -0.48519 -0.22343 110 DG A N2    
203 N N3    . DG A 10 ? 0.99925 1.86278 1.16477 0.08548  -0.49258 -0.26569 110 DG A N3    
204 C C4    . DG A 10 ? 1.00833 1.89291 1.20130 0.03723  -0.48891 -0.28524 110 DG A C4    
205 P P     . DT A 11 ? 0.89487 2.01243 1.25512 0.14364  -0.48678 -0.32303 111 DT A P     
206 O OP1   . DT A 11 ? 0.92686 2.06533 1.30344 0.16015  -0.50473 -0.34943 111 DT A OP1   
207 O OP2   . DT A 11 ? 0.86189 2.01573 1.26227 0.10196  -0.46618 -0.32514 111 DT A OP2   
208 O "O5'" . DT A 11 ? 0.88122 1.95934 1.20156 0.18407  -0.47667 -0.29014 111 DT A "O5'" 
209 C "C5'" . DT A 11 ? 0.84489 1.91865 1.16350 0.17317  -0.45540 -0.26599 111 DT A "C5'" 
210 C "C4'" . DT A 11 ? 0.84588 1.87113 1.11687 0.17946  -0.45448 -0.24068 111 DT A "C4'" 
211 O "O4'" . DT A 11 ? 0.85695 1.88365 1.13098 0.14673  -0.46449 -0.25227 111 DT A "O4'" 
212 C "C3'" . DT A 11 ? 0.81017 1.82676 1.07331 0.17583  -0.43203 -0.21101 111 DT A "C3'" 
213 O "O3'" . DT A 11 ? 0.81729 1.78547 1.03040 0.21120  -0.42754 -0.18599 111 DT A "O3'" 
214 C "C2'" . DT A 11 ? 0.80090 1.82318 1.07183 0.13585  -0.43107 -0.20950 111 DT A "C2'" 
215 C "C1'" . DT A 11 ? 0.84207 1.83891 1.09297 0.13629  -0.45138 -0.22556 111 DT A "C1'" 
216 N N1    . DT A 11 ? 0.86375 1.83641 1.11542 0.08790  -0.44512 -0.23001 111 DT A N1    
217 C C2    . DT A 11 ? 0.88753 1.79340 1.09523 0.08552  -0.44037 -0.20848 111 DT A C2    
218 O O2    . DT A 11 ? 0.88933 1.75984 1.06228 0.11920  -0.43984 -0.18785 111 DT A O2    
219 N N3    . DT A 11 ? 0.91397 1.79501 1.11875 0.04142  -0.43609 -0.21403 111 DT A N3    
220 C C4    . DT A 11 ? 0.91910 1.83433 1.15800 -0.00328 -0.43332 -0.23855 111 DT A C4    
221 O O4    . DT A 11 ? 0.95110 1.83304 1.17650 -0.04371 -0.42833 -0.24185 111 DT A O4    
222 C C5    . DT A 11 ? 0.88893 1.88058 1.17899 0.00033  -0.43634 -0.26173 111 DT A C5    
223 C C7    . DT A 11 ? 0.89188 1.93254 1.22719 -0.04778 -0.43133 -0.29311 111 DT A C7    
224 C C6    . DT A 11 ? 0.86265 1.87838 1.15704 0.04668  -0.44280 -0.25561 111 DT A C6    
225 P P     . DA A 12 ? 0.79946 1.73954 0.98595 0.20630  -0.41434 -0.15581 112 DA A P     
226 O OP1   . DA A 12 ? 0.76115 1.72959 0.97503 0.18308  -0.39487 -0.14383 112 DA A OP1   
227 O OP2   . DA A 12 ? 0.82490 1.74186 0.99616 0.19555  -0.42816 -0.16190 112 DA A OP2   
228 O "O5'" . DA A 12 ? 0.81346 1.70475 0.94819 0.24591  -0.40711 -0.13508 112 DA A "O5'" 
229 C "C5'" . DA A 12 ? 0.79260 1.66346 0.90600 0.24970  -0.38679 -0.10522 112 DA A "C5'" 
230 C "C4'" . DA A 12 ? 0.78651 1.64398 0.89802 0.22881  -0.38373 -0.09146 112 DA A "C4'" 
231 O "O4'" . DA A 12 ? 0.80855 1.66162 0.93400 0.20372  -0.39677 -0.10926 112 DA A "O4'" 
232 C "C3'" . DA A 12 ? 0.75484 1.62128 0.88581 0.19997  -0.36240 -0.07222 112 DA A "C3'" 
233 O "O3'" . DA A 12 ? 0.73910 1.59330 0.84725 0.21838  -0.34590 -0.04836 112 DA A "O3'" 
234 C "C2'" . DA A 12 ? 0.77185 1.60558 0.89979 0.17253  -0.36242 -0.06672 112 DA A "C2'" 
235 C "C1'" . DA A 12 ? 0.80473 1.63655 0.93471 0.17064  -0.38403 -0.09407 112 DA A "C1'" 
236 N N9    . DA A 12 ? 0.80779 1.66180 0.97050 0.12891  -0.38678 -0.11222 112 DA A N9    
237 C C8    . DA A 12 ? 0.79260 1.69982 0.99401 0.11617  -0.38956 -0.13420 112 DA A C8    
238 N N7    . DA A 12 ? 0.80231 1.71977 1.02672 0.07348  -0.38830 -0.14923 112 DA A N7    
239 C C5    . DA A 12 ? 0.82897 1.68988 1.02258 0.05761  -0.38589 -0.13431 112 DA A C5    
240 C C6    . DA A 12 ? 0.85833 1.69131 1.04727 0.01362  -0.38372 -0.13891 112 DA A C6    
241 N N6    . DA A 12 ? 0.86295 1.72714 1.08192 -0.02730 -0.38073 -0.16209 112 DA A N6    
242 N N1    . DA A 12 ? 0.88745 1.65743 1.03763 0.01305  -0.38437 -0.12011 112 DA A N1    
243 C C2    . DA A 12 ? 0.88253 1.62752 1.00762 0.05318  -0.38552 -0.10007 112 DA A C2    
244 N N3    . DA A 12 ? 0.85538 1.62423 0.98211 0.09285  -0.38486 -0.09483 112 DA A N3    
245 C C4    . DA A 12 ? 0.83109 1.65487 0.98978 0.09307  -0.38570 -0.11180 112 DA A C4    
246 P P     . DA B 1  ? 1.45547 1.22777 1.45231 0.65498  -0.65268 -0.53916 105 DA B P     
247 O OP1   . DA B 1  ? 1.54119 1.26695 1.52439 0.65965  -0.75437 -0.54524 105 DA B OP1   
248 O OP2   . DA B 1  ? 1.44551 1.17917 1.34169 0.64502  -0.62212 -0.52046 105 DA B OP2   
249 O "O5'" . DA B 1  ? 1.40079 1.20959 1.44698 0.63186  -0.60561 -0.56538 105 DA B "O5'" 
250 C "C5'" . DA B 1  ? 1.35075 1.24579 1.52167 0.63303  -0.55533 -0.56776 105 DA B "C5'" 
251 C "C4'" . DA B 1  ? 1.28321 1.22527 1.48057 0.62202  -0.44890 -0.52790 105 DA B "C4'" 
252 O "O4'" . DA B 1  ? 1.25090 1.17064 1.39510 0.59194  -0.39772 -0.52096 105 DA B "O4'" 
253 C "C3'" . DA B 1  ? 1.28664 1.22409 1.45709 0.63709  -0.42851 -0.48762 105 DA B "C3'" 
254 O "O3'" . DA B 1  ? 1.24132 1.22777 1.47809 0.63272  -0.34772 -0.46058 105 DA B "O3'" 
255 C "C2'" . DA B 1  ? 1.28278 1.16955 1.34668 0.62172  -0.42232 -0.47595 105 DA B "C2'" 
256 C "C1'" . DA B 1  ? 1.23538 1.14112 1.32417 0.59303  -0.36720 -0.48025 105 DA B "C1'" 
257 N N9    . DA B 1  ? 1.23468 1.09788 1.24603 0.57019  -0.36782 -0.48289 105 DA B N9    
258 C C8    . DA B 1  ? 1.28269 1.08505 1.20153 0.56914  -0.43137 -0.49571 105 DA B C8    
259 N N7    . DA B 1  ? 1.26978 1.04837 1.14364 0.53658  -0.40355 -0.49142 105 DA B N7    
260 C C5    . DA B 1  ? 1.21198 1.03664 1.15591 0.52103  -0.32233 -0.47916 105 DA B C5    
261 C C6    . DA B 1  ? 1.17888 1.00390 1.12868 0.48850  -0.25872 -0.46939 105 DA B C6    
262 N N6    . DA B 1  ? 1.19420 0.97923 1.07965 0.45971  -0.26258 -0.47333 105 DA B N6    
263 N N1    . DA B 1  ? 1.13637 0.99968 1.16304 0.48389  -0.18729 -0.45151 105 DA B N1    
264 C C2    . DA B 1  ? 1.12613 1.02653 1.21479 0.50447  -0.17678 -0.44291 105 DA B C2    
265 N N3    . DA B 1  ? 1.14980 1.06174 1.24616 0.53161  -0.22716 -0.45272 105 DA B N3    
266 C C4    . DA B 1  ? 1.19271 1.06498 1.21603 0.54093  -0.30110 -0.47183 105 DA B C4    
267 P P     . DC B 2  ? 1.23308 1.24821 1.52754 0.65506  -0.32458 -0.43709 106 DC B P     
268 O OP1   . DC B 2  ? 1.24342 1.30931 1.63909 0.66790  -0.34478 -0.45664 106 DC B OP1   
269 O OP2   . DC B 2  ? 1.27460 1.24497 1.50196 0.67006  -0.36004 -0.42842 106 DC B OP2   
270 O "O5'" . DC B 2  ? 1.18520 1.21672 1.49646 0.63878  -0.23025 -0.40296 106 DC B "O5'" 
271 C "C5'" . DC B 2  ? 1.14603 1.18600 1.46724 0.61339  -0.18712 -0.40263 106 DC B "C5'" 
272 C "C4'" . DC B 2  ? 1.11624 1.13682 1.40301 0.59674  -0.12461 -0.36579 106 DC B "C4'" 
273 O "O4'" . DC B 2  ? 1.10686 1.09498 1.32262 0.57986  -0.14130 -0.36992 106 DC B "O4'" 
274 C "C3'" . DC B 2  ? 1.12715 1.13550 1.39284 0.60847  -0.10985 -0.34124 106 DC B "C3'" 
275 O "O3'" . DC B 2  ? 1.10828 1.11908 1.38595 0.59975  -0.05135 -0.31756 106 DC B "O3'" 
276 C "C2'" . DC B 2  ? 1.14070 1.11132 1.31397 0.60705  -0.15748 -0.34807 106 DC B "C2'" 
277 C "C1'" . DC B 2  ? 1.11044 1.07468 1.26613 0.58285  -0.14316 -0.34964 106 DC B "C1'" 
278 N N1    . DC B 2  ? 1.12446 1.05495 1.19889 0.57780  -0.19389 -0.36636 106 DC B N1    
279 C C2    . DC B 2  ? 1.09944 1.01854 1.14869 0.55607  -0.17203 -0.36059 106 DC B C2    
280 O O2    . DC B 2  ? 1.06790 1.00338 1.16552 0.54307  -0.11170 -0.33993 106 DC B O2    
281 N N3    . DC B 2  ? 1.11659 1.00290 1.09195 0.55060  -0.21633 -0.37671 106 DC B N3    
282 C C4    . DC B 2  ? 1.16131 1.01955 1.08147 0.56671  -0.28364 -0.39617 106 DC B C4    
283 N N4    . DC B 2  ? 1.18443 1.00215 1.02744 0.55953  -0.32562 -0.40828 106 DC B N4    
284 C C5    . DC B 2  ? 1.19072 1.05644 1.13643 0.59071  -0.30884 -0.40157 106 DC B C5    
285 C C6    . DC B 2  ? 1.16844 1.07444 1.19568 0.59508  -0.26058 -0.38667 106 DC B C6    
286 P P     . DA B 3  ? 1.16258 1.18470 1.46796 0.62100  -0.02022 -0.30833 107 DA B P     
287 O OP1   . DA B 3  ? 1.16209 1.21577 1.55012 0.62516  0.01523  -0.30899 107 DA B OP1   
288 O OP2   . DA B 3  ? 1.19616 1.20110 1.46231 0.63917  -0.05784 -0.31569 107 DA B OP2   
289 O "O5'" . DA B 3  ? 1.15097 1.16209 1.42725 0.61218  0.01490  -0.29004 107 DA B "O5'" 
290 C "C5'" . DA B 3  ? 1.12021 1.12788 1.39596 0.59147  0.03295  -0.28152 107 DA B "C5'" 
291 C "C4'" . DA B 3  ? 1.11344 1.10158 1.32127 0.58595  0.01970  -0.27171 107 DA B "C4'" 
292 O "O4'" . DA B 3  ? 1.10608 1.07591 1.25910 0.57637  -0.02599 -0.28393 107 DA B "O4'" 
293 C "C3'" . DA B 3  ? 1.14078 1.12083 1.30360 0.60340  0.01166  -0.26712 107 DA B "C3'" 
294 O "O3'" . DA B 3  ? 1.13892 1.12487 1.31306 0.60452  0.04859  -0.24977 107 DA B "O3'" 
295 C "C2'" . DA B 3  ? 1.14317 1.09870 1.21861 0.60063  -0.03519 -0.27180 107 DA B "C2'" 
296 C "C1'" . DA B 3  ? 1.11359 1.06585 1.19393 0.57972  -0.04635 -0.27763 107 DA B "C1'" 
297 N N9    . DA B 3  ? 1.12138 1.04980 1.13953 0.57632  -0.09785 -0.29298 107 DA B N9    
298 C C8    . DA B 3  ? 1.14943 1.06606 1.15002 0.58902  -0.13467 -0.30723 107 DA B C8    
299 N N7    . DA B 3  ? 1.16485 1.05329 1.09673 0.58732  -0.18384 -0.32145 107 DA B N7    
300 C C5    . DA B 3  ? 1.13935 1.02388 1.04590 0.56975  -0.17421 -0.31557 107 DA B C5    
301 C C6    . DA B 3  ? 1.14739 1.00609 0.98491 0.56218  -0.21021 -0.32698 107 DA B C6    
302 N N6    . DA B 3  ? 1.18810 1.01278 0.95805 0.57148  -0.26969 -0.34605 107 DA B N6    
303 N N1    . DA B 3  ? 1.11779 0.98297 0.96234 0.54543  -0.18205 -0.31711 107 DA B N1    
304 C C2    . DA B 3  ? 1.08600 0.97768 0.99878 0.53860  -0.12560 -0.29591 107 DA B C2    
305 N N3    . DA B 3  ? 1.08346 0.99629 1.05449 0.54723  -0.09369 -0.28448 107 DA B N3    
306 C C4    . DA B 3  ? 1.10788 1.01719 1.07362 0.56100  -0.11835 -0.29538 107 DA B C4    
307 P P     . DC B 4  ? 1.22734 1.45551 0.97047 0.69342  -0.40889 -0.53590 111 DC B P     
308 O OP1   . DC B 4  ? 1.20322 1.45800 0.92793 0.70570  -0.40581 -0.52970 111 DC B OP1   
309 O OP2   . DC B 4  ? 1.25526 1.44558 1.02845 0.68509  -0.44025 -0.56916 111 DC B OP2   
310 O "O5'" . DC B 4  ? 1.25094 1.40875 0.95995 0.68327  -0.38410 -0.48993 111 DC B "O5'" 
311 C "C5'" . DC B 4  ? 1.25037 1.37417 0.91440 0.69299  -0.36617 -0.46111 111 DC B "C5'" 
312 C "C4'" . DC B 4  ? 1.26540 1.36123 0.90795 0.68683  -0.34064 -0.42260 111 DC B "C4'" 
313 O "O4'" . DC B 4  ? 1.25149 1.40481 0.92676 0.67681  -0.33147 -0.42023 111 DC B "O4'" 
314 C "C3'" . DC B 4  ? 1.31110 1.32441 0.93364 0.67895  -0.34352 -0.40828 111 DC B "C3'" 
315 O "O3'" . DC B 4  ? 1.32438 1.30013 0.90176 0.68940  -0.32503 -0.37912 111 DC B "O3'" 
316 C "C2'" . DC B 4  ? 1.32088 1.35180 0.97755 0.66128  -0.33824 -0.39893 111 DC B "C2'" 
317 C "C1'" . DC B 4  ? 1.28155 1.39461 0.95614 0.66334  -0.32274 -0.39825 111 DC B "C1'" 
318 N N1    . DC B 4  ? 1.27323 1.43729 1.00064 0.65003  -0.32885 -0.41284 111 DC B N1    
319 C C2    . DC B 4  ? 1.29823 1.44152 1.04627 0.63338  -0.32217 -0.39265 111 DC B C2    
320 O O2    . DC B 4  ? 1.32949 1.41412 1.04799 0.63063  -0.31053 -0.36082 111 DC B O2    
321 N N3    . DC B 4  ? 1.28877 1.48210 1.09266 0.62220  -0.32985 -0.40900 111 DC B N3    
322 C C4    . DC B 4  ? 1.25724 1.52176 1.08946 0.63002  -0.34330 -0.44569 111 DC B C4    
323 N N4    . DC B 4  ? 1.25071 1.56583 1.14012 0.62157  -0.35354 -0.46608 111 DC B N4    
324 C C5    . DC B 4  ? 1.23221 1.52495 1.03889 0.64859  -0.34764 -0.46292 111 DC B C5    
325 C C6    . DC B 4  ? 1.24056 1.48011 0.99816 0.65646  -0.33983 -0.44415 111 DC B C6    
326 P P     . DC B 5  ? 1.37340 1.26629 0.91384 0.69200  -0.32739 -0.36252 112 DC B P     
327 O OP1   . DC B 5  ? 1.39524 1.28700 0.93814 0.68137  -0.30970 -0.33173 112 DC B OP1   
328 O OP2   . DC B 5  ? 1.37721 1.23777 0.87629 0.71242  -0.32597 -0.36045 112 DC B OP2   
329 O "O5'" . DC B 5  ? 1.39141 1.25101 0.95435 0.68356  -0.35760 -0.38968 112 DC B "O5'" 
330 C "C5'" . DC B 5  ? 1.43515 1.22401 0.97333 0.68566  -0.36632 -0.37961 112 DC B "C5'" 
331 C "C4'" . DC B 5  ? 1.46679 1.24044 1.02918 0.66857  -0.36336 -0.35570 112 DC B "C4'" 
332 O "O4'" . DC B 5  ? 1.44137 1.27517 1.05326 0.65304  -0.35788 -0.35936 112 DC B "O4'" 
333 C "C3'" . DC B 5  ? 1.49632 1.22464 1.08576 0.65941  -0.39177 -0.36963 112 DC B "C3'" 
334 O "O3'" . DC B 5  ? 1.53878 1.23432 1.13376 0.65000  -0.38465 -0.33127 112 DC B "O3'" 
335 C "C2'" . DC B 5  ? 1.46735 1.24561 1.11975 0.64620  -0.40921 -0.40427 112 DC B "C2'" 
336 C "C1'" . DC B 5  ? 1.45218 1.28027 1.12019 0.63730  -0.38366 -0.38008 112 DC B "C1'" 
337 N N1    . DC B 5  ? 1.41328 1.31270 1.12988 0.63166  -0.39199 -0.41280 112 DC B N1    
338 C C2    . DC B 5  ? 1.41248 1.34653 1.18396 0.61468  -0.39017 -0.40782 112 DC B C2    
339 O O2    . DC B 5  ? 1.44298 1.34867 1.22435 0.60246  -0.37911 -0.37105 112 DC B O2    
340 N N3    . DC B 5  ? 1.37875 1.38272 1.19317 0.61391  -0.40076 -0.44315 112 DC B N3    
341 C C4    . DC B 5  ? 1.34810 1.39034 1.15054 0.62939  -0.41067 -0.47723 112 DC B C4    
342 N N4    . DC B 5  ? 1.31788 1.43805 1.16045 0.63226  -0.42046 -0.51042 112 DC B N4    
343 C C5    . DC B 5  ? 1.34828 1.35559 1.09960 0.64429  -0.41151 -0.47830 112 DC B C5    
344 C C6    . DC B 5  ? 1.38099 1.31524 1.09242 0.64451  -0.40341 -0.44827 112 DC B C6    
345 P P     . DG B 6  ? 1.58592 1.21788 1.12611 0.66509  -0.38169 -0.30343 113 DG B P     
346 O OP1   . DG B 6  ? 1.57961 1.22234 1.05853 0.68644  -0.35655 -0.28823 113 DG B OP1   
347 O OP2   . DG B 6  ? 1.59710 1.18522 1.14192 0.66829  -0.41311 -0.33446 113 DG B OP2   
348 O "O5'" . DG B 6  ? 1.62815 1.24699 1.19672 0.64989  -0.37306 -0.25622 113 DG B "O5'" 
349 C "C5'" . DG B 6  ? 1.61906 1.28377 1.21422 0.63716  -0.35024 -0.22928 113 DG B "C5'" 
350 C "C4'" . DG B 6  ? 1.64323 1.30201 1.31445 0.61159  -0.36185 -0.21032 113 DG B "C4'" 
351 O "O4'" . DG B 6  ? 1.60724 1.30350 1.34481 0.59512  -0.37938 -0.25017 113 DG B "O4'" 
352 C "C3'" . DG B 6  ? 1.68554 1.28408 1.37486 0.60847  -0.38759 -0.20506 113 DG B "C3'" 
353 O "O3'" . DG B 6  ? 1.73145 1.31776 1.45345 0.59592  -0.37753 -0.14613 113 DG B "O3'" 
354 C "C2'" . DG B 6  ? 1.66290 1.26157 1.41603 0.59587  -0.42463 -0.26055 113 DG B "C2'" 
355 C "C1'" . DG B 6  ? 1.61931 1.28441 1.40988 0.58556  -0.41664 -0.28038 113 DG B "C1'" 
356 N N9    . DG B 6  ? 1.57665 1.27188 1.37261 0.59215  -0.43528 -0.33989 113 DG B N9    
357 C C8    . DG B 6  ? 1.56158 1.24385 1.30734 0.61091  -0.44351 -0.36991 113 DG B C8    
358 N N7    . DG B 6  ? 1.52294 1.24982 1.29013 0.61394  -0.45848 -0.41763 113 DG B N7    
359 C C5    . DG B 6  ? 1.51151 1.28407 1.34336 0.59793  -0.46067 -0.42274 113 DG B C5    
360 C C6    . DG B 6  ? 1.47511 1.31425 1.35263 0.59717  -0.47515 -0.46771 113 DG B C6    
361 O O6    . DG B 6  ? 1.44447 1.32061 1.31189 0.61112  -0.48678 -0.50890 113 DG B O6    
362 N N1    . DG B 6  ? 1.47777 1.34647 1.42049 0.57973  -0.47542 -0.46060 113 DG B N1    
363 C C2    . DG B 6  ? 1.51102 1.34864 1.47525 0.56310  -0.46176 -0.41126 113 DG B C2    
364 N N2    . DG B 6  ? 1.50836 1.38246 1.54466 0.54668  -0.46522 -0.41133 113 DG B N2    
365 N N3    . DG B 6  ? 1.54577 1.32604 1.46587 0.56424  -0.44600 -0.36439 113 DG B N3    
366 C C4    . DG B 6  ? 1.54394 1.29452 1.39725 0.58299  -0.44717 -0.37549 113 DG B C4    
367 P P     . DT B 7  ? 1.75002 1.32991 1.58313 0.56530  -0.40030 -0.13624 114 DT B P     
368 O OP1   . DT B 7  ? 1.79014 1.37621 1.63653 0.55805  -0.37486 -0.06305 114 DT B OP1   
369 O OP2   . DT B 7  ? 1.76467 1.29487 1.62941 0.56300  -0.44007 -0.16952 114 DT B OP2   
370 O "O5'" . DT B 7  ? 1.70118 1.33932 1.58803 0.55064  -0.40258 -0.17327 114 DT B "O5'" 
371 C "C5'" . DT B 7  ? 1.70830 1.36820 1.69109 0.52475  -0.40829 -0.15689 114 DT B "C5'" 
372 C "C4'" . DT B 7  ? 1.70699 1.35110 1.78034 0.51037  -0.45465 -0.20563 114 DT B "C4'" 
373 O "O4'" . DT B 7  ? 1.66236 1.33069 1.71272 0.52334  -0.47132 -0.27539 114 DT B "O4'" 
374 C "C3'" . DT B 7  ? 1.75136 1.32836 1.84475 0.50919  -0.48159 -0.19610 114 DT B "C3'" 
375 O "O3'" . DT B 7  ? 1.79256 1.35301 1.97369 0.48669  -0.48747 -0.14704 114 DT B "O3'" 
376 C "C2'" . DT B 7  ? 1.72893 1.30011 1.85740 0.51207  -0.52514 -0.27378 114 DT B "C2'" 
377 C "C1'" . DT B 7  ? 1.67234 1.31214 1.78311 0.51891  -0.51618 -0.31971 114 DT B "C1'" 
378 N N1    . DT B 7  ? 1.64000 1.28787 1.69534 0.54009  -0.52885 -0.37703 114 DT B N1    
379 C C2    . DT B 7  ? 1.60130 1.30324 1.69251 0.54327  -0.54948 -0.43892 114 DT B C2    
380 O O2    . DT B 7  ? 1.59192 1.33425 1.75782 0.53061  -0.56007 -0.45447 114 DT B O2    
381 N N3    . DT B 7  ? 1.57493 1.28742 1.61332 0.56370  -0.55769 -0.48193 114 DT B N3    
382 C C4    . DT B 7  ? 1.58263 1.25290 1.54236 0.57933  -0.54925 -0.47182 114 DT B C4    
383 O O4    . DT B 7  ? 1.55710 1.24306 1.48106 0.59618  -0.55779 -0.51080 114 DT B O4    
384 C C5    . DT B 7  ? 1.62416 1.23631 1.54932 0.57622  -0.52998 -0.41148 114 DT B C5    
385 C C7    . DT B 7  ? 1.63793 1.20379 1.48000 0.59524  -0.52221 -0.40031 114 DT B C7    
386 C C6    . DT B 7  ? 1.65093 1.25737 1.62303 0.55776  -0.52004 -0.36625 114 DT B C6    
387 O "O5'" . DT C 1  ? 2.37427 1.52132 2.65101 1.02992  0.06069  0.15333  101 DT C "O5'" 
388 C "C5'" . DT C 1  ? 2.25976 1.45755 2.56260 0.97633  0.02524  0.19031  101 DT C "C5'" 
389 C "C4'" . DT C 1  ? 2.22386 1.49285 2.65639 0.98272  -0.00300 0.21906  101 DT C "C4'" 
390 O "O4'" . DT C 1  ? 2.23208 1.45837 2.71643 0.96428  -0.06943 0.22413  101 DT C "O4'" 
391 C "C3'" . DT C 1  ? 2.12345 1.45655 2.57452 0.94030  -0.02172 0.25373  101 DT C "C3'" 
392 O "O3'" . DT C 1  ? 2.15366 1.55941 2.62213 0.97177  0.04541  0.26928  101 DT C "O3'" 
393 C "C2'" . DT C 1  ? 2.10488 1.45865 2.64042 0.93052  -0.08721 0.27232  101 DT C "C2'" 
394 C "C1'" . DT C 1  ? 2.16878 1.44356 2.71295 0.93787  -0.12397 0.25418  101 DT C "C1'" 
395 N N1    . DT C 1  ? 2.12685 1.35253 2.65128 0.87231  -0.18372 0.27037  101 DT C N1    
396 C C2    . DT C 1  ? 2.11538 1.35856 2.64451 0.84345  -0.24561 0.28672  101 DT C C2    
397 O O2    . DT C 1  ? 2.14277 1.42853 2.67397 0.88944  -0.25351 0.29167  101 DT C O2    
398 N N3    . DT C 1  ? 2.06576 1.29441 2.61018 0.76750  -0.26193 0.32088  101 DT C N3    
399 C C4    . DT C 1  ? 2.05474 1.24309 2.54297 0.75066  -0.19885 0.34362  101 DT C C4    
400 O O4    . DT C 1  ? 2.05569 1.21628 2.46418 0.72815  -0.18142 0.37983  101 DT C O4    
401 C C5    . DT C 1  ? 2.09939 1.23589 2.52968 0.79290  -0.17612 0.29340  101 DT C C5    
402 C C7    . DT C 1  ? 2.13325 1.19237 2.43083 0.78006  -0.15649 0.26977  101 DT C C7    
403 C C6    . DT C 1  ? 2.12765 1.29358 2.58588 0.84587  -0.16051 0.26574  101 DT C C6    
404 P P     . DC C 2  ? 2.68023 2.18089 3.27563 1.01925  0.07632  0.29059  102 DC C P     
405 O OP1   . DC C 2  ? 2.24108 1.72171 2.89516 1.06352  0.05697  0.26586  102 DC C OP1   
406 O OP2   . DC C 2  ? 2.40115 1.95602 2.98569 1.04766  0.16434  0.30549  102 DC C OP2   
407 O "O5'" . DC C 2  ? 2.07741 1.63504 2.73227 0.97366  0.02932  0.33083  102 DC C "O5'" 
408 C "C5'" . DC C 2  ? 1.96009 1.57710 2.62322 0.94820  0.06467  0.36746  102 DC C "C5'" 
409 C "C4'" . DC C 2  ? 1.87053 1.54696 2.61375 0.91472  0.02216  0.40234  102 DC C "C4'" 
410 O "O4'" . DC C 2  ? 1.87533 1.49337 2.58751 0.89687  -0.05778 0.38346  102 DC C "O4'" 
411 C "C3'" . DC C 2  ? 1.79774 1.48330 2.51217 0.85961  0.01484  0.42822  102 DC C "C3'" 
412 O "O3'" . DC C 2  ? 1.75396 1.52805 2.58377 0.84003  0.00516  0.47170  102 DC C "O3'" 
413 C "C2'" . DC C 2  ? 1.77915 1.37215 2.38551 0.81971  -0.05422 0.39504  102 DC C "C2'" 
414 C "C1'" . DC C 2  ? 1.81646 1.39600 2.45374 0.83800  -0.10197 0.38542  102 DC C "C1'" 
415 N N1    . DC C 2  ? 1.84022 1.31691 2.38072 0.82162  -0.15905 0.35069  102 DC C N1    
416 C C2    . DC C 2  ? 1.84955 1.29615 2.35098 0.80602  -0.21694 0.35724  102 DC C C2    
417 O O2    . DC C 2  ? 1.82904 1.34433 2.39319 0.80163  -0.21947 0.39209  102 DC C O2    
418 N N3    . DC C 2  ? 1.88097 1.24024 2.28270 0.78511  -0.25330 0.33294  102 DC C N3    
419 C C4    . DC C 2  ? 1.87215 1.19299 2.28427 0.76359  -0.24699 0.30723  102 DC C C4    
420 N N4    . DC C 2  ? 1.85854 1.14090 2.27919 0.71035  -0.26998 0.30870  102 DC C N4    
421 C C5    . DC C 2  ? 1.86396 1.20889 2.31118 0.79360  -0.18683 0.30364  102 DC C C5    
422 C C6    . DC C 2  ? 1.85673 1.27631 2.34628 0.82083  -0.14306 0.32229  102 DC C C6    
423 P P     . DT C 3  ? 1.68137 1.45085 2.49529 0.77399  -0.04904 0.48823  103 DT C P     
424 O OP1   . DT C 3  ? 1.65099 1.40757 2.42261 0.74625  -0.02185 0.50081  103 DT C OP1   
425 O OP2   . DT C 3  ? 1.68998 1.38917 2.42269 0.75959  -0.11440 0.45731  103 DT C OP2   
426 O "O5'" . DT C 3  ? 1.65972 1.53495 2.62814 0.76765  -0.06108 0.53123  103 DT C "O5'" 
427 C "C5'" . DT C 3  ? 1.60047 1.51906 2.62412 0.71266  -0.08623 0.56534  103 DT C "C5'" 
428 C "C4'" . DT C 3  ? 1.57295 1.42304 2.49545 0.66461  -0.14963 0.54394  103 DT C "C4'" 
429 O "O4'" . DT C 3  ? 1.61355 1.37984 2.42172 0.68391  -0.17947 0.50283  103 DT C "O4'" 
430 C "C3'" . DT C 3  ? 1.53871 1.33829 2.37706 0.62666  -0.14594 0.53465  103 DT C "C3'" 
431 O "O3'" . DT C 3  ? 1.49349 1.30896 2.35595 0.57058  -0.18839 0.54952  103 DT C "O3'" 
432 C "C2'" . DT C 3  ? 1.56377 1.26474 2.25040 0.63901  -0.16033 0.48419  103 DT C "C2'" 
433 C "C1'" . DT C 3  ? 1.58891 1.28333 2.27565 0.64804  -0.20029 0.47834  103 DT C "C1'" 
434 N N1    . DT C 3  ? 1.63081 1.22777 2.18333 0.66663  -0.21517 0.43546  103 DT C N1    
435 C C2    . DT C 3  ? 1.63706 1.19439 2.12261 0.64607  -0.25185 0.43131  103 DT C C2    
436 O O2    . DT C 3  ? 1.61374 1.21309 2.15153 0.61374  -0.27988 0.45787  103 DT C O2    
437 N N3    . DT C 3  ? 1.67799 1.14831 2.04454 0.66336  -0.25306 0.39987  103 DT C N3    
438 C C4    . DT C 3  ? 1.70500 1.12295 2.02579 0.68634  -0.24320 0.36274  103 DT C C4    
439 O O4    . DT C 3  ? 1.73157 1.09065 1.97283 0.67532  -0.25105 0.33211  103 DT C O4    
440 C C5    . DT C 3  ? 1.68660 1.15636 2.09428 0.69875  -0.20839 0.36927  103 DT C C5    
441 C C7    . DT C 3  ? 1.70127 1.14594 2.10178 0.71383  -0.17816 0.34690  103 DT C C7    
442 C C6    . DT C 3  ? 1.65504 1.20732 2.15736 0.69201  -0.18870 0.40686  103 DT C C6    
443 P P     . DG C 4  ? 1.47508 1.37582 2.47182 0.54446  -0.22827 0.58678  104 DG C P     
444 O OP1   . DG C 4  ? 1.50919 1.41017 2.50172 0.56703  -0.25916 0.57818  104 DG C OP1   
445 O OP2   . DG C 4  ? 1.46168 1.45013 2.60399 0.54364  -0.19545 0.63342  104 DG C OP2   
446 O "O5'" . DG C 4  ? 1.43770 1.31120 2.39329 0.48224  -0.27877 0.58071  104 DG C "O5'" 
447 C "C5'" . DG C 4  ? 1.43821 1.32164 2.39873 0.45557  -0.33605 0.58287  104 DG C "C5'" 
448 C "C4'" . DG C 4  ? 1.43707 1.24025 2.25910 0.43701  -0.35792 0.54600  104 DG C "C4'" 
449 O "O4'" . DG C 4  ? 1.46994 1.20880 2.18668 0.48390  -0.32427 0.51442  104 DG C "O4'" 
450 C "C3'" . DG C 4  ? 1.40182 1.17237 2.17734 0.39955  -0.36059 0.52962  104 DG C "C3'" 
451 O "O3'" . DG C 4  ? 1.39439 1.13426 2.10689 0.36281  -0.40424 0.51228  104 DG C "O3'" 
452 C "C2'" . DG C 4  ? 1.41583 1.12820 2.09383 0.44031  -0.31089 0.49938  104 DG C "C2'" 
453 C "C1'" . DG C 4  ? 1.45029 1.13249 2.06698 0.46828  -0.31646 0.48464  104 DG C "C1'" 
454 N N9    . DG C 4  ? 1.47997 1.10343 2.00136 0.51237  -0.27955 0.45506  104 DG C N9    
455 C C8    . DG C 4  ? 1.49952 1.11966 2.02722 0.54947  -0.23969 0.45157  104 DG C C8    
456 N N7    . DG C 4  ? 1.53010 1.08615 1.95824 0.57837  -0.22618 0.41839  104 DG C N7    
457 C C5    . DG C 4  ? 1.52715 1.04583 1.87869 0.56134  -0.24853 0.40435  104 DG C C5    
458 C C6    . DG C 4  ? 1.55078 1.00615 1.79412 0.57687  -0.23945 0.37876  104 DG C C6    
459 O O6    . DG C 4  ? 1.58174 0.99633 1.76825 0.59817  -0.22642 0.34678  104 DG C O6    
460 N N1    . DG C 4  ? 1.52499 0.98489 1.76155 0.53706  -0.25847 0.38839  104 DG C N1    
461 C C2    . DG C 4  ? 1.49739 0.99678 1.79541 0.49097  -0.30139 0.40594  104 DG C C2    
462 N N2    . DG C 4  ? 1.49091 0.97487 1.76346 0.44962  -0.33703 0.40346  104 DG C N2    
463 N N3    . DG C 4  ? 1.48244 1.03336 1.86700 0.48129  -0.31407 0.42634  104 DG C N3    
464 C C4    . DG C 4  ? 1.49465 1.05653 1.90675 0.51799  -0.28103 0.42734  104 DG C C4    
465 P P     . DA C 5  ? 1.38312 1.16252 2.16034 0.30299  -0.47140 0.53398  105 DA C P     
466 O OP1   . DA C 5  ? 1.39981 1.24893 2.28688 0.30884  -0.48824 0.57293  105 DA C OP1   
467 O OP2   . DA C 5  ? 1.35627 1.12440 2.14343 0.27146  -0.47750 0.52555  105 DA C OP2   
468 O "O5'" . DA C 5  ? 1.40162 1.13687 2.08262 0.28167  -0.50915 0.51525  105 DA C "O5'" 
469 C "C5'" . DA C 5  ? 1.42215 1.10227 2.00665 0.31697  -0.47827 0.49119  105 DA C "C5'" 
470 C "C4'" . DA C 5  ? 1.40388 1.03374 1.89699 0.29701  -0.48019 0.45571  105 DA C "C4'" 
471 O "O4'" . DA C 5  ? 1.40570 0.99736 1.83560 0.34391  -0.42409 0.43149  105 DA C "O4'" 
472 C "C3'" . DA C 5  ? 1.37018 1.00779 1.88585 0.26525  -0.49537 0.44464  105 DA C "C3'" 
473 O "O3'" . DA C 5  ? 1.36696 0.96718 1.80960 0.23479  -0.52651 0.41507  105 DA C "O3'" 
474 C "C2'" . DA C 5  ? 1.35871 0.98396 1.86668 0.31001  -0.43300 0.43250  105 DA C "C2'" 
475 C "C1'" . DA C 5  ? 1.37560 0.95907 1.79320 0.34181  -0.40604 0.41102  105 DA C "C1'" 
476 N N9    . DA C 5  ? 1.38567 0.95139 1.77320 0.39321  -0.34798 0.40266  105 DA C N9    
477 C C8    . DA C 5  ? 1.39344 0.97948 1.83045 0.41896  -0.31753 0.41941  105 DA C C8    
478 N N7    . DA C 5  ? 1.41632 0.96993 1.79582 0.46220  -0.27570 0.40525  105 DA C N7    
479 C C5    . DA C 5  ? 1.41745 0.93290 1.71116 0.46617  -0.27402 0.38002  105 DA C C5    
480 C C6    . DA C 5  ? 1.43719 0.91290 1.65042 0.50145  -0.23935 0.36115  105 DA C C6    
481 N N6    . DA C 5  ? 1.47576 0.92470 1.65344 0.54154  -0.21430 0.35081  105 DA C N6    
482 N N1    . DA C 5  ? 1.41921 0.88351 1.60205 0.48117  -0.24812 0.34819  105 DA C N1    
483 C C2    . DA C 5  ? 1.40360 0.87349 1.59848 0.43508  -0.29911 0.34348  105 DA C C2    
484 N N3    . DA C 5  ? 1.39420 0.89148 1.64261 0.40369  -0.33645 0.35882  105 DA C N3    
485 C C4    . DA C 5  ? 1.39644 0.92091 1.70067 0.42122  -0.31840 0.37862  105 DA C C4    
486 P P     . DT C 6  ? 1.39283 0.99071 1.80697 0.17677  -0.60043 0.42235  106 DT C P     
487 O OP1   . DT C 6  ? 1.42681 1.04705 1.86758 0.17335  -0.61762 0.45823  106 DT C OP1   
488 O OP2   . DT C 6  ? 1.38171 0.99197 1.82533 0.13824  -0.64273 0.41553  106 DT C OP2   
489 O "O5'" . DT C 6  ? 1.40522 0.94907 1.71237 0.17576  -0.60121 0.38964  106 DT C "O5'" 
490 C "C5'" . DT C 6  ? 1.40140 0.91755 1.67164 0.22551  -0.54365 0.37345  106 DT C "C5'" 
491 C "C4'" . DT C 6  ? 1.38598 0.86949 1.59503 0.23268  -0.53559 0.33002  106 DT C "C4'" 
492 O "O4'" . DT C 6  ? 1.36724 0.84929 1.57964 0.28575  -0.47019 0.31874  106 DT C "O4'" 
493 C "C3'" . DT C 6  ? 1.36869 0.85840 1.58625 0.20835  -0.56797 0.30501  106 DT C "C3'" 
494 O "O3'" . DT C 6  ? 1.36666 0.84716 1.50930 0.20279  -0.55559 0.25036  106 DT C "O3'" 
495 C "C2'" . DT C 6  ? 1.34207 0.84690 1.61773 0.24625  -0.51805 0.30790  106 DT C "C2'" 
496 C "C1'" . DT C 6  ? 1.34297 0.82915 1.56956 0.28988  -0.46517 0.29626  106 DT C "C1'" 
497 N N1    . DT C 6  ? 1.33525 0.83194 1.58662 0.33262  -0.40491 0.30696  106 DT C N1    
498 C C2    . DT C 6  ? 1.33882 0.81681 1.53976 0.36940  -0.36273 0.29078  106 DT C C2    
499 O O2    . DT C 6  ? 1.34371 0.79940 1.48894 0.36795  -0.37374 0.26481  106 DT C O2    
500 N N3    . DT C 6  ? 1.34590 0.82918 1.56110 0.40553  -0.31280 0.30786  106 DT C N3    
501 C C4    . DT C 6  ? 1.35318 0.85339 1.62498 0.40810  -0.30404 0.33493  106 DT C C4    
502 O O4    . DT C 6  ? 1.37581 0.86738 1.64232 0.44074  -0.26625 0.34720  106 DT C O4    
503 C C5    . DT C 6  ? 1.34089 0.86704 1.67933 0.36556  -0.35031 0.34914  106 DT C C5    
504 C C7    . DT C 6  ? 1.34471 0.89960 1.77002 0.35661  -0.35031 0.38215  106 DT C C7    
505 C C6    . DT C 6  ? 1.33295 0.85634 1.65547 0.33108  -0.39772 0.33529  106 DT C C6    
506 P P     . DG C 7  ? 1.39616 0.88293 1.45211 0.14694  -0.57892 0.22129  107 DG C P     
507 O OP1   . DG C 7  ? 1.43717 0.90238 1.48104 0.12623  -0.60891 0.27019  107 DG C OP1   
508 O OP2   . DG C 7  ? 1.38973 0.92333 1.43441 0.10028  -0.58815 0.17253  107 DG C OP2   
509 O "O5'" . DG C 7  ? 1.39446 0.85444 1.39560 0.18029  -0.55099 0.18806  107 DG C "O5'" 
510 C "C5'" . DG C 7  ? 1.38596 0.80830 1.40986 0.24766  -0.52205 0.20773  107 DG C "C5'" 
511 C "C4'" . DG C 7  ? 1.38408 0.79736 1.35444 0.27068  -0.50091 0.16234  107 DG C "C4'" 
512 O "O4'" . DG C 7  ? 1.36753 0.76561 1.36915 0.33242  -0.47139 0.16719  107 DG C "O4'" 
513 C "C3'" . DG C 7  ? 1.37142 0.83358 1.31185 0.23479  -0.50652 0.10080  107 DG C "C3'" 
514 O "O3'" . DG C 7  ? 1.38143 0.83858 1.26746 0.24764  -0.49524 0.06577  107 DG C "O3'" 
515 C "C2'" . DG C 7  ? 1.34365 0.81916 1.34073 0.26658  -0.49433 0.09163  107 DG C "C2'" 
516 C "C1'" . DG C 7  ? 1.34532 0.77456 1.36229 0.33169  -0.46896 0.12958  107 DG C "C1'" 
517 N N9    . DG C 7  ? 1.33319 0.76362 1.41713 0.34948  -0.45117 0.16267  107 DG C N9    
518 C C8    . DG C 7  ? 1.32874 0.77079 1.46913 0.32176  -0.47439 0.18524  107 DG C C8    
519 N N7    . DG C 7  ? 1.32212 0.77600 1.51163 0.33541  -0.43737 0.21066  107 DG C N7    
520 C C5    . DG C 7  ? 1.32413 0.77402 1.48254 0.37409  -0.38576 0.20906  107 DG C C5    
521 C C6    . DG C 7  ? 1.33233 0.78437 1.50824 0.40226  -0.33497 0.23553  107 DG C C6    
522 O O6    . DG C 7  ? 1.34133 0.79599 1.56342 0.40009  -0.32455 0.26318  107 DG C O6    
523 N N1    . DG C 7  ? 1.33899 0.78558 1.47174 0.43243  -0.30039 0.22919  107 DG C N1    
524 C C2    . DG C 7  ? 1.33785 0.77745 1.41812 0.43424  -0.31578 0.19591  107 DG C C2    
525 N N2    . DG C 7  ? 1.34989 0.78469 1.39850 0.45939  -0.28763 0.19184  107 DG C N2    
526 N N3    . DG C 7  ? 1.33515 0.76774 1.39224 0.41111  -0.36230 0.16878  107 DG C N3    
527 C C4    . DG C 7  ? 1.32823 0.76647 1.42613 0.38170  -0.39451 0.17912  107 DG C C4    
528 P P     . DT C 8  ? 1.37261 0.89102 1.22771 0.22147  -0.49583 -0.00609 108 DT C P     
529 O OP1   . DT C 8  ? 1.40600 0.93091 1.19731 0.16640  -0.50664 -0.01819 108 DT C OP1   
530 O OP2   . DT C 8  ? 1.35286 0.91792 1.24692 0.20218  -0.50203 -0.03243 108 DT C OP2   
531 O "O5'" . DT C 8  ? 1.36598 0.87119 1.21636 0.28725  -0.47646 -0.02586 108 DT C "O5'" 
532 C "C5'" . DT C 8  ? 1.36341 0.81983 1.24441 0.34948  -0.46003 0.01416  108 DT C "C5'" 
533 C "C4'" . DT C 8  ? 1.35197 0.82289 1.25599 0.39352  -0.45256 -0.01259 108 DT C "C4'" 
534 O "O4'" . DT C 8  ? 1.35016 0.78493 1.30251 0.42591  -0.44117 0.03206  108 DT C "O4'" 
535 C "C3'" . DT C 8  ? 1.33695 0.86969 1.25919 0.36666  -0.46564 -0.06922 108 DT C "C3'" 
536 O "O3'" . DT C 8  ? 1.34037 0.91767 1.23471 0.37677  -0.46845 -0.12536 108 DT C "O3'" 
537 C "C2'" . DT C 8  ? 1.33476 0.84660 1.31135 0.39837  -0.46280 -0.05719 108 DT C "C2'" 
538 C "C1'" . DT C 8  ? 1.34706 0.79537 1.32949 0.44216  -0.44497 0.00537  108 DT C "C1'" 
539 N N1    . DT C 8  ? 1.34357 0.77682 1.38225 0.43264  -0.43215 0.04645  108 DT C N1    
540 C C2    . DT C 8  ? 1.34938 0.77870 1.40295 0.44662  -0.38213 0.08693  108 DT C C2    
541 O O2    . DT C 8  ? 1.35941 0.78995 1.38286 0.46931  -0.35314 0.09254  108 DT C O2    
542 N N3    . DT C 8  ? 1.35094 0.77287 1.45674 0.43235  -0.37383 0.12085  108 DT C N3    
543 C C4    . DT C 8  ? 1.34636 0.76456 1.49230 0.40268  -0.41238 0.11769  108 DT C C4    
544 O O4    . DT C 8  ? 1.35363 0.76441 1.54831 0.38918  -0.40739 0.14826  108 DT C O4    
545 C C5    . DT C 8  ? 1.33803 0.77013 1.46332 0.38033  -0.45746 0.07552  108 DT C C5    
546 C C7    . DT C 8  ? 1.33347 0.79673 1.48605 0.32130  -0.47949 0.06583  108 DT C C7    
547 C C6    . DT C 8  ? 1.33490 0.78316 1.40639 0.39033  -0.45676 0.04178  108 DT C C6    
548 P P     . DG C 9  ? 1.36017 0.91228 1.21765 0.43003  -0.46165 -0.12395 109 DG C P     
549 O OP1   . DG C 9  ? 1.37445 0.86291 1.24552 0.48852  -0.44892 -0.07710 109 DG C OP1   
550 O OP2   . DG C 9  ? 1.37587 0.92352 1.18000 0.39588  -0.46204 -0.12319 109 DG C OP2   
551 O "O5'" . DG C 9  ? 1.35789 0.97952 1.22619 0.44786  -0.47331 -0.19189 109 DG C "O5'" 
552 C "C5'" . DG C 9  ? 1.35400 1.05365 1.20220 0.40469  -0.48090 -0.24753 109 DG C "C5'" 
553 C "C4'" . DG C 9  ? 1.34026 1.12334 1.23440 0.39794  -0.48821 -0.31133 109 DG C "C4'" 
554 O "O4'" . DG C 9  ? 1.32949 1.13819 1.23262 0.33390  -0.48521 -0.31845 109 DG C "O4'" 
555 C "C3'" . DG C 9  ? 1.34178 1.22198 1.23311 0.38870  -0.49534 -0.37845 109 DG C "C3'" 
556 O "O3'" . DG C 9  ? 1.35546 1.23764 1.26450 0.46393  -0.50756 -0.39275 109 DG C "O3'" 
557 C "C2'" . DG C 9  ? 1.32922 1.29479 1.25929 0.34766  -0.49268 -0.43541 109 DG C "C2'" 
558 C "C1'" . DG C 9  ? 1.32633 1.23964 1.24065 0.29724  -0.48583 -0.39052 109 DG C "C1'" 
559 N N9    . DG C 9  ? 1.33520 1.27440 1.20028 0.21536  -0.48198 -0.38719 109 DG C N9    
560 C C8    . DG C 9  ? 1.34796 1.21330 1.17050 0.18228  -0.48324 -0.32393 109 DG C C8    
561 N N7    . DG C 9  ? 1.37006 1.26527 1.14660 0.10794  -0.48349 -0.33056 109 DG C N7    
562 C C5    . DG C 9  ? 1.36695 1.37342 1.15780 0.08539  -0.47734 -0.40504 109 DG C C5    
563 C C6    . DG C 9  ? 1.39131 1.47772 1.14652 0.00464  -0.47113 -0.44247 109 DG C C6    
564 O O6    . DG C 9  ? 1.42794 1.48774 1.12249 -0.06515 -0.47354 -0.41152 109 DG C O6    
565 N N1    . DG C 9  ? 1.37881 1.58605 1.17620 0.00952  -0.46167 -0.52239 109 DG C N1    
566 C C2    . DG C 9  ? 1.35144 1.58769 1.21707 0.08908  -0.46368 -0.55981 109 DG C C2    
567 N N2    . DG C 9  ? 1.34786 1.71125 1.25638 0.08791  -0.45548 -0.64028 109 DG C N2    
568 N N3    . DG C 9  ? 1.33697 1.48368 1.22784 0.16428  -0.47323 -0.51987 109 DG C N3    
569 C C4    . DG C 9  ? 1.34342 1.38200 1.19398 0.15480  -0.47714 -0.44333 109 DG C C4    
570 P P     . DG C 10 ? 1.36490 1.33777 1.27055 0.47406  -0.52170 -0.44910 110 DG C P     
571 O OP1   . DG C 10 ? 1.38756 1.34778 1.31642 0.55843  -0.54050 -0.45262 110 DG C OP1   
572 O OP2   . DG C 10 ? 1.37787 1.33197 1.21872 0.43240  -0.51781 -0.42985 110 DG C OP2   
573 O "O5'" . DG C 10 ? 1.34561 1.44382 1.29688 0.42596  -0.51801 -0.52377 110 DG C "O5'" 
574 C "C5'" . DG C 10 ? 1.34704 1.53153 1.36459 0.47098  -0.52996 -0.58782 110 DG C "C5'" 
575 C "C4'" . DG C 10 ? 1.33756 1.66790 1.37606 0.41718  -0.52463 -0.66154 110 DG C "C4'" 
576 O "O4'" . DG C 10 ? 1.33015 1.66313 1.32715 0.32409  -0.50287 -0.65031 110 DG C "O4'" 
577 C "C3'" . DG C 10 ? 1.34851 1.72879 1.36340 0.41363  -0.53813 -0.67474 110 DG C "C3'" 
578 O "O3'" . DG C 10 ? 1.34347 1.88496 1.41091 0.39122  -0.53914 -0.75664 110 DG C "O3'" 
579 C "C2'" . DG C 10 ? 1.35392 1.67206 1.29075 0.33797  -0.52376 -0.62827 110 DG C "C2'" 
580 C "C1'" . DG C 10 ? 1.34086 1.69521 1.28703 0.27116  -0.50225 -0.64505 110 DG C "C1'" 
581 N N9    . DG C 10 ? 1.35148 1.61351 1.22924 0.21186  -0.49227 -0.58417 110 DG C N9    
582 C C8    . DG C 10 ? 1.35542 1.48280 1.19975 0.23946  -0.49427 -0.50984 110 DG C C8    
583 N N7    . DG C 10 ? 1.37246 1.44483 1.16213 0.17807  -0.48803 -0.46880 110 DG C N7    
584 C C5    . DG C 10 ? 1.38590 1.55433 1.16190 0.10029  -0.48172 -0.51495 110 DG C C5    
585 C C6    . DG C 10 ? 1.42060 1.57558 1.13608 0.01008  -0.47647 -0.49586 110 DG C C6    
586 O O6    . DG C 10 ? 1.44597 1.49652 1.11140 -0.01306 -0.48001 -0.43352 110 DG C O6    
587 N N1    . DG C 10 ? 1.43351 1.71394 1.15153 -0.05670 -0.46698 -0.55712 110 DG C N1    
588 C C2    . DG C 10 ? 1.40927 1.82236 1.19264 -0.03235 -0.46263 -0.63221 110 DG C C2    
589 N N2    . DG C 10 ? 1.43132 1.95563 1.21739 -0.10650 -0.43992 -0.67186 110 DG C N2    
590 N N3    . DG C 10 ? 1.37724 1.80080 1.22277 0.05972  -0.47194 -0.65122 110 DG C N3    
591 C C4    . DG C 10 ? 1.37000 1.66231 1.20237 0.11918  -0.48151 -0.58772 110 DG C C4    
592 P P     . DC C 11 ? 1.39114 2.01018 1.44263 0.37174  -0.55481 -0.78146 111 DC C P     
593 O OP1   . DC C 11 ? 1.40930 2.00229 1.48001 0.46900  -0.58826 -0.77299 111 DC C OP1   
594 O OP2   . DC C 11 ? 1.40586 1.95855 1.36999 0.29335  -0.54292 -0.73802 111 DC C OP2   
595 O "O5'" . DC C 11 ? 1.38237 2.19000 1.51056 0.33046  -0.53703 -0.86478 111 DC C "O5'" 
596 C "C5'" . DC C 11 ? 1.38013 2.24195 1.50128 0.23211  -0.49229 -0.87503 111 DC C "C5'" 
597 C "C4'" . DC C 11 ? 1.40726 2.26667 1.46330 0.13429  -0.47282 -0.84498 111 DC C "C4'" 
598 O "O4'" . DC C 11 ? 1.41672 2.14414 1.38433 0.08592  -0.46924 -0.78433 111 DC C "O4'" 
599 C "C3'" . DC C 11 ? 1.42958 2.26973 1.46014 0.15102  -0.49702 -0.82995 111 DC C "C3'" 
600 O "O3'" . DC C 11 ? 1.44152 2.43463 1.53800 0.13891  -0.49095 -0.88362 111 DC C "O3'" 
601 C "C2'" . DC C 11 ? 1.46268 2.19152 1.38886 0.07054  -0.49001 -0.77338 111 DC C "C2'" 
602 C "C1'" . DC C 11 ? 1.45406 2.13948 1.35294 0.02297  -0.46903 -0.75279 111 DC C "C1'" 
603 N N1    . DC C 11 ? 1.46581 1.99386 1.28083 0.02014  -0.48548 -0.69238 111 DC C N1    
604 C C2    . DC C 11 ? 1.50739 1.97968 1.24653 -0.07167 -0.47614 -0.65949 111 DC C C2    
605 O O2    . DC C 11 ? 1.53723 2.08480 1.27419 -0.15259 -0.45245 -0.67578 111 DC C O2    
606 N N3    . DC C 11 ? 1.52492 1.85135 1.19766 -0.06480 -0.49080 -0.60184 111 DC C N3    
607 C C4    . DC C 11 ? 1.50247 1.73687 1.18629 0.02468  -0.49950 -0.56339 111 DC C C4    
608 N N4    . DC C 11 ? 1.52472 1.61658 1.15542 0.03035  -0.49998 -0.49444 111 DC C N4    
609 C C5    . DC C 11 ? 1.46488 1.74975 1.21570 0.11226  -0.50844 -0.59294 111 DC C C5    
610 C C6    . DC C 11 ? 1.44839 1.88101 1.26029 0.10970  -0.50973 -0.66461 111 DC C C6    
611 P P     . DT C 12 ? 1.55910 2.62889 1.63554 0.02319  -0.45956 -0.89233 112 DT C P     
612 O OP1   . DT C 12 ? 1.56130 2.63450 1.61629 -0.04959 -0.42281 -0.88674 112 DT C OP1   
613 O OP2   . DT C 12 ? 1.56446 2.79468 1.72858 0.04473  -0.46315 -0.95287 112 DT C OP2   
614 O "O5'" . DT C 12 ? 1.60298 2.53994 1.57477 -0.01851 -0.47684 -0.83529 112 DT C "O5'" 
615 C "C5'" . DT C 12 ? 1.65409 2.63668 1.60687 -0.09019 -0.47252 -0.84332 112 DT C "C5'" 
616 C "C4'" . DT C 12 ? 1.70368 2.61024 1.57042 -0.19881 -0.45288 -0.80633 112 DT C "C4'" 
617 O "O4'" . DT C 12 ? 1.68581 2.47630 1.50076 -0.19604 -0.45010 -0.76472 112 DT C "O4'" 
618 C "C3'" . DT C 12 ? 1.77050 2.56974 1.54945 -0.24241 -0.47371 -0.77426 112 DT C "C3'" 
619 O "O3'" . DT C 12 ? 1.81286 2.71860 1.62396 -0.28584 -0.47221 -0.80917 112 DT C "O3'" 
620 C "C2'" . DT C 12 ? 1.80957 2.49835 1.50399 -0.31914 -0.46204 -0.73055 112 DT C "C2'" 
621 C "C1'" . DT C 12 ? 1.74629 2.41065 1.45893 -0.26898 -0.45510 -0.71805 112 DT C "C1'" 
622 N N1    . DT C 12 ? 1.73530 2.24682 1.38780 -0.21579 -0.48070 -0.67565 112 DT C N1    
623 C C2    . DT C 12 ? 1.78242 2.16443 1.34406 -0.26786 -0.48802 -0.63221 112 DT C C2    
624 O O2    . DT C 12 ? 1.83813 2.21092 1.36101 -0.35523 -0.47689 -0.62041 112 DT C O2    
625 N N3    . DT C 12 ? 1.76801 2.03170 1.29229 -0.20441 -0.51055 -0.60379 112 DT C N3    
626 C C4    . DT C 12 ? 1.71939 1.96814 1.28191 -0.09519 -0.52487 -0.60586 112 DT C C4    
627 O O4    . DT C 12 ? 1.72285 1.83900 1.25519 -0.04078 -0.52679 -0.55077 112 DT C O4    
628 C C5    . DT C 12 ? 1.67737 2.05723 1.32711 -0.05069 -0.51835 -0.64750 112 DT C C5    
629 C C7    . DT C 12 ? 1.63992 2.00551 1.32713 0.06428  -0.53867 -0.64963 112 DT C C7    
630 C C6    . DT C 12 ? 1.68490 2.19159 1.37828 -0.11073 -0.49778 -0.68275 112 DT C C6    
631 P P     . DG C 13 ? 1.94435 2.91974 1.74894 -0.40133 -0.44115 -0.81990 113 DG C P     
632 O OP1   . DG C 13 ? 1.91540 2.94934 1.74603 -0.42743 -0.40402 -0.82569 113 DG C OP1   
633 O OP2   . DG C 13 ? 1.96878 3.08167 1.83539 -0.41409 -0.44382 -0.86646 113 DG C OP2   
634 O "O5'" . DG C 13 ? 2.02522 2.82245 1.70890 -0.46524 -0.45731 -0.76833 113 DG C "O5'" 
635 C "C5'" . DG C 13 ? 2.07346 2.83159 1.70691 -0.55347 -0.43357 -0.74210 113 DG C "C5'" 
636 C "C4'" . DG C 13 ? 2.13304 2.69521 1.65863 -0.57390 -0.45776 -0.69144 113 DG C "C4'" 
637 O "O4'" . DG C 13 ? 2.07839 2.53945 1.58043 -0.49709 -0.47592 -0.66569 113 DG C "O4'" 
638 C "C3'" . DG C 13 ? 2.20029 2.69313 1.68328 -0.57901 -0.48767 -0.69608 113 DG C "C3'" 
639 O "O3'" . DG C 13 ? 2.29728 2.69607 1.70654 -0.66457 -0.48404 -0.66917 113 DG C "O3'" 
640 C "C2'" . DG C 13 ? 2.16863 2.54301 1.61320 -0.48854 -0.51956 -0.68010 113 DG C "C2'" 
641 C "C1'" . DG C 13 ? 2.12072 2.44222 1.55196 -0.47232 -0.50804 -0.64762 113 DG C "C1'" 
642 N N9    . DG C 13 ? 2.05779 2.33111 1.48918 -0.37791 -0.52434 -0.64011 113 DG C N9    
643 C C8    . DG C 13 ? 1.99228 2.35331 1.49237 -0.29822 -0.52656 -0.66572 113 DG C C8    
644 N N7    . DG C 13 ? 1.95041 2.24264 1.44080 -0.21692 -0.53725 -0.64833 113 DG C N7    
645 C C5    . DG C 13 ? 1.98871 2.14404 1.39790 -0.24681 -0.54370 -0.61317 113 DG C C5    
646 C C6    . DG C 13 ? 1.97810 1.99689 1.35633 -0.17773 -0.54926 -0.56608 113 DG C C6    
647 O O6    . DG C 13 ? 1.93143 1.92852 1.33976 -0.08142 -0.55143 -0.55221 113 DG C O6    
648 N N1    . DG C 13 ? 2.04044 1.92785 1.34987 -0.23171 -0.54376 -0.51522 113 DG C N1    
649 C C2    . DG C 13 ? 2.11159 1.99665 1.37313 -0.34279 -0.54299 -0.51894 113 DG C C2    
650 N N2    . DG C 13 ? 2.17907 1.91560 1.37374 -0.37646 -0.54361 -0.46038 113 DG C N2    
651 N N3    . DG C 13 ? 2.11929 2.13714 1.41407 -0.40400 -0.53705 -0.56727 113 DG C N3    
652 C C4    . DG C 13 ? 2.05788 2.19651 1.42634 -0.34857 -0.53750 -0.60667 113 DG C C4    
653 P P     . DC C 14 ? 2.38851 2.74221 1.75939 -0.70459 -0.50408 -0.68281 114 DC C P     
654 O OP1   . DC C 14 ? 2.45817 2.89571 1.83749 -0.81267 -0.47517 -0.68958 114 DC C OP1   
655 O OP2   . DC C 14 ? 2.35353 2.75027 1.76056 -0.62738 -0.53256 -0.71716 114 DC C OP2   
656 O "O5'" . DC C 14 ? 2.45670 2.60010 1.72267 -0.70940 -0.52101 -0.63990 114 DC C "O5'" 
657 C "C5'" . DC C 14 ? 2.47388 2.52672 1.68938 -0.74527 -0.50572 -0.58910 114 DC C "C5'" 
658 C "C4'" . DC C 14 ? 2.51272 2.37169 1.64508 -0.70798 -0.52736 -0.55266 114 DC C "C4'" 
659 O "O4'" . DC C 14 ? 2.41009 2.27111 1.56875 -0.61094 -0.53591 -0.55293 114 DC C "O4'" 
660 C "C3'" . DC C 14 ? 2.59115 2.36411 1.67861 -0.69772 -0.54927 -0.57213 114 DC C "C3'" 
661 O "O3'" . DC C 14 ? 2.72578 2.32220 1.71584 -0.76202 -0.55352 -0.53003 114 DC C "O3'" 
662 C "C2'" . DC C 14 ? 2.52752 2.25567 1.61114 -0.58842 -0.56683 -0.58099 114 DC C "C2'" 
663 C "C1'" . DC C 14 ? 2.43848 2.17537 1.54361 -0.55130 -0.55773 -0.55002 114 DC C "C1'" 
664 N N1    . DC C 14 ? 2.33329 2.14245 1.48728 -0.45129 -0.56718 -0.57663 114 DC C N1    
665 C C2    . DC C 14 ? 2.32215 1.99754 1.43008 -0.37269 -0.57978 -0.54062 114 DC C C2    
666 O O2    . DC C 14 ? 2.38796 1.89824 1.43284 -0.37672 -0.58041 -0.48938 114 DC C O2    
667 N N3    . DC C 14 ? 2.23251 1.97593 1.39904 -0.27417 -0.58075 -0.55435 114 DC C N3    
668 C C4    . DC C 14 ? 2.17325 2.08989 1.40974 -0.26798 -0.58394 -0.60792 114 DC C C4    
669 N N4    . DC C 14 ? 2.09879 2.06436 1.39175 -0.16840 -0.58388 -0.61004 114 DC C N4    
670 C C5    . DC C 14 ? 2.20354 2.22042 1.46641 -0.34951 -0.58167 -0.63553 114 DC C C5    
671 C C6    . DC C 14 ? 2.27162 2.24644 1.50755 -0.42904 -0.57109 -0.62505 114 DC C C6    
672 P P     . DC D 1  ? 1.32523 0.65961 1.57070 -0.18083 -0.05221 0.14271  113 DC D P     
673 O OP1   . DC D 1  ? 1.34909 0.62363 1.57993 -0.18478 -0.01962 0.14383  113 DC D OP1   
674 O OP2   . DC D 1  ? 1.31960 0.64148 1.54444 -0.19111 -0.08524 0.11955  113 DC D OP2   
675 O "O5'" . DC D 1  ? 1.28762 0.69632 1.55801 -0.12711 -0.05618 0.15398  113 DC D "O5'" 
676 C "C5'" . DC D 1  ? 1.29335 0.73742 1.58467 -0.11087 -0.03305 0.18041  113 DC D "C5'" 
677 C "C4'" . DC D 1  ? 1.26531 0.78152 1.57526 -0.07474 -0.04895 0.18728  113 DC D "C4'" 
678 O "O4'" . DC D 1  ? 1.25212 0.78323 1.55016 -0.02381 -0.04877 0.18660  113 DC D "O4'" 
679 C "C3'" . DC D 1  ? 1.24205 0.78216 1.55508 -0.08200 -0.08650 0.16922  113 DC D "C3'" 
680 O "O3'" . DC D 1  ? 1.23316 0.83323 1.57846 -0.07647 -0.09174 0.18342  113 DC D "O3'" 
681 C "C2'" . DC D 1  ? 1.21738 0.76407 1.51328 -0.04211 -0.10178 0.15280  113 DC D "C2'" 
682 C "C1'" . DC D 1  ? 1.22206 0.79010 1.51991 -0.00172 -0.07977 0.17156  113 DC D "C1'" 
683 N N1    . DC D 1  ? 1.21034 0.77319 1.49253 0.03723  -0.08944 0.15698  113 DC D N1    
684 C C2    . DC D 1  ? 1.21629 0.80658 1.49114 0.08469  -0.08381 0.16957  113 DC D C2    
685 O O2    . DC D 1  ? 1.23360 0.84639 1.51092 0.09445  -0.06459 0.19436  113 DC D O2    
686 N N3    . DC D 1  ? 1.20901 0.79651 1.47349 0.11868  -0.09917 0.15341  113 DC D N3    
687 C C4    . DC D 1  ? 1.19252 0.75398 1.46165 0.10540  -0.11448 0.12618  113 DC D C4    
688 N N4    . DC D 1  ? 1.18614 0.74922 1.45561 0.13803  -0.12965 0.10914  113 DC D N4    
689 C C5    . DC D 1  ? 1.18849 0.71703 1.46073 0.05823  -0.11458 0.11452  113 DC D C5    
690 C C6    . DC D 1  ? 1.19907 0.72916 1.47386 0.02658  -0.10489 0.13023  113 DC D C6    
691 P P     . DG D 2  ? 1.33763 0.94861 1.70945 -0.12045 -0.11042 0.18189  114 DG D P     
692 O OP1   . DG D 2  ? 1.33832 0.88170 1.68887 -0.16694 -0.10641 0.17326  114 DG D OP1   
693 O OP2   . DG D 2  ? 1.26871 0.91587 1.64454 -0.10638 -0.14659 0.16903  114 DG D OP2   
694 O "O5'" . DG D 2  ? 1.28414 0.94426 1.70432 -0.11839 -0.08490 0.20879  114 DG D "O5'" 
695 C "C5'" . DG D 2  ? 1.24220 0.96954 1.69983 -0.09735 -0.09559 0.21637  114 DG D "C5'" 
696 C "C4'" . DG D 2  ? 1.23571 0.99331 1.69655 -0.05183 -0.06331 0.23728  114 DG D "C4'" 
697 O "O4'" . DG D 2  ? 1.23158 0.96053 1.64131 -0.01621 -0.06132 0.23016  114 DG D "O4'" 
698 C "C3'" . DG D 2  ? 1.21731 1.03877 1.70785 -0.02198 -0.07103 0.24399  114 DG D "C3'" 
699 O "O3'" . DG D 2  ? 1.23714 1.07934 1.74216 0.00363  -0.02920 0.26988  114 DG D "O3'" 
700 C "C2'" . DG D 2  ? 1.19516 1.01048 1.64001 0.01307  -0.09635 0.22568  114 DG D "C2'" 
701 C "C1'" . DG D 2  ? 1.20931 0.97423 1.60907 0.02527  -0.07936 0.22413  114 DG D "C1'" 
702 N N9    . DG D 2  ? 1.19340 0.92659 1.55639 0.03146  -0.10551 0.19835  114 DG D N9    
703 C C8    . DG D 2  ? 1.18801 0.88773 1.54322 -0.00340 -0.12828 0.17760  114 DG D C8    
704 N N7    . DG D 2  ? 1.17796 0.84918 1.50273 0.00956  -0.14187 0.15680  114 DG D N7    
705 C C5    . DG D 2  ? 1.17461 0.86492 1.48829 0.05574  -0.13271 0.16268  114 DG D C5    
706 C C6    . DG D 2  ? 1.16575 0.84266 1.45560 0.08622  -0.14358 0.14496  114 DG D C6    
707 O O6    . DG D 2  ? 1.15634 0.80175 1.43546 0.07670  -0.15840 0.12078  114 DG D O6    
708 N N1    . DG D 2  ? 1.17495 0.87529 1.45344 0.13137  -0.13484 0.15695  114 DG D N1    
709 C C2    . DG D 2  ? 1.19420 0.92141 1.47802 0.14638  -0.11209 0.18447  114 DG D C2    
710 N N2    . DG D 2  ? 1.21319 0.94921 1.47046 0.19369  -0.10625 0.19254  114 DG D N2    
711 N N3    . DG D 2  ? 1.20025 0.94150 1.51348 0.11682  -0.09576 0.20201  114 DG D N3    
712 C C4    . DG D 2  ? 1.18779 0.91215 1.51736 0.07148  -0.11013 0.18891  114 DG D C4    
713 P P     . DG D 3  ? 1.22687 1.12519 1.75299 0.04477  -0.02038 0.28272  115 DG D P     
714 O OP1   . DG D 3  ? 1.25444 1.17260 1.82823 0.03777  0.02371  0.30857  115 DG D OP1   
715 O OP2   . DG D 3  ? 1.19493 1.12810 1.74069 0.04254  -0.06215 0.26583  115 DG D OP2   
716 O "O5'" . DG D 3  ? 1.23768 1.11188 1.69461 0.09803  -0.01164 0.28347  115 DG D "O5'" 
717 C "C5'" . DG D 3  ? 1.27104 1.15098 1.71200 0.13829  0.02655  0.30654  115 DG D "C5'" 
718 C "C4'" . DG D 3  ? 1.26452 1.16350 1.67159 0.18615  0.01056  0.29981  115 DG D "C4'" 
719 O "O4'" . DG D 3  ? 1.23876 1.11667 1.60814 0.18973  -0.02999 0.27238  115 DG D "O4'" 
720 C "C3'" . DG D 3  ? 1.24327 1.19724 1.70015 0.18579  0.00102  0.30011  115 DG D "C3'" 
721 O "O3'" . DG D 3  ? 1.27419 1.24618 1.72247 0.22879  0.03394  0.31997  115 DG D "O3'" 
722 C "C2'" . DG D 3  ? 1.20517 1.16415 1.64523 0.18648  -0.04858 0.27154  115 DG D "C2'" 
723 C "C1'" . DG D 3  ? 1.20734 1.11646 1.58785 0.19434  -0.06225 0.25559  115 DG D "C1'" 
724 N N9    . DG D 3  ? 1.17775 1.06907 1.56210 0.15958  -0.09685 0.23101  115 DG D N9    
725 C C8    . DG D 3  ? 1.16599 1.06048 1.59110 0.11235  -0.10771 0.22770  115 DG D C8    
726 N N7    . DG D 3  ? 1.15050 1.01563 1.55770 0.09123  -0.13706 0.20422  115 DG D N7    
727 C C5    . DG D 3  ? 1.14617 0.99290 1.50801 0.12505  -0.14503 0.19039  115 DG D C5    
728 C C6    . DG D 3  ? 1.13295 0.94506 1.46550 0.12106  -0.16931 0.16340  115 DG D C6    
729 O O6    . DG D 3  ? 1.12693 0.91055 1.45890 0.08717  -0.18606 0.14759  115 DG D O6    
730 N N1    . DG D 3  ? 1.13375 0.94141 1.43364 0.16191  -0.17221 0.15439  115 DG D N1    
731 C C2    . DG D 3  ? 1.15200 0.97991 1.43717 0.20319  -0.15607 0.17013  115 DG D C2    
732 N N2    . DG D 3  ? 1.15706 0.97419 1.40701 0.23910  -0.16771 0.15585  115 DG D N2    
733 N N3    . DG D 3  ? 1.17034 1.02340 1.47309 0.20897  -0.12937 0.19730  115 DG D N3    
734 C C4    . DG D 3  ? 1.16298 1.02685 1.50940 0.16763  -0.12420 0.20579  115 DG D C4    
735 P P     . DA D 4  ? 1.33907 1.27735 1.70027 0.28715  0.04476  0.32338  116 DA D P     
736 O OP1   . DA D 4  ? 1.36398 1.25475 1.68685 0.29247  0.07374  0.33776  116 DA D OP1   
737 O OP2   . DA D 4  ? 1.34241 1.30827 1.70774 0.32111  0.06639  0.33661  116 DA D OP2   
738 O "O5'" . DA D 4  ? 1.28795 1.21651 1.60943 0.29595  -0.00771 0.29121  116 DA D "O5'" 
739 C "C5'" . DA D 4  ? 1.30942 1.19701 1.56147 0.32641  -0.01858 0.28163  116 DA D "C5'" 
740 C "C4'" . DA D 4  ? 1.29999 1.19382 1.51445 0.35932  -0.05092 0.25989  116 DA D "C4'" 
741 O "O4'" . DA D 4  ? 1.24922 1.14908 1.48472 0.33094  -0.09124 0.23121  116 DA D "O4'" 
742 C "C3'" . DA D 4  ? 1.30968 1.23590 1.53007 0.38397  -0.03926 0.26860  116 DA D "C3'" 
743 O "O3'" . DA D 4  ? 1.34085 1.24745 1.49166 0.43209  -0.05043 0.25883  116 DA D "O3'" 
744 C "C2'" . DA D 4  ? 1.25425 1.21674 1.52967 0.35134  -0.06865 0.25174  116 DA D "C2'" 
745 C "C1'" . DA D 4  ? 1.22538 1.16081 1.48432 0.33157  -0.10544 0.22373  116 DA D "C1'" 
746 N N9    . DA D 4  ? 1.18490 1.13043 1.49182 0.28381  -0.12606 0.21221  116 DA D N9    
747 C C8    . DA D 4  ? 1.17504 1.14499 1.54060 0.24860  -0.11613 0.22600  116 DA D C8    
748 N N7    . DA D 4  ? 1.14820 1.11227 1.53471 0.21052  -0.14365 0.20956  116 DA D N7    
749 C C5    . DA D 4  ? 1.13813 1.07107 1.47938 0.22108  -0.16795 0.18409  116 DA D C5    
750 C C6    . DA D 4  ? 1.11843 1.02360 1.45022 0.19605  -0.19715 0.15838  116 DA D C6    
751 N N6    . DA D 4  ? 1.10965 1.01013 1.46807 0.15506  -0.21082 0.15466  116 DA D N6    
752 N N1    . DA D 4  ? 1.11473 0.99286 1.40693 0.21515  -0.21136 0.13573  116 DA D N1    
753 C C2    . DA D 4  ? 1.13060 1.01155 1.39314 0.25659  -0.20313 0.13796  116 DA D C2    
754 N N3    . DA D 4  ? 1.15576 1.05600 1.41218 0.28499  -0.17905 0.16133  116 DA D N3    
755 C C4    . DA D 4  ? 1.15770 1.08274 1.45544 0.26500  -0.15922 0.18448  116 DA D C4    
756 P P     . DC D 5  ? 1.35799 1.28172 1.48841 0.46994  -0.03705 0.26560  117 DC D P     
757 O OP1   . DC D 5  ? 1.42897 1.31024 1.47510 0.51929  -0.02170 0.27422  117 DC D OP1   
758 O OP2   . DC D 5  ? 1.34543 1.31000 1.54685 0.44971  -0.00730 0.28661  117 DC D OP2   
759 O "O5'" . DC D 5  ? 1.31846 1.25304 1.44196 0.47093  -0.08374 0.23181  117 DC D "O5'" 
760 C "C5'" . DC D 5  ? 1.31185 1.21743 1.39693 0.47558  -0.11926 0.20463  117 DC D "C5'" 
761 C "C4'" . DC D 5  ? 1.25985 1.17842 1.36907 0.45379  -0.15686 0.17395  117 DC D "C4'" 
762 O "O4'" . DC D 5  ? 1.21503 1.15102 1.38689 0.40504  -0.15986 0.17532  117 DC D "O4'" 
763 C "C3'" . DC D 5  ? 1.25812 1.19640 1.35933 0.47404  -0.16415 0.16513  117 DC D "C3'" 
764 O "O3'" . DC D 5  ? 1.25254 1.17135 1.31967 0.48557  -0.19769 0.13228  117 DC D "O3'" 
765 C "C2'" . DC D 5  ? 1.21226 1.18469 1.38141 0.43566  -0.16702 0.16829  117 DC D "C2'" 
766 C "C1'" . DC D 5  ? 1.18458 1.13923 1.37475 0.39621  -0.18147 0.15843  117 DC D "C1'" 
767 N N1    . DC D 5  ? 1.15232 1.12689 1.40212 0.35200  -0.18384 0.16450  117 DC D N1    
768 C C2    . DC D 5  ? 1.12253 1.08115 1.38000 0.32218  -0.21269 0.14057  117 DC D C2    
769 O O2    . DC D 5  ? 1.11965 1.05209 1.34257 0.33284  -0.23145 0.11525  117 DC D O2    
770 N N3    . DC D 5  ? 1.10376 1.07243 1.40489 0.28278  -0.21903 0.14492  117 DC D N3    
771 C C4    . DC D 5  ? 1.10847 1.10898 1.45519 0.27121  -0.19970 0.17041  117 DC D C4    
772 N N4    . DC D 5  ? 1.09447 1.10353 1.48360 0.23164  -0.21244 0.17151  117 DC D N4    
773 C C5    . DC D 5  ? 1.13430 1.15511 1.48386 0.29980  -0.16568 0.19515  117 DC D C5    
774 C C6    . DC D 5  ? 1.15831 1.16155 1.45320 0.34048  -0.15785 0.19201  117 DC D C6    
775 P P     . DA D 6  ? 1.31155 1.23082 1.33847 0.52105  -0.20675 0.11769  118 DA D P     
776 O OP1   . DA D 6  ? 1.37426 1.26590 1.33245 0.56521  -0.19981 0.12200  118 DA D OP1   
777 O OP2   . DA D 6  ? 1.29617 1.24976 1.36056 0.51525  -0.19100 0.13218  118 DA D OP2   
778 O "O5'" . DA D 6  ? 1.27921 1.18389 1.30694 0.50600  -0.24508 0.07798  118 DA D "O5'" 
779 C "C5'" . DA D 6  ? 1.24384 1.13778 1.30500 0.46879  -0.25867 0.06635  118 DA D "C5'" 
780 C "C4'" . DA D 6  ? 1.20848 1.09578 1.28793 0.44550  -0.28139 0.03666  118 DA D "C4'" 
781 O "O4'" . DA D 6  ? 1.17643 1.07574 1.30045 0.40685  -0.27638 0.04732  118 DA D "O4'" 
782 C "C3'" . DA D 6  ? 1.21666 1.10832 1.27332 0.46747  -0.28925 0.02165  118 DA D "C3'" 
783 O "O3'" . DA D 6  ? 1.19549 1.06541 1.25767 0.44989  -0.31037 -0.01166 118 DA D "O3'" 
784 C "C2'" . DA D 6  ? 1.20366 1.12638 1.29174 0.45692  -0.27304 0.04633  118 DA D "C2'" 
785 C "C1'" . DA D 6  ? 1.17117 1.09096 1.30193 0.41181  -0.27661 0.04975  118 DA D "C1'" 
786 N N9    . DA D 6  ? 1.16440 1.11538 1.33537 0.39660  -0.25967 0.08011  118 DA D N9    
787 C C8    . DA D 6  ? 1.18567 1.16250 1.36407 0.41587  -0.23334 0.10920  118 DA D C8    
788 N N7    . DA D 6  ? 1.17294 1.17799 1.40272 0.39257  -0.22235 0.13076  118 DA D N7    
789 C C5    . DA D 6  ? 1.14505 1.13882 1.39389 0.35677  -0.24661 0.11474  118 DA D C5    
790 C C6    . DA D 6  ? 1.12802 1.13593 1.42359 0.32045  -0.25426 0.12288  118 DA D C6    
791 N N6    . DA D 6  ? 1.12995 1.17588 1.47604 0.31220  -0.23779 0.14935  118 DA D N6    
792 N N1    . DA D 6  ? 1.11490 1.09289 1.40292 0.29273  -0.27923 0.10182  118 DA D N1    
793 C C2    . DA D 6  ? 1.11462 1.05436 1.36005 0.30000  -0.29106 0.07458  118 DA D C2    
794 N N3    . DA D 6  ? 1.12453 1.05416 1.33497 0.33122  -0.28687 0.06290  118 DA D N3    
795 C C4    . DA D 6  ? 1.14095 1.09848 1.35163 0.35926  -0.26649 0.08435  118 DA D C4    
796 P P     . DT D 7  ? 1.27928 1.13977 1.31469 0.46888  -0.32206 -0.03800 119 DT D P     
797 O OP1   . DT D 7  ? 1.30725 1.14914 1.30898 0.49502  -0.33707 -0.06181 119 DT D OP1   
798 O OP2   . DT D 7  ? 1.28899 1.17426 1.31904 0.48568  -0.30752 -0.01767 119 DT D OP2   
799 O "O5'" . DT D 7  ? 1.24865 1.08583 1.30908 0.43191  -0.33262 -0.06097 119 DT D "O5'" 
800 C "C5'" . DT D 7  ? 1.22433 1.05913 1.31832 0.39432  -0.32803 -0.04772 119 DT D "C5'" 
801 C "C4'" . DT D 7  ? 1.21511 1.05404 1.31885 0.37879  -0.32795 -0.04083 119 DT D "C4'" 
802 O "O4'" . DT D 7  ? 1.21087 1.08613 1.34013 0.37415  -0.31718 -0.00614 119 DT D "O4'" 
803 C "C3'" . DT D 7  ? 1.22929 1.07045 1.30847 0.40458  -0.33066 -0.05140 119 DT D "C3'" 
804 O "O3'" . DT D 7  ? 1.22811 1.02960 1.29697 0.38801  -0.33954 -0.07856 119 DT D "O3'" 
805 C "C2'" . DT D 7  ? 1.23005 1.11180 1.32720 0.41291  -0.32137 -0.01914 119 DT D "C2'" 
806 C "C1'" . DT D 7  ? 1.21285 1.10549 1.34690 0.38064  -0.31905 0.00138  119 DT D "C1'" 
807 N N1    . DT D 7  ? 1.21418 1.15277 1.37874 0.38846  -0.30460 0.03527  119 DT D N1    
808 C C2    . DT D 7  ? 1.20243 1.15906 1.40734 0.36158  -0.30873 0.05211  119 DT D C2    
809 O O2    . DT D 7  ? 1.19607 1.12697 1.40209 0.33302  -0.32560 0.04061  119 DT D O2    
810 N N3    . DT D 7  ? 1.20474 1.20708 1.44761 0.36965  -0.29200 0.08214  119 DT D N3    
811 C C4    . DT D 7  ? 1.22204 1.24629 1.45881 0.40245  -0.26739 0.09816  119 DT D C4    
812 O O4    . DT D 7  ? 1.22684 1.28845 1.50306 0.40673  -0.24772 0.12530  119 DT D O4    
813 C C5    . DT D 7  ? 1.24037 1.23665 1.42059 0.43128  -0.26606 0.07966  119 DT D C5    
814 C C7    . DT D 7  ? 1.27361 1.27864 1.42738 0.47011  -0.24168 0.09419  119 DT D C7    
815 C C6    . DT D 7  ? 1.23328 1.19203 1.38485 0.42222  -0.28666 0.04870  119 DT D C6    
816 P P     . DC D 8  ? 1.28986 1.07712 1.36617 0.36192  -0.34407 -0.07170 120 DC D P     
817 O OP1   . DC D 8  ? 1.27657 1.07465 1.38219 0.33305  -0.34400 -0.04976 120 DC D OP1   
818 O OP2   . DC D 8  ? 1.30028 1.03216 1.35298 0.35035  -0.34752 -0.10472 120 DC D OP2   
819 O "O5'" . DC D 8  ? 1.30113 1.12053 1.37285 0.38960  -0.34258 -0.05559 120 DC D "O5'" 
820 C "C5'" . DC D 8  ? 1.31037 1.11520 1.37661 0.38165  -0.35102 -0.05481 120 DC D "C5'" 
821 C "C4'" . DC D 8  ? 1.30515 1.09204 1.38668 0.34314  -0.36131 -0.04760 120 DC D "C4'" 
822 O "O4'" . DC D 8  ? 1.28835 1.12079 1.41122 0.33419  -0.35833 -0.01959 120 DC D "O4'" 
823 C "C3'" . DC D 8  ? 1.32336 1.09860 1.39773 0.33742  -0.37584 -0.04151 120 DC D "C3'" 
824 O "O3'" . DC D 8  ? 1.33286 1.06506 1.39836 0.30108  -0.38647 -0.04604 120 DC D "O3'" 
825 C "C2'" . DC D 8  ? 1.31306 1.15711 1.43361 0.35061  -0.37716 -0.00869 120 DC D "C2'" 
826 C "C1'" . DC D 8  ? 1.29142 1.16050 1.44249 0.33646  -0.36661 0.00380  120 DC D "C1'" 
827 N N1    . DC D 8  ? 1.28324 1.21295 1.46801 0.36210  -0.35051 0.02851  120 DC D N1    
828 C C2    . DC D 8  ? 1.27726 1.25498 1.51587 0.35453  -0.35151 0.05668  120 DC D C2    
829 O O2    . DC D 8  ? 1.27908 1.24975 1.53466 0.32651  -0.37142 0.05948  120 DC D O2    
830 N N3    . DC D 8  ? 1.27539 1.30242 1.54535 0.37808  -0.32982 0.07928  120 DC D N3    
831 C C4    . DC D 8  ? 1.28454 1.30858 1.52292 0.40930  -0.31049 0.07482  120 DC D C4    
832 N N4    . DC D 8  ? 1.29276 1.35614 1.55424 0.43310  -0.28537 0.09840  120 DC D N4    
833 C C5    . DC D 8  ? 1.29164 1.26872 1.47301 0.41749  -0.31551 0.04492  120 DC D C5    
834 C C6    . DC D 8  ? 1.28790 1.22193 1.45009 0.39264  -0.33428 0.02254  120 DC D C6    
835 P P     . DA D 9  ? 1.40714 1.10924 1.45075 0.29180  -0.40763 -0.04302 121 DA D P     
836 O OP1   . DA D 9  ? 1.43038 1.05978 1.43913 0.25686  -0.41144 -0.05846 121 DA D OP1   
837 O OP2   . DA D 9  ? 1.42448 1.12106 1.44213 0.32457  -0.40555 -0.05123 121 DA D OP2   
838 O "O5'" . DA D 9  ? 1.39578 1.16430 1.49497 0.28805  -0.42285 -0.01029 121 DA D "O5'" 
839 C "C5'" . DA D 9  ? 1.42326 1.17738 1.52030 0.27047  -0.45054 -0.00214 121 DA D "C5'" 
840 C "C4'" . DA D 9  ? 1.42016 1.24380 1.56840 0.29188  -0.46497 0.02250  121 DA D "C4'" 
841 O "O4'" . DA D 9  ? 1.38466 1.27823 1.58507 0.31240  -0.44176 0.03889  121 DA D "O4'" 
842 C "C3'" . DA D 9  ? 1.44823 1.25932 1.56792 0.32294  -0.47452 0.01846  121 DA D "C3'" 
843 O "O3'" . DA D 9  ? 1.47115 1.30270 1.61634 0.32062  -0.50756 0.03404  121 DA D "O3'" 
844 C "C2'" . DA D 9  ? 1.42252 1.29049 1.57244 0.35996  -0.44938 0.02747  121 DA D "C2'" 
845 C "C1'" . DA D 9  ? 1.38985 1.32176 1.60787 0.34832  -0.44116 0.04934  121 DA D "C1'" 
846 N N9    . DA D 9  ? 1.36817 1.34165 1.60575 0.37557  -0.41002 0.05727  121 DA D N9    
847 C C8    . DA D 9  ? 1.36791 1.31570 1.56075 0.39562  -0.38914 0.03984  121 DA D C8    
848 N N7    . DA D 9  ? 1.35769 1.34691 1.57142 0.41983  -0.36511 0.05274  121 DA D N7    
849 C C5    . DA D 9  ? 1.34806 1.39495 1.62979 0.41490  -0.36571 0.08117  121 DA D C5    
850 C C6    . DA D 9  ? 1.34100 1.44437 1.67238 0.43242  -0.34084 0.10626  121 DA D C6    
851 N N6    . DA D 9  ? 1.34790 1.45313 1.65472 0.46139  -0.31176 0.10715  121 DA D N6    
852 N N1    . DA D 9  ? 1.33300 1.48686 1.73926 0.41877  -0.34652 0.12967  121 DA D N1    
853 C C2    . DA D 9  ? 1.33432 1.48157 1.75846 0.39016  -0.38084 0.12689  121 DA D C2    
854 N N3    . DA D 9  ? 1.34699 1.43715 1.71754 0.37328  -0.40784 0.10509  121 DA D N3    
855 C C4    . DA D 9  ? 1.35216 1.39366 1.65381 0.38696  -0.39557 0.08327  121 DA D C4    
# 
loop_
_pdbx_poly_seq_scheme.asym_id 
_pdbx_poly_seq_scheme.entity_id 
_pdbx_poly_seq_scheme.seq_id 
_pdbx_poly_seq_scheme.mon_id 
_pdbx_poly_seq_scheme.ndb_seq_num 
_pdbx_poly_seq_scheme.pdb_seq_num 
_pdbx_poly_seq_scheme.auth_seq_num 
_pdbx_poly_seq_scheme.pdb_mon_id 
_pdbx_poly_seq_scheme.auth_mon_id 
_pdbx_poly_seq_scheme.pdb_strand_id 
_pdbx_poly_seq_scheme.pdb_ins_code 
_pdbx_poly_seq_scheme.hetero 
A 1 1  DG 1  101 101 DG DG A . n 
A 1 2  DA 2  102 102 DA DA A . n 
A 1 3  DG 3  103 103 DG DG A . n 
A 1 4  DC 4  104 104 DC DC A . n 
A 1 5  DA 5  105 105 DA DA A . n 
A 1 6  DG 6  106 106 DG DG A . n 
A 1 7  DC 7  107 107 DC DC A . n 
A 1 8  DC 8  108 108 DC DC A . n 
A 1 9  DT 9  109 109 DT DT A . n 
A 1 10 DG 10 110 110 DG DG A . n 
A 1 11 DT 11 111 111 DT DT A . n 
A 1 12 DA 12 112 112 DA DA A . n 
B 2 1  DA 1  105 105 DA DA B . n 
B 2 2  DC 2  106 106 DC DC B . n 
B 2 3  DA 3  107 107 DA DA B . n 
B 2 4  DC 4  111 108 DC DC B . n 
B 2 5  DC 5  112 109 DC DC B . n 
B 2 6  DG 6  113 110 DG DG B . n 
B 2 7  DT 7  114 111 DT DT B . n 
C 3 1  DT 1  101 101 DT DT C . n 
C 3 2  DC 2  102 102 DC DC C . n 
C 3 3  DT 3  103 103 DT DT C . n 
C 3 4  DG 4  104 104 DG DG C . n 
C 3 5  DA 5  105 105 DA DA C . n 
C 3 6  DT 6  106 106 DT DT C . n 
C 3 7  DG 7  107 107 DG DG C . n 
C 3 8  DT 8  108 108 DT DT C . n 
C 3 9  DG 9  109 109 DG DG C . n 
C 3 10 DG 10 110 110 DG DG C . n 
C 3 11 DC 11 111 111 DC DC C . n 
C 3 12 DT 12 112 112 DT DT C . n 
C 3 13 DG 13 113 113 DG DG C . n 
C 3 14 DC 14 114 114 DC DC C . n 
D 4 1  DC 1  113 113 DC DC D . n 
D 4 2  DG 2  114 114 DG DG D . n 
D 4 3  DG 3  115 115 DG DG D . n 
D 4 4  DA 4  116 116 DA DA D . n 
D 4 5  DC 5  117 117 DC DC D . n 
D 4 6  DA 6  118 118 DA DA D . n 
D 4 7  DT 7  119 119 DT DT D . n 
D 4 8  DC 8  120 120 DC DC D . n 
D 4 9  DA 9  121 121 DA DA D . n 
# 
_pdbx_contact_author.id                 2 
_pdbx_contact_author.email              ncs01@nyu.edu 
_pdbx_contact_author.name_first         Nadrian 
_pdbx_contact_author.name_last          Seeman 
_pdbx_contact_author.name_mi            ? 
_pdbx_contact_author.role               'principal investigator/group leader' 
_pdbx_contact_author.identifier_ORCID   0000-0002-9680-4649 
# 
_pdbx_struct_assembly.id                   1 
_pdbx_struct_assembly.details              author_defined_assembly 
_pdbx_struct_assembly.method_details       ? 
_pdbx_struct_assembly.oligomeric_details   dodecameric 
_pdbx_struct_assembly.oligomeric_count     12 
# 
loop_
_pdbx_struct_assembly_gen.assembly_id 
_pdbx_struct_assembly_gen.oper_expression 
_pdbx_struct_assembly_gen.asym_id_list 
1 1 A,B,C,D 
1 2 A,B,C,D 
1 3 A,B,C,D 
# 
loop_
_pdbx_struct_oper_list.id 
_pdbx_struct_oper_list.type 
_pdbx_struct_oper_list.name 
_pdbx_struct_oper_list.symmetry_operation 
_pdbx_struct_oper_list.matrix[1][1] 
_pdbx_struct_oper_list.matrix[1][2] 
_pdbx_struct_oper_list.matrix[1][3] 
_pdbx_struct_oper_list.vector[1] 
_pdbx_struct_oper_list.matrix[2][1] 
_pdbx_struct_oper_list.matrix[2][2] 
_pdbx_struct_oper_list.matrix[2][3] 
_pdbx_struct_oper_list.vector[2] 
_pdbx_struct_oper_list.matrix[3][1] 
_pdbx_struct_oper_list.matrix[3][2] 
_pdbx_struct_oper_list.matrix[3][3] 
_pdbx_struct_oper_list.vector[3] 
1 'identity operation'         1_555 x,y,z     1.0000000000 0.0000000000  0.0000000000 0.0000000000 0.0000000000  1.0000000000  0.0000000000  0.0000000000   0.0000000000 0.0000000000  1.0000000000  0.0000000000   
2 'crystal symmetry operation' 2_555 -y,x-y,z  0.9773562434 -0.0700279462 0.1996768894 0.5182018277 0.1389673154  -0.4991957531 -0.8552728719 -35.2024410249 0.1595708578 0.8636548424  -0.4781604903 2.4932561871   
3 'crystal symmetry operation' 3_555 -x+y,-x,z 0.9773562434 0.1389673154  0.1595708578 3.9876699036 -0.0700279462 -0.4991957531 0.8636548424  -19.6899332281 0.1996768894 -0.8552728719 -0.4781604903 -29.0189891601 
# 
loop_
_pdbx_audit_revision_history.ordinal 
_pdbx_audit_revision_history.data_content_type 
_pdbx_audit_revision_history.major_revision 
_pdbx_audit_revision_history.minor_revision 
_pdbx_audit_revision_history.revision_date 
1 'Structure model' 1 0 2023-01-25 
2 'Structure model' 1 1 2023-04-05 
3 'Structure model' 1 2 2023-10-25 
# 
_pdbx_audit_revision_details.ordinal             1 
_pdbx_audit_revision_details.revision_ordinal    1 
_pdbx_audit_revision_details.data_content_type   'Structure model' 
_pdbx_audit_revision_details.provider            repository 
_pdbx_audit_revision_details.type                'Initial release' 
_pdbx_audit_revision_details.description         ? 
_pdbx_audit_revision_details.details             ? 
# 
loop_
_pdbx_audit_revision_group.ordinal 
_pdbx_audit_revision_group.revision_ordinal 
_pdbx_audit_revision_group.data_content_type 
_pdbx_audit_revision_group.group 
1 2 'Structure model' 'Database references'    
2 3 'Structure model' 'Data collection'        
3 3 'Structure model' 'Refinement description' 
# 
loop_
_pdbx_audit_revision_category.ordinal 
_pdbx_audit_revision_category.revision_ordinal 
_pdbx_audit_revision_category.data_content_type 
_pdbx_audit_revision_category.category 
1 2 'Structure model' citation                      
2 3 'Structure model' chem_comp_atom                
3 3 'Structure model' chem_comp_bond                
4 3 'Structure model' pdbx_initial_refinement_model 
# 
loop_
_pdbx_audit_revision_item.ordinal 
_pdbx_audit_revision_item.revision_ordinal 
_pdbx_audit_revision_item.data_content_type 
_pdbx_audit_revision_item.item 
1 2 'Structure model' '_citation.journal_volume' 
2 2 'Structure model' '_citation.year'           
# 
loop_
_space_group_symop.id 
_space_group_symop.operation_xyz 
1 x,y,z                 
2 -y,x-y,z              
3 -x+y,-x,z             
4 x+1/3,y+2/3,z+2/3     
5 -y+1/3,x-y+2/3,z+2/3  
6 -x+y+1/3,-x+2/3,z+2/3 
7 x+2/3,y+1/3,z+1/3     
8 -y+2/3,x-y+1/3,z+1/3  
9 -x+y+2/3,-x+1/3,z+1/3 
# 
loop_
_pdbx_refine_tls.pdbx_refine_id 
_pdbx_refine_tls.id 
_pdbx_refine_tls.details 
_pdbx_refine_tls.method 
_pdbx_refine_tls.origin_x 
_pdbx_refine_tls.origin_y 
_pdbx_refine_tls.origin_z 
_pdbx_refine_tls.T[1][1] 
_pdbx_refine_tls.T[2][2] 
_pdbx_refine_tls.T[3][3] 
_pdbx_refine_tls.T[1][2] 
_pdbx_refine_tls.T[1][3] 
_pdbx_refine_tls.T[2][3] 
_pdbx_refine_tls.L[1][1] 
_pdbx_refine_tls.L[2][2] 
_pdbx_refine_tls.L[3][3] 
_pdbx_refine_tls.L[1][2] 
_pdbx_refine_tls.L[1][3] 
_pdbx_refine_tls.L[2][3] 
_pdbx_refine_tls.S[1][1] 
_pdbx_refine_tls.S[2][2] 
_pdbx_refine_tls.S[3][3] 
_pdbx_refine_tls.S[1][2] 
_pdbx_refine_tls.S[1][3] 
_pdbx_refine_tls.S[2][3] 
_pdbx_refine_tls.S[2][1] 
_pdbx_refine_tls.S[3][1] 
_pdbx_refine_tls.S[3][2] 
'X-RAY DIFFRACTION' 1 ? refined 9.1093  3.3700   -3.1689 1.51356975284  2.0160275198  1.38131891644 -0.034051035427 -0.601029558449 -0.416568678076 0.36081679284 3.09213385457  3.849770583935 0.91309083543   -0.04213008051 1.705008642750 -0.721108226513 0.914884663671 -0.487222037865 -0.33900657572  0.419913920118  -0.79529523981 0.468693706068  -1.445648590899 1.321567039913  
'X-RAY DIFFRACTION' 2 ? refined 0.4969  -3.9089  -9.1386 1.118972144315 0.99905287159 1.3026752750  0.885070646319  -0.279440634302 -0.554460674475 4.22349664148 6.51383623312  4.49656772129  4.474810345355  -2.03455541020 0.33934917175  2.20254102839   0.634806829911 0.98178861299   0.20539002607   -0.045024868787 1.880679187001 -0.418837625549 -0.507639166701 -0.897113660632 
'X-RAY DIFFRACTION' 3 ? refined -0.0730 -11.8433 6.2541  1.477765667781 1.29483102119 1.22278077679 0.614021632566  -0.406574999107 -0.384862435675 6.81062518928 1.319077637931 1.05604139703  -2.398463237661 1.73832038960  -0.08808194286 -0.095498042186 0.409675963190 -0.758596631551 0.4022916976    -1.794399121088 0.547805407512 0.79450884199   0.488738115655  -0.63301995737  
'X-RAY DIFFRACTION' 4 ? refined -2.4152 3.8511   0.8178  1.4676897636   0.79442137255 1.2173319061  0.355992293352  -0.452369888030 0.055280530163  6.71716017499 6.33753050252  8.2593510974   1.85884215825   1.34829132725  1.164150899178 -1.54277483088  1.577419268743 -0.67449264167  0.392181037102  -0.097051155678 0.88656532038  0.252670153835  -1.059283352216 0.78446170279   
'X-RAY DIFFRACTION' 5 ? refined -8.4728 -4.1528  3.1717  1.08997993753  1.01615497254 1.38507778763 0.244829058540  -0.237077414567 0.124913479513  1.08214124695 6.71200388457  2.281269252161 -0.95504552382  -1.52834300061 0.49060611941  0.61041714846   0.827542771809 -0.015328514639 -0.641991428332 -0.329711284589 0.777089201363 0.34342228471   0.321219887083  -0.843765620603 
# 
loop_
_pdbx_refine_tls_group.pdbx_refine_id 
_pdbx_refine_tls_group.id 
_pdbx_refine_tls_group.refine_tls_id 
_pdbx_refine_tls_group.beg_auth_asym_id 
_pdbx_refine_tls_group.beg_auth_seq_id 
_pdbx_refine_tls_group.end_auth_asym_id 
_pdbx_refine_tls_group.end_auth_seq_id 
_pdbx_refine_tls_group.selection_details 
_pdbx_refine_tls_group.beg_label_asym_id 
_pdbx_refine_tls_group.beg_label_seq_id 
_pdbx_refine_tls_group.end_label_asym_id 
_pdbx_refine_tls_group.end_label_seq_id 
_pdbx_refine_tls_group.selection 
'X-RAY DIFFRACTION' 1 1 A 101 A 112 '( CHAIN A AND RESID 101:112 )' ? ? ? ? ? 
'X-RAY DIFFRACTION' 2 2 B 105 B 107 '( CHAIN B AND RESID 105:107 )' ? ? ? ? ? 
'X-RAY DIFFRACTION' 3 3 B 111 B 114 '( CHAIN B AND RESID 111:114 )' ? ? ? ? ? 
'X-RAY DIFFRACTION' 4 4 C 101 C 114 '( CHAIN C AND RESID 101:114 )' ? ? ? ? ? 
'X-RAY DIFFRACTION' 5 5 D 113 D 121 '( CHAIN D AND RESID 113:121 )' ? ? ? ? ? 
# 
loop_
_software.citation_id 
_software.classification 
_software.compiler_name 
_software.compiler_version 
_software.contact_author 
_software.contact_author_email 
_software.date 
_software.description 
_software.dependencies 
_software.hardware 
_software.language 
_software.location 
_software.mods 
_software.name 
_software.os 
_software.os_version 
_software.type 
_software.version 
_software.pdbx_ordinal 
? refinement       ? ? ? ? ? ? ? ? ? ? ? PHENIX    ? ? ? 1.18.2_3874 1 
? 'data reduction' ? ? ? ? ? ? ? ? ? ? ? autoPROC  ? ? ? .           2 
? 'data scaling'   ? ? ? ? ? ? ? ? ? ? ? STARANISO ? ? ? .           3 
? phasing          ? ? ? ? ? ? ? ? ? ? ? PHASER    ? ? ? .           4 
# 
_pdbx_entry_details.entry_id                 8D93 
_pdbx_entry_details.has_ligand_of_interest   N 
_pdbx_entry_details.compound_details         ? 
_pdbx_entry_details.source_details           ? 
_pdbx_entry_details.nonpolymer_details       ? 
_pdbx_entry_details.sequence_details         ? 
# 
_pdbx_validate_close_contact.id               1 
_pdbx_validate_close_contact.PDB_model_num    1 
_pdbx_validate_close_contact.auth_atom_id_1   O6 
_pdbx_validate_close_contact.auth_asym_id_1   B 
_pdbx_validate_close_contact.auth_comp_id_1   DG 
_pdbx_validate_close_contact.auth_seq_id_1    113 
_pdbx_validate_close_contact.PDB_ins_code_1   ? 
_pdbx_validate_close_contact.label_alt_id_1   ? 
_pdbx_validate_close_contact.auth_atom_id_2   N4 
_pdbx_validate_close_contact.auth_asym_id_2   D 
_pdbx_validate_close_contact.auth_comp_id_2   DC 
_pdbx_validate_close_contact.auth_seq_id_2    113 
_pdbx_validate_close_contact.PDB_ins_code_2   ? 
_pdbx_validate_close_contact.label_alt_id_2   ? 
_pdbx_validate_close_contact.dist             2.14 
# 
loop_
_pdbx_validate_symm_contact.id 
_pdbx_validate_symm_contact.PDB_model_num 
_pdbx_validate_symm_contact.auth_atom_id_1 
_pdbx_validate_symm_contact.auth_asym_id_1 
_pdbx_validate_symm_contact.auth_comp_id_1 
_pdbx_validate_symm_contact.auth_seq_id_1 
_pdbx_validate_symm_contact.PDB_ins_code_1 
_pdbx_validate_symm_contact.label_alt_id_1 
_pdbx_validate_symm_contact.site_symmetry_1 
_pdbx_validate_symm_contact.auth_atom_id_2 
_pdbx_validate_symm_contact.auth_asym_id_2 
_pdbx_validate_symm_contact.auth_comp_id_2 
_pdbx_validate_symm_contact.auth_seq_id_2 
_pdbx_validate_symm_contact.PDB_ins_code_2 
_pdbx_validate_symm_contact.label_alt_id_2 
_pdbx_validate_symm_contact.site_symmetry_2 
_pdbx_validate_symm_contact.dist 
1 1 O6    A DG 101 ? ? 1_555 N4    C DC 102 ? ? 6_555 2.11 
2 1 "O5'" C DT 101 ? ? 1_555 "O3'" C DC 114 ? ? 8_544 2.16 
# 
_pdbx_validate_rmsd_bond.id                        1 
_pdbx_validate_rmsd_bond.PDB_model_num             1 
_pdbx_validate_rmsd_bond.auth_atom_id_1            "O3'" 
_pdbx_validate_rmsd_bond.auth_asym_id_1            B 
_pdbx_validate_rmsd_bond.auth_comp_id_1            DC 
_pdbx_validate_rmsd_bond.auth_seq_id_1             106 
_pdbx_validate_rmsd_bond.PDB_ins_code_1            ? 
_pdbx_validate_rmsd_bond.label_alt_id_1            ? 
_pdbx_validate_rmsd_bond.auth_atom_id_2            "C3'" 
_pdbx_validate_rmsd_bond.auth_asym_id_2            B 
_pdbx_validate_rmsd_bond.auth_comp_id_2            DC 
_pdbx_validate_rmsd_bond.auth_seq_id_2             106 
_pdbx_validate_rmsd_bond.PDB_ins_code_2            ? 
_pdbx_validate_rmsd_bond.label_alt_id_2            ? 
_pdbx_validate_rmsd_bond.bond_value                1.369 
_pdbx_validate_rmsd_bond.bond_target_value         1.419 
_pdbx_validate_rmsd_bond.bond_deviation            -0.050 
_pdbx_validate_rmsd_bond.bond_standard_deviation   0.006 
_pdbx_validate_rmsd_bond.linker_flag               N 
# 
loop_
_pdbx_validate_rmsd_angle.id 
_pdbx_validate_rmsd_angle.PDB_model_num 
_pdbx_validate_rmsd_angle.auth_atom_id_1 
_pdbx_validate_rmsd_angle.auth_asym_id_1 
_pdbx_validate_rmsd_angle.auth_comp_id_1 
_pdbx_validate_rmsd_angle.auth_seq_id_1 
_pdbx_validate_rmsd_angle.PDB_ins_code_1 
_pdbx_validate_rmsd_angle.label_alt_id_1 
_pdbx_validate_rmsd_angle.auth_atom_id_2 
_pdbx_validate_rmsd_angle.auth_asym_id_2 
_pdbx_validate_rmsd_angle.auth_comp_id_2 
_pdbx_validate_rmsd_angle.auth_seq_id_2 
_pdbx_validate_rmsd_angle.PDB_ins_code_2 
_pdbx_validate_rmsd_angle.label_alt_id_2 
_pdbx_validate_rmsd_angle.auth_atom_id_3 
_pdbx_validate_rmsd_angle.auth_asym_id_3 
_pdbx_validate_rmsd_angle.auth_comp_id_3 
_pdbx_validate_rmsd_angle.auth_seq_id_3 
_pdbx_validate_rmsd_angle.PDB_ins_code_3 
_pdbx_validate_rmsd_angle.label_alt_id_3 
_pdbx_validate_rmsd_angle.angle_value 
_pdbx_validate_rmsd_angle.angle_target_value 
_pdbx_validate_rmsd_angle.angle_deviation 
_pdbx_validate_rmsd_angle.angle_standard_deviation 
_pdbx_validate_rmsd_angle.linker_flag 
1  1 "O4'" A DA 102 ? ? "C1'" A DA 102 ? ? N9    A DA 102 ? ? 112.89 108.30 4.59   0.30 N 
2  1 "O4'" A DG 103 ? ? "C1'" A DG 103 ? ? N9    A DG 103 ? ? 112.23 108.30 3.93   0.30 N 
3  1 "O4'" A DC 107 ? ? "C1'" A DC 107 ? ? N1    A DC 107 ? ? 111.57 108.30 3.27   0.30 N 
4  1 "O4'" A DG 110 ? ? "C4'" A DG 110 ? ? "C3'" A DG 110 ? ? 102.03 104.50 -2.47  0.40 N 
5  1 "O4'" A DT 111 ? ? "C1'" A DT 111 ? ? N1    A DT 111 ? ? 111.90 108.30 3.60   0.30 N 
6  1 "O4'" A DA 112 ? ? "C1'" A DA 112 ? ? N9    A DA 112 ? ? 111.31 108.30 3.01   0.30 N 
7  1 "C3'" B DA 107 ? ? "O3'" B DA 107 ? ? P     B DC 111 ? ? 143.97 119.70 24.27  1.20 Y 
8  1 "O3'" B DA 107 ? ? P     B DC 111 ? ? "O5'" B DC 111 ? ? 77.73  104.00 -26.27 1.90 Y 
9  1 "O3'" B DA 107 ? ? P     B DC 111 ? ? OP2   B DC 111 ? ? 154.61 110.50 44.11  1.10 Y 
10 1 "O3'" B DA 107 ? ? P     B DC 111 ? ? OP1   B DC 111 ? ? 79.68  105.20 -25.52 2.20 Y 
11 1 "O4'" C DC 102 ? ? "C1'" C DC 102 ? ? N1    C DC 102 ? ? 110.64 108.30 2.34   0.30 N 
12 1 "O5'" C DT 103 ? ? P     C DT 103 ? ? OP2   C DT 103 ? ? 97.52  105.70 -8.18  0.90 N 
13 1 "O4'" C DT 103 ? ? "C1'" C DT 103 ? ? N1    C DT 103 ? ? 115.83 108.30 7.53   0.30 N 
14 1 N3    C DT 103 ? ? C4    C DT 103 ? ? O4    C DT 103 ? ? 123.51 119.90 3.61   0.60 N 
15 1 "C3'" C DG 104 ? ? "C2'" C DG 104 ? ? "C1'" C DG 104 ? ? 97.11  102.40 -5.29  0.80 N 
16 1 "O4'" C DG 104 ? ? "C1'" C DG 104 ? ? N9    C DG 104 ? ? 112.42 108.30 4.12   0.30 N 
17 1 "C3'" C DT 106 ? ? "C2'" C DT 106 ? ? "C1'" C DT 106 ? ? 96.58  102.40 -5.82  0.80 N 
18 1 "O4'" C DG 110 ? ? "C1'" C DG 110 ? ? N9    C DG 110 ? ? 111.20 108.30 2.90   0.30 N 
19 1 "O4'" D DC 113 ? ? "C1'" D DC 113 ? ? N1    D DC 113 ? ? 110.81 108.30 2.51   0.30 N 
# 
loop_
_chem_comp_atom.comp_id 
_chem_comp_atom.atom_id 
_chem_comp_atom.type_symbol 
_chem_comp_atom.pdbx_aromatic_flag 
_chem_comp_atom.pdbx_stereo_config 
_chem_comp_atom.pdbx_ordinal 
DA OP3    O N N 1   
DA P      P N N 2   
DA OP1    O N N 3   
DA OP2    O N N 4   
DA "O5'"  O N N 5   
DA "C5'"  C N N 6   
DA "C4'"  C N R 7   
DA "O4'"  O N N 8   
DA "C3'"  C N S 9   
DA "O3'"  O N N 10  
DA "C2'"  C N N 11  
DA "C1'"  C N R 12  
DA N9     N Y N 13  
DA C8     C Y N 14  
DA N7     N Y N 15  
DA C5     C Y N 16  
DA C6     C Y N 17  
DA N6     N N N 18  
DA N1     N Y N 19  
DA C2     C Y N 20  
DA N3     N Y N 21  
DA C4     C Y N 22  
DA HOP3   H N N 23  
DA HOP2   H N N 24  
DA "H5'"  H N N 25  
DA "H5''" H N N 26  
DA "H4'"  H N N 27  
DA "H3'"  H N N 28  
DA "HO3'" H N N 29  
DA "H2'"  H N N 30  
DA "H2''" H N N 31  
DA "H1'"  H N N 32  
DA H8     H N N 33  
DA H61    H N N 34  
DA H62    H N N 35  
DA H2     H N N 36  
DC OP3    O N N 37  
DC P      P N N 38  
DC OP1    O N N 39  
DC OP2    O N N 40  
DC "O5'"  O N N 41  
DC "C5'"  C N N 42  
DC "C4'"  C N R 43  
DC "O4'"  O N N 44  
DC "C3'"  C N S 45  
DC "O3'"  O N N 46  
DC "C2'"  C N N 47  
DC "C1'"  C N R 48  
DC N1     N N N 49  
DC C2     C N N 50  
DC O2     O N N 51  
DC N3     N N N 52  
DC C4     C N N 53  
DC N4     N N N 54  
DC C5     C N N 55  
DC C6     C N N 56  
DC HOP3   H N N 57  
DC HOP2   H N N 58  
DC "H5'"  H N N 59  
DC "H5''" H N N 60  
DC "H4'"  H N N 61  
DC "H3'"  H N N 62  
DC "HO3'" H N N 63  
DC "H2'"  H N N 64  
DC "H2''" H N N 65  
DC "H1'"  H N N 66  
DC H41    H N N 67  
DC H42    H N N 68  
DC H5     H N N 69  
DC H6     H N N 70  
DG OP3    O N N 71  
DG P      P N N 72  
DG OP1    O N N 73  
DG OP2    O N N 74  
DG "O5'"  O N N 75  
DG "C5'"  C N N 76  
DG "C4'"  C N R 77  
DG "O4'"  O N N 78  
DG "C3'"  C N S 79  
DG "O3'"  O N N 80  
DG "C2'"  C N N 81  
DG "C1'"  C N R 82  
DG N9     N Y N 83  
DG C8     C Y N 84  
DG N7     N Y N 85  
DG C5     C Y N 86  
DG C6     C N N 87  
DG O6     O N N 88  
DG N1     N N N 89  
DG C2     C N N 90  
DG N2     N N N 91  
DG N3     N N N 92  
DG C4     C Y N 93  
DG HOP3   H N N 94  
DG HOP2   H N N 95  
DG "H5'"  H N N 96  
DG "H5''" H N N 97  
DG "H4'"  H N N 98  
DG "H3'"  H N N 99  
DG "HO3'" H N N 100 
DG "H2'"  H N N 101 
DG "H2''" H N N 102 
DG "H1'"  H N N 103 
DG H8     H N N 104 
DG H1     H N N 105 
DG H21    H N N 106 
DG H22    H N N 107 
DT OP3    O N N 108 
DT P      P N N 109 
DT OP1    O N N 110 
DT OP2    O N N 111 
DT "O5'"  O N N 112 
DT "C5'"  C N N 113 
DT "C4'"  C N R 114 
DT "O4'"  O N N 115 
DT "C3'"  C N S 116 
DT "O3'"  O N N 117 
DT "C2'"  C N N 118 
DT "C1'"  C N R 119 
DT N1     N N N 120 
DT C2     C N N 121 
DT O2     O N N 122 
DT N3     N N N 123 
DT C4     C N N 124 
DT O4     O N N 125 
DT C5     C N N 126 
DT C7     C N N 127 
DT C6     C N N 128 
DT HOP3   H N N 129 
DT HOP2   H N N 130 
DT "H5'"  H N N 131 
DT "H5''" H N N 132 
DT "H4'"  H N N 133 
DT "H3'"  H N N 134 
DT "HO3'" H N N 135 
DT "H2'"  H N N 136 
DT "H2''" H N N 137 
DT "H1'"  H N N 138 
DT H3     H N N 139 
DT H71    H N N 140 
DT H72    H N N 141 
DT H73    H N N 142 
DT H6     H N N 143 
# 
loop_
_chem_comp_bond.comp_id 
_chem_comp_bond.atom_id_1 
_chem_comp_bond.atom_id_2 
_chem_comp_bond.value_order 
_chem_comp_bond.pdbx_aromatic_flag 
_chem_comp_bond.pdbx_stereo_config 
_chem_comp_bond.pdbx_ordinal 
DA OP3   P      sing N N 1   
DA OP3   HOP3   sing N N 2   
DA P     OP1    doub N N 3   
DA P     OP2    sing N N 4   
DA P     "O5'"  sing N N 5   
DA OP2   HOP2   sing N N 6   
DA "O5'" "C5'"  sing N N 7   
DA "C5'" "C4'"  sing N N 8   
DA "C5'" "H5'"  sing N N 9   
DA "C5'" "H5''" sing N N 10  
DA "C4'" "O4'"  sing N N 11  
DA "C4'" "C3'"  sing N N 12  
DA "C4'" "H4'"  sing N N 13  
DA "O4'" "C1'"  sing N N 14  
DA "C3'" "O3'"  sing N N 15  
DA "C3'" "C2'"  sing N N 16  
DA "C3'" "H3'"  sing N N 17  
DA "O3'" "HO3'" sing N N 18  
DA "C2'" "C1'"  sing N N 19  
DA "C2'" "H2'"  sing N N 20  
DA "C2'" "H2''" sing N N 21  
DA "C1'" N9     sing N N 22  
DA "C1'" "H1'"  sing N N 23  
DA N9    C8     sing Y N 24  
DA N9    C4     sing Y N 25  
DA C8    N7     doub Y N 26  
DA C8    H8     sing N N 27  
DA N7    C5     sing Y N 28  
DA C5    C6     sing Y N 29  
DA C5    C4     doub Y N 30  
DA C6    N6     sing N N 31  
DA C6    N1     doub Y N 32  
DA N6    H61    sing N N 33  
DA N6    H62    sing N N 34  
DA N1    C2     sing Y N 35  
DA C2    N3     doub Y N 36  
DA C2    H2     sing N N 37  
DA N3    C4     sing Y N 38  
DC OP3   P      sing N N 39  
DC OP3   HOP3   sing N N 40  
DC P     OP1    doub N N 41  
DC P     OP2    sing N N 42  
DC P     "O5'"  sing N N 43  
DC OP2   HOP2   sing N N 44  
DC "O5'" "C5'"  sing N N 45  
DC "C5'" "C4'"  sing N N 46  
DC "C5'" "H5'"  sing N N 47  
DC "C5'" "H5''" sing N N 48  
DC "C4'" "O4'"  sing N N 49  
DC "C4'" "C3'"  sing N N 50  
DC "C4'" "H4'"  sing N N 51  
DC "O4'" "C1'"  sing N N 52  
DC "C3'" "O3'"  sing N N 53  
DC "C3'" "C2'"  sing N N 54  
DC "C3'" "H3'"  sing N N 55  
DC "O3'" "HO3'" sing N N 56  
DC "C2'" "C1'"  sing N N 57  
DC "C2'" "H2'"  sing N N 58  
DC "C2'" "H2''" sing N N 59  
DC "C1'" N1     sing N N 60  
DC "C1'" "H1'"  sing N N 61  
DC N1    C2     sing N N 62  
DC N1    C6     sing N N 63  
DC C2    O2     doub N N 64  
DC C2    N3     sing N N 65  
DC N3    C4     doub N N 66  
DC C4    N4     sing N N 67  
DC C4    C5     sing N N 68  
DC N4    H41    sing N N 69  
DC N4    H42    sing N N 70  
DC C5    C6     doub N N 71  
DC C5    H5     sing N N 72  
DC C6    H6     sing N N 73  
DG OP3   P      sing N N 74  
DG OP3   HOP3   sing N N 75  
DG P     OP1    doub N N 76  
DG P     OP2    sing N N 77  
DG P     "O5'"  sing N N 78  
DG OP2   HOP2   sing N N 79  
DG "O5'" "C5'"  sing N N 80  
DG "C5'" "C4'"  sing N N 81  
DG "C5'" "H5'"  sing N N 82  
DG "C5'" "H5''" sing N N 83  
DG "C4'" "O4'"  sing N N 84  
DG "C4'" "C3'"  sing N N 85  
DG "C4'" "H4'"  sing N N 86  
DG "O4'" "C1'"  sing N N 87  
DG "C3'" "O3'"  sing N N 88  
DG "C3'" "C2'"  sing N N 89  
DG "C3'" "H3'"  sing N N 90  
DG "O3'" "HO3'" sing N N 91  
DG "C2'" "C1'"  sing N N 92  
DG "C2'" "H2'"  sing N N 93  
DG "C2'" "H2''" sing N N 94  
DG "C1'" N9     sing N N 95  
DG "C1'" "H1'"  sing N N 96  
DG N9    C8     sing Y N 97  
DG N9    C4     sing Y N 98  
DG C8    N7     doub Y N 99  
DG C8    H8     sing N N 100 
DG N7    C5     sing Y N 101 
DG C5    C6     sing N N 102 
DG C5    C4     doub Y N 103 
DG C6    O6     doub N N 104 
DG C6    N1     sing N N 105 
DG N1    C2     sing N N 106 
DG N1    H1     sing N N 107 
DG C2    N2     sing N N 108 
DG C2    N3     doub N N 109 
DG N2    H21    sing N N 110 
DG N2    H22    sing N N 111 
DG N3    C4     sing N N 112 
DT OP3   P      sing N N 113 
DT OP3   HOP3   sing N N 114 
DT P     OP1    doub N N 115 
DT P     OP2    sing N N 116 
DT P     "O5'"  sing N N 117 
DT OP2   HOP2   sing N N 118 
DT "O5'" "C5'"  sing N N 119 
DT "C5'" "C4'"  sing N N 120 
DT "C5'" "H5'"  sing N N 121 
DT "C5'" "H5''" sing N N 122 
DT "C4'" "O4'"  sing N N 123 
DT "C4'" "C3'"  sing N N 124 
DT "C4'" "H4'"  sing N N 125 
DT "O4'" "C1'"  sing N N 126 
DT "C3'" "O3'"  sing N N 127 
DT "C3'" "C2'"  sing N N 128 
DT "C3'" "H3'"  sing N N 129 
DT "O3'" "HO3'" sing N N 130 
DT "C2'" "C1'"  sing N N 131 
DT "C2'" "H2'"  sing N N 132 
DT "C2'" "H2''" sing N N 133 
DT "C1'" N1     sing N N 134 
DT "C1'" "H1'"  sing N N 135 
DT N1    C2     sing N N 136 
DT N1    C6     sing N N 137 
DT C2    O2     doub N N 138 
DT C2    N3     sing N N 139 
DT N3    C4     sing N N 140 
DT N3    H3     sing N N 141 
DT C4    O4     doub N N 142 
DT C4    C5     sing N N 143 
DT C5    C7     sing N N 144 
DT C5    C6     doub N N 145 
DT C7    H71    sing N N 146 
DT C7    H72    sing N N 147 
DT C7    H73    sing N N 148 
DT C6    H6     sing N N 149 
# 
loop_
_ndb_struct_conf_na.entry_id 
_ndb_struct_conf_na.feature 
8D93 'double helix'        
8D93 'a-form double helix' 
8D93 'b-form double helix' 
# 
loop_
_ndb_struct_na_base_pair.model_number 
_ndb_struct_na_base_pair.i_label_asym_id 
_ndb_struct_na_base_pair.i_label_comp_id 
_ndb_struct_na_base_pair.i_label_seq_id 
_ndb_struct_na_base_pair.i_symmetry 
_ndb_struct_na_base_pair.j_label_asym_id 
_ndb_struct_na_base_pair.j_label_comp_id 
_ndb_struct_na_base_pair.j_label_seq_id 
_ndb_struct_na_base_pair.j_symmetry 
_ndb_struct_na_base_pair.shear 
_ndb_struct_na_base_pair.stretch 
_ndb_struct_na_base_pair.stagger 
_ndb_struct_na_base_pair.buckle 
_ndb_struct_na_base_pair.propeller 
_ndb_struct_na_base_pair.opening 
_ndb_struct_na_base_pair.pair_number 
_ndb_struct_na_base_pair.pair_name 
_ndb_struct_na_base_pair.i_auth_asym_id 
_ndb_struct_na_base_pair.i_auth_seq_id 
_ndb_struct_na_base_pair.i_PDB_ins_code 
_ndb_struct_na_base_pair.j_auth_asym_id 
_ndb_struct_na_base_pair.j_auth_seq_id 
_ndb_struct_na_base_pair.j_PDB_ins_code 
_ndb_struct_na_base_pair.hbond_type_28 
_ndb_struct_na_base_pair.hbond_type_12 
1 A DG 3  1_555 C DC 14 1_555 -0.101 -0.027 0.339  1.299   -5.362  -0.713 1  A_DG103:DC114_C A 103 ? C 114 ? 19 1 
1 A DC 4  1_555 C DG 13 1_555 0.109  -0.144 0.882  -11.113 -10.732 -3.250 2  A_DC104:DG113_C A 104 ? C 113 ? 19 1 
1 A DA 5  1_555 C DT 12 1_555 0.232  -0.149 1.010  1.394   -5.413  -4.981 3  A_DA105:DT112_C A 105 ? C 112 ? 20 1 
1 A DG 6  1_555 C DC 11 1_555 -0.190 -0.168 0.519  11.064  -1.367  -0.029 4  A_DG106:DC111_C A 106 ? C 111 ? 19 1 
1 A DC 7  1_555 C DG 10 1_555 0.225  -0.235 0.131  6.037   -2.430  1.394  5  A_DC107:DG110_C A 107 ? C 110 ? 19 1 
1 A DC 8  1_555 C DG 9  1_555 0.153  -0.233 0.191  -1.394  -6.764  -3.967 6  A_DC108:DG109_C A 108 ? C 109 ? 19 1 
1 A DT 9  1_555 B DA 3  1_555 -0.096 -0.266 0.131  -4.741  -3.518  7.263  7  A_DT109:DA107_B A 109 ? B 107 ? 20 1 
1 A DG 10 1_555 B DC 2  1_555 -0.213 -0.339 0.033  -1.784  -2.497  -0.779 8  A_DG110:DC106_B A 110 ? B 106 ? 19 1 
1 A DT 11 1_555 B DA 1  1_555 -0.317 -0.111 -0.137 3.864   -2.253  -6.468 9  A_DT111:DA105_B A 111 ? B 105 ? 20 1 
1 C DT 3  1_555 D DA 9  1_555 -0.647 -0.257 -0.675 13.207  2.954   -8.530 10 C_DT103:DA121_D C 103 ? D 121 ? 20 1 
1 C DG 4  1_555 D DC 8  1_555 -0.133 -0.218 -0.051 8.378   -2.293  1.665  11 C_DG104:DC120_D C 104 ? D 120 ? 19 1 
1 C DA 5  1_555 D DT 7  1_555 0.046  -0.240 0.225  3.140   -4.101  1.021  12 C_DA105:DT119_D C 105 ? D 119 ? 20 1 
1 C DT 6  1_555 D DA 6  1_555 -0.134 -0.342 0.303  -3.319  -5.302  1.213  13 C_DT106:DA118_D C 106 ? D 118 ? 20 1 
1 C DG 7  1_555 D DC 5  1_555 -0.181 -0.184 0.292  -5.336  -6.242  2.503  14 C_DG107:DC117_D C 107 ? D 117 ? 19 1 
1 C DT 8  1_555 D DA 4  1_555 -0.348 -0.009 0.104  -2.474  -5.597  -1.318 15 C_DT108:DA116_D C 108 ? D 116 ? 20 1 
1 B DC 4  1_555 D DG 3  1_555 0.069  -0.233 0.090  -3.443  -4.210  -3.242 16 B_DC111:DG115_D B 111 ? D 115 ? 19 1 
1 B DC 5  1_555 D DG 2  1_555 0.142  -0.005 -0.150 1.612   -2.870  -5.530 17 B_DC112:DG114_D B 112 ? D 114 ? 19 1 
1 B DG 6  1_555 D DC 1  1_555 -0.072 -0.696 -0.184 -3.614  -5.779  -7.234 18 B_DG113:DC113_D B 113 ? D 113 ? 22 1 
# 
loop_
_ndb_struct_na_base_pair_step.model_number 
_ndb_struct_na_base_pair_step.i_label_asym_id_1 
_ndb_struct_na_base_pair_step.i_label_comp_id_1 
_ndb_struct_na_base_pair_step.i_label_seq_id_1 
_ndb_struct_na_base_pair_step.i_symmetry_1 
_ndb_struct_na_base_pair_step.j_label_asym_id_1 
_ndb_struct_na_base_pair_step.j_label_comp_id_1 
_ndb_struct_na_base_pair_step.j_label_seq_id_1 
_ndb_struct_na_base_pair_step.j_symmetry_1 
_ndb_struct_na_base_pair_step.i_label_asym_id_2 
_ndb_struct_na_base_pair_step.i_label_comp_id_2 
_ndb_struct_na_base_pair_step.i_label_seq_id_2 
_ndb_struct_na_base_pair_step.i_symmetry_2 
_ndb_struct_na_base_pair_step.j_label_asym_id_2 
_ndb_struct_na_base_pair_step.j_label_comp_id_2 
_ndb_struct_na_base_pair_step.j_label_seq_id_2 
_ndb_struct_na_base_pair_step.j_symmetry_2 
_ndb_struct_na_base_pair_step.shift 
_ndb_struct_na_base_pair_step.slide 
_ndb_struct_na_base_pair_step.rise 
_ndb_struct_na_base_pair_step.tilt 
_ndb_struct_na_base_pair_step.roll 
_ndb_struct_na_base_pair_step.twist 
_ndb_struct_na_base_pair_step.x_displacement 
_ndb_struct_na_base_pair_step.y_displacement 
_ndb_struct_na_base_pair_step.helical_rise 
_ndb_struct_na_base_pair_step.inclination 
_ndb_struct_na_base_pair_step.tip 
_ndb_struct_na_base_pair_step.helical_twist 
_ndb_struct_na_base_pair_step.step_number 
_ndb_struct_na_base_pair_step.step_name 
_ndb_struct_na_base_pair_step.i_auth_asym_id_1 
_ndb_struct_na_base_pair_step.i_auth_seq_id_1 
_ndb_struct_na_base_pair_step.i_PDB_ins_code_1 
_ndb_struct_na_base_pair_step.j_auth_asym_id_1 
_ndb_struct_na_base_pair_step.j_auth_seq_id_1 
_ndb_struct_na_base_pair_step.j_PDB_ins_code_1 
_ndb_struct_na_base_pair_step.i_auth_asym_id_2 
_ndb_struct_na_base_pair_step.i_auth_seq_id_2 
_ndb_struct_na_base_pair_step.i_PDB_ins_code_2 
_ndb_struct_na_base_pair_step.j_auth_asym_id_2 
_ndb_struct_na_base_pair_step.j_auth_seq_id_2 
_ndb_struct_na_base_pair_step.j_PDB_ins_code_2 
1 A DG 3  1_555 C DC 14 1_555 A DC 4  1_555 C DG 13 1_555 0.475  -0.821 3.413 -1.349 3.865  34.155 -2.009 -1.020 3.283 6.550  
2.286  34.392 1  AA_DG103DC104:DG113DC114_CC A 103 ? C 114 ? A 104 ? C 113 ? 
1 A DC 4  1_555 C DG 13 1_555 A DA 5  1_555 C DT 12 1_555 -0.447 -0.407 2.700 -2.307 8.198  36.922 -1.488 0.446  2.576 12.737 
3.585  37.858 2  AA_DC104DA105:DT112DG113_CC A 104 ? C 113 ? A 105 ? C 112 ? 
1 A DA 5  1_555 C DT 12 1_555 A DG 6  1_555 C DC 11 1_555 0.240  -1.039 3.000 1.049  3.100  29.616 -2.604 -0.269 2.885 6.042  
-2.044 29.792 3  AA_DA105DG106:DC111DT112_CC A 105 ? C 112 ? A 106 ? C 111 ? 
1 A DG 6  1_555 C DC 11 1_555 A DC 7  1_555 C DG 10 1_555 0.589  -1.133 3.457 0.297  -1.082 34.977 -1.711 -0.932 3.494 -1.800 
-0.493 34.995 4  AA_DG106DC107:DG110DC111_CC A 106 ? C 111 ? A 107 ? C 110 ? 
1 A DC 7  1_555 C DG 10 1_555 A DC 8  1_555 C DG 9  1_555 -0.020 -1.019 3.388 -3.638 3.055  42.043 -1.733 -0.353 3.300 4.242  
5.051  42.299 5  AA_DC107DC108:DG109DG110_CC A 107 ? C 110 ? A 108 ? C 109 ? 
1 A DC 8  1_555 C DG 9  1_555 A DT 9  1_555 B DA 3  1_555 -1.472 -1.363 3.496 -1.295 0.006  18.713 -4.184 3.771  3.588 0.019  
3.978  18.758 6  AA_DC108DT109:DA107DG109_BC A 108 ? C 109 ? A 109 ? B 107 ? 
1 A DT 9  1_555 B DA 3  1_555 A DG 10 1_555 B DC 2  1_555 -0.260 -0.072 3.459 1.171  2.640  25.911 -0.921 0.914  3.419 5.864  
-2.601 26.068 7  AA_DT109DG110:DC106DA107_BB A 109 ? B 107 ? A 110 ? B 106 ? 
1 A DG 10 1_555 B DC 2  1_555 A DT 11 1_555 B DA 1  1_555 -0.221 0.708  3.250 2.281  4.015  33.598 0.567  0.747  3.288 6.905  
-3.922 33.905 8  AA_DG110DT111:DA105DC106_BB A 110 ? B 106 ? A 111 ? B 105 ? 
1 C DT 3  1_555 D DA 9  1_555 C DG 4  1_555 D DC 8  1_555 0.468  -0.079 3.569 -7.524 3.831  38.543 -0.606 -1.652 3.399 5.721  
11.234 39.423 9  CC_DT103DG104:DC120DA121_DD C 103 ? D 121 ? C 104 ? D 120 ? 
1 C DG 4  1_555 D DC 8  1_555 C DA 5  1_555 D DT 7  1_555 -0.013 -0.570 3.304 -3.052 -2.654 37.086 -0.534 -0.390 3.326 -4.158 
4.781  37.298 10 CC_DG104DA105:DT119DC120_DD C 104 ? D 120 ? C 105 ? D 119 ? 
1 C DA 5  1_555 D DT 7  1_555 C DT 6  1_555 D DA 6  1_555 -0.122 -0.320 3.500 -1.336 -3.393 31.327 0.091  -0.042 3.516 -6.257 
2.463  31.533 11 CC_DA105DT106:DA118DT119_DD C 105 ? D 119 ? C 106 ? D 118 ? 
1 C DT 6  1_555 D DA 6  1_555 C DG 7  1_555 D DC 5  1_555 0.127  0.406  3.231 -0.599 -3.823 45.666 0.848  -0.215 3.187 -4.916 
0.770  45.821 12 CC_DT106DG107:DC117DA118_DD C 106 ? D 118 ? C 107 ? D 117 ? 
1 C DG 7  1_555 D DC 5  1_555 C DT 8  1_555 D DA 4  1_555 -0.090 -0.438 3.287 3.233  1.904  24.587 -1.589 1.179  3.207 4.439  
-7.535 24.867 13 CC_DG107DT108:DA116DC117_DD C 107 ? D 117 ? C 108 ? D 116 ? 
1 C DT 8  1_555 D DA 4  1_555 B DC 4  1_555 D DG 3  1_555 0.747  0.030  3.293 1.878  -3.827 29.296 0.879  -1.061 3.303 -7.517 
-3.689 29.598 14 CB_DT108DC111:DG115DA116_DD C 108 ? D 116 ? B 111 ? D 115 ? 
1 B DC 4  1_555 D DG 3  1_555 B DC 5  1_555 D DG 2  1_555 0.047  1.311  3.439 4.937  4.756  42.863 1.278  0.452  3.542 6.458  
-6.704 43.382 15 BB_DC111DC112:DG114DG115_DD B 111 ? D 115 ? B 112 ? D 114 ? 
1 B DC 5  1_555 D DG 2  1_555 B DG 6  1_555 D DC 1  1_555 -0.235 2.410  3.509 0.351  -0.082 42.770 3.313  0.360  3.503 -0.112 
-0.481 42.772 16 BB_DC112DG113:DC113DG114_DD B 112 ? D 114 ? B 113 ? D 113 ? 
# 
loop_
_pdbx_audit_support.funding_organization 
_pdbx_audit_support.country 
_pdbx_audit_support.grant_number 
_pdbx_audit_support.ordinal 
'Office of Naval Research (ONR)'                                 'United States' N000141912596                      1 
'Department of Energy (DOE, United States)'                      'United States' DE-SC0007991                       2 
'National Science Foundation (NSF, United States)'               'United States' 2106790                            3 
'Human Frontier Science Program (HFSP)'                          France          RPG0010/2017                       4 
'National Science Foundation (NSF, United States)'               'United States' DMR-1420073                        5 
'National Aeronautic Space Administration (NASA, United States)' 'United States' '2020 NASA Center Innovation Fund' 6 
# 
_pdbx_initial_refinement_model.id               1 
_pdbx_initial_refinement_model.entity_id_list   ? 
_pdbx_initial_refinement_model.type             'experimental model' 
_pdbx_initial_refinement_model.source_name      PDB 
_pdbx_initial_refinement_model.accession_code   3GBI 
_pdbx_initial_refinement_model.details          'PDB entry 3GBI' 
# 
_pdbx_struct_assembly_auth_evidence.id                     1 
_pdbx_struct_assembly_auth_evidence.assembly_id            1 
_pdbx_struct_assembly_auth_evidence.experimental_support   'native gel electrophoresis' 
_pdbx_struct_assembly_auth_evidence.details                ? 
# 
_space_group.name_H-M_alt     'R 3 :H' 
_space_group.name_Hall        'R 3' 
_space_group.IT_number        146 
_space_group.crystal_system   trigonal 
_space_group.id               1 
# 
